data_3FM9
# 
_entry.id   3FM9 
# 
_audit_conform.dict_name       mmcif_pdbx.dic 
_audit_conform.dict_version    5.378 
_audit_conform.dict_location   http://mmcif.pdb.org/dictionaries/ascii/mmcif_pdbx.dic 
# 
loop_
_database_2.database_id 
_database_2.database_code 
_database_2.pdbx_database_accession 
_database_2.pdbx_DOI 
PDB   3FM9         pdb_00003fm9 10.2210/pdb3fm9/pdb 
RCSB  RCSB050763   ?            ?                   
WWPDB D_1000050763 ?            ?                   
# 
loop_
_pdbx_database_related.db_name 
_pdbx_database_related.db_id 
_pdbx_database_related.details 
_pdbx_database_related.content_type 
PDB 1oo8 . unspecified 
PDB 1lvh . unspecified 
# 
_pdbx_database_status.entry_id                        3FM9 
_pdbx_database_status.deposit_site                    RCSB 
_pdbx_database_status.process_site                    RCSB 
_pdbx_database_status.recvd_initial_deposition_date   2008-12-19 
_pdbx_database_status.status_code                     REL 
_pdbx_database_status.status_code_sf                  REL 
_pdbx_database_status.status_code_mr                  ? 
_pdbx_database_status.SG_entry                        ? 
_pdbx_database_status.pdb_format_compatible           Y 
_pdbx_database_status.status_code_cs                  ? 
_pdbx_database_status.status_code_nmr_data            ? 
_pdbx_database_status.methods_development_category    ? 
# 
loop_
_audit_author.name 
_audit_author.pdbx_ordinal 
'Finci, L.'   1 
'Lahiri, S.'  2 
'Peisach, E.' 3 
'Allen, K.N.' 4 
# 
loop_
_citation.id 
_citation.title 
_citation.journal_abbrev 
_citation.journal_volume 
_citation.page_first 
_citation.page_last 
_citation.year 
_citation.journal_id_ASTM 
_citation.country 
_citation.journal_id_ISSN 
_citation.journal_id_CSD 
_citation.book_publisher 
_citation.pdbx_database_id_PubMed 
_citation.pdbx_database_id_DOI 
primary 
;Analysis of the structural determinants underlying discrimination between substrate and solvent in beta-phosphoglucomutase catalysis.
;
Biochemistry 48  1984 1995 2009 BICHAW US 0006-2960 0033 ? 19154134 10.1021/bi801653r 
1       'The pentacovalent phosphorous intermediate of a phosphoryl transfer reaction' Science      299 2067 2071 2003 SCIEAS US 
0036-8075 0038 ? 12637673 ?                 
# 
loop_
_citation_author.citation_id 
_citation_author.name 
_citation_author.ordinal 
_citation_author.identifier_ORCID 
primary 'Dai, J.'             1  ? 
primary 'Finci, L.'           2  ? 
primary 'Zhang, C.'           3  ? 
primary 'Lahiri, S.'          4  ? 
primary 'Zhang, G.'           5  ? 
primary 'Peisach, E.'         6  ? 
primary 'Allen, K.N.'         7  ? 
primary 'Dunaway-Mariano, D.' 8  ? 
1       'Lahiri, S.D.'        9  ? 
1       'Zhang, G.'           10 ? 
1       'Dunaway-Mariano, D.' 11 ? 
1       'Allen, K.N.'         12 ? 
# 
_cell.entry_id           3FM9 
_cell.length_a           54.478 
_cell.length_b           57.656 
_cell.length_c           77.899 
_cell.angle_alpha        90.000 
_cell.angle_beta         90.000 
_cell.angle_gamma        90.000 
_cell.pdbx_unique_axis   ? 
_cell.Z_PDB              4 
_cell.length_a_esd       ? 
_cell.length_b_esd       ? 
_cell.length_c_esd       ? 
_cell.angle_alpha_esd    ? 
_cell.angle_beta_esd     ? 
_cell.angle_gamma_esd    ? 
# 
_symmetry.entry_id                         3FM9 
_symmetry.space_group_name_H-M             'P 21 21 21' 
_symmetry.Int_Tables_number                19 
_symmetry.pdbx_full_space_group_name_H-M   ? 
_symmetry.cell_setting                     ? 
_symmetry.space_group_name_Hall            ? 
# 
loop_
_entity.id 
_entity.type 
_entity.src_method 
_entity.pdbx_description 
_entity.formula_weight 
_entity.pdbx_number_of_molecules 
_entity.pdbx_ec 
_entity.pdbx_mutation 
_entity.pdbx_fragment 
_entity.details 
1 polymer     man Beta-phosphoglucomutase 24235.605 1  5.4.2.6 T16P ? ? 
2 non-polymer syn 'MAGNESIUM ION'         24.305    1  ?       ?    ? ? 
3 water       nat water                   18.015    62 ?       ?    ? ? 
# 
_entity_name_com.entity_id   1 
_entity_name_com.name        Beta-PGM 
# 
_entity_poly.entity_id                      1 
_entity_poly.type                           'polypeptide(L)' 
_entity_poly.nstd_linkage                   no 
_entity_poly.nstd_monomer                   no 
_entity_poly.pdbx_seq_one_letter_code       
;MFKAVLFDLDGVITDPAEYHFRAWKALAEEIGINGVDRQFNEQLKGVSREDSLQKILDLADKKVSAEEFKELAKRKNDNY
VKMIQDVSPADVYPGILQLLKDLRSNKIKIALASASKNGPFLLERMNLTGYFDAIADPAEVAASKPAPDIFIAAAHAVGV
APSESIGLEDSQAGIQAIKDSGALPIGVGRPEDLGDDIVIVPDTSHYTLEFLKEVWLQKQK
;
_entity_poly.pdbx_seq_one_letter_code_can   
;MFKAVLFDLDGVITDPAEYHFRAWKALAEEIGINGVDRQFNEQLKGVSREDSLQKILDLADKKVSAEEFKELAKRKNDNY
VKMIQDVSPADVYPGILQLLKDLRSNKIKIALASASKNGPFLLERMNLTGYFDAIADPAEVAASKPAPDIFIAAAHAVGV
APSESIGLEDSQAGIQAIKDSGALPIGVGRPEDLGDDIVIVPDTSHYTLEFLKEVWLQKQK
;
_entity_poly.pdbx_strand_id                 A 
_entity_poly.pdbx_target_identifier         ? 
# 
loop_
_entity_poly_seq.entity_id 
_entity_poly_seq.num 
_entity_poly_seq.mon_id 
_entity_poly_seq.hetero 
1 1   MET n 
1 2   PHE n 
1 3   LYS n 
1 4   ALA n 
1 5   VAL n 
1 6   LEU n 
1 7   PHE n 
1 8   ASP n 
1 9   LEU n 
1 10  ASP n 
1 11  GLY n 
1 12  VAL n 
1 13  ILE n 
1 14  THR n 
1 15  ASP n 
1 16  PRO n 
1 17  ALA n 
1 18  GLU n 
1 19  TYR n 
1 20  HIS n 
1 21  PHE n 
1 22  ARG n 
1 23  ALA n 
1 24  TRP n 
1 25  LYS n 
1 26  ALA n 
1 27  LEU n 
1 28  ALA n 
1 29  GLU n 
1 30  GLU n 
1 31  ILE n 
1 32  GLY n 
1 33  ILE n 
1 34  ASN n 
1 35  GLY n 
1 36  VAL n 
1 37  ASP n 
1 38  ARG n 
1 39  GLN n 
1 40  PHE n 
1 41  ASN n 
1 42  GLU n 
1 43  GLN n 
1 44  LEU n 
1 45  LYS n 
1 46  GLY n 
1 47  VAL n 
1 48  SER n 
1 49  ARG n 
1 50  GLU n 
1 51  ASP n 
1 52  SER n 
1 53  LEU n 
1 54  GLN n 
1 55  LYS n 
1 56  ILE n 
1 57  LEU n 
1 58  ASP n 
1 59  LEU n 
1 60  ALA n 
1 61  ASP n 
1 62  LYS n 
1 63  LYS n 
1 64  VAL n 
1 65  SER n 
1 66  ALA n 
1 67  GLU n 
1 68  GLU n 
1 69  PHE n 
1 70  LYS n 
1 71  GLU n 
1 72  LEU n 
1 73  ALA n 
1 74  LYS n 
1 75  ARG n 
1 76  LYS n 
1 77  ASN n 
1 78  ASP n 
1 79  ASN n 
1 80  TYR n 
1 81  VAL n 
1 82  LYS n 
1 83  MET n 
1 84  ILE n 
1 85  GLN n 
1 86  ASP n 
1 87  VAL n 
1 88  SER n 
1 89  PRO n 
1 90  ALA n 
1 91  ASP n 
1 92  VAL n 
1 93  TYR n 
1 94  PRO n 
1 95  GLY n 
1 96  ILE n 
1 97  LEU n 
1 98  GLN n 
1 99  LEU n 
1 100 LEU n 
1 101 LYS n 
1 102 ASP n 
1 103 LEU n 
1 104 ARG n 
1 105 SER n 
1 106 ASN n 
1 107 LYS n 
1 108 ILE n 
1 109 LYS n 
1 110 ILE n 
1 111 ALA n 
1 112 LEU n 
1 113 ALA n 
1 114 SER n 
1 115 ALA n 
1 116 SER n 
1 117 LYS n 
1 118 ASN n 
1 119 GLY n 
1 120 PRO n 
1 121 PHE n 
1 122 LEU n 
1 123 LEU n 
1 124 GLU n 
1 125 ARG n 
1 126 MET n 
1 127 ASN n 
1 128 LEU n 
1 129 THR n 
1 130 GLY n 
1 131 TYR n 
1 132 PHE n 
1 133 ASP n 
1 134 ALA n 
1 135 ILE n 
1 136 ALA n 
1 137 ASP n 
1 138 PRO n 
1 139 ALA n 
1 140 GLU n 
1 141 VAL n 
1 142 ALA n 
1 143 ALA n 
1 144 SER n 
1 145 LYS n 
1 146 PRO n 
1 147 ALA n 
1 148 PRO n 
1 149 ASP n 
1 150 ILE n 
1 151 PHE n 
1 152 ILE n 
1 153 ALA n 
1 154 ALA n 
1 155 ALA n 
1 156 HIS n 
1 157 ALA n 
1 158 VAL n 
1 159 GLY n 
1 160 VAL n 
1 161 ALA n 
1 162 PRO n 
1 163 SER n 
1 164 GLU n 
1 165 SER n 
1 166 ILE n 
1 167 GLY n 
1 168 LEU n 
1 169 GLU n 
1 170 ASP n 
1 171 SER n 
1 172 GLN n 
1 173 ALA n 
1 174 GLY n 
1 175 ILE n 
1 176 GLN n 
1 177 ALA n 
1 178 ILE n 
1 179 LYS n 
1 180 ASP n 
1 181 SER n 
1 182 GLY n 
1 183 ALA n 
1 184 LEU n 
1 185 PRO n 
1 186 ILE n 
1 187 GLY n 
1 188 VAL n 
1 189 GLY n 
1 190 ARG n 
1 191 PRO n 
1 192 GLU n 
1 193 ASP n 
1 194 LEU n 
1 195 GLY n 
1 196 ASP n 
1 197 ASP n 
1 198 ILE n 
1 199 VAL n 
1 200 ILE n 
1 201 VAL n 
1 202 PRO n 
1 203 ASP n 
1 204 THR n 
1 205 SER n 
1 206 HIS n 
1 207 TYR n 
1 208 THR n 
1 209 LEU n 
1 210 GLU n 
1 211 PHE n 
1 212 LEU n 
1 213 LYS n 
1 214 GLU n 
1 215 VAL n 
1 216 TRP n 
1 217 LEU n 
1 218 GLN n 
1 219 LYS n 
1 220 GLN n 
1 221 LYS n 
# 
_entity_src_gen.entity_id                          1 
_entity_src_gen.pdbx_src_id                        1 
_entity_src_gen.pdbx_alt_source_flag               sample 
_entity_src_gen.pdbx_seq_type                      ? 
_entity_src_gen.pdbx_beg_seq_num                   ? 
_entity_src_gen.pdbx_end_seq_num                   ? 
_entity_src_gen.gene_src_common_name               'Streptococcus lactis' 
_entity_src_gen.gene_src_genus                     ? 
_entity_src_gen.pdbx_gene_src_gene                 'L0001, LL0429, pgmB' 
_entity_src_gen.gene_src_species                   ? 
_entity_src_gen.gene_src_strain                    ? 
_entity_src_gen.gene_src_tissue                    ? 
_entity_src_gen.gene_src_tissue_fraction           ? 
_entity_src_gen.gene_src_details                   ? 
_entity_src_gen.pdbx_gene_src_fragment             ? 
_entity_src_gen.pdbx_gene_src_scientific_name      'Lactococcus lactis subsp. lactis' 
_entity_src_gen.pdbx_gene_src_ncbi_taxonomy_id     1360 
_entity_src_gen.pdbx_gene_src_variant              ? 
_entity_src_gen.pdbx_gene_src_cell_line            ? 
_entity_src_gen.pdbx_gene_src_atcc                 ? 
_entity_src_gen.pdbx_gene_src_organ                ? 
_entity_src_gen.pdbx_gene_src_organelle            ? 
_entity_src_gen.pdbx_gene_src_cell                 ? 
_entity_src_gen.pdbx_gene_src_cellular_location    ? 
_entity_src_gen.host_org_common_name               ? 
_entity_src_gen.pdbx_host_org_scientific_name      'Escherichia coli' 
_entity_src_gen.pdbx_host_org_ncbi_taxonomy_id     562 
_entity_src_gen.host_org_genus                     ? 
_entity_src_gen.pdbx_host_org_gene                 ? 
_entity_src_gen.pdbx_host_org_organ                ? 
_entity_src_gen.host_org_species                   ? 
_entity_src_gen.pdbx_host_org_tissue               ? 
_entity_src_gen.pdbx_host_org_tissue_fraction      ? 
_entity_src_gen.pdbx_host_org_strain               'BL21(DE3)' 
_entity_src_gen.pdbx_host_org_variant              ? 
_entity_src_gen.pdbx_host_org_cell_line            ? 
_entity_src_gen.pdbx_host_org_atcc                 ? 
_entity_src_gen.pdbx_host_org_culture_collection   ? 
_entity_src_gen.pdbx_host_org_cell                 ? 
_entity_src_gen.pdbx_host_org_organelle            ? 
_entity_src_gen.pdbx_host_org_cellular_location    ? 
_entity_src_gen.pdbx_host_org_vector_type          plasmid 
_entity_src_gen.pdbx_host_org_vector               ? 
_entity_src_gen.host_org_details                   ? 
_entity_src_gen.expression_system_id               ? 
_entity_src_gen.plasmid_name                       pET3a 
_entity_src_gen.plasmid_details                    ? 
_entity_src_gen.pdbx_description                   ? 
# 
_struct_ref.id                         1 
_struct_ref.db_name                    UNP 
_struct_ref.db_code                    PGMB_LACLA 
_struct_ref.pdbx_db_accession          P71447 
_struct_ref.entity_id                  1 
_struct_ref.pdbx_seq_one_letter_code   
;MFKAVLFDLDGVITDTAEYHFRAWKALAEEIGINGVDRQFNEQLKGVSREDSLQKILDLADKKVSAEEFKELAKRKNDNY
VKMIQDVSPADVYPGILQLLKDLRSNKIKIALASASKNGPFLLEKMNLTGYFDAIADPAEVAASKPAPDIFIAAAHAVGV
APSESIGLEDSQAGIQAIKDSGALPIGVGRPEDLGDDIVIVPDTSYYTLEFLKEVWLQKQK
;
_struct_ref.pdbx_align_begin           1 
_struct_ref.pdbx_db_isoform            ? 
# 
_struct_ref_seq.align_id                      1 
_struct_ref_seq.ref_id                        1 
_struct_ref_seq.pdbx_PDB_id_code              3FM9 
_struct_ref_seq.pdbx_strand_id                A 
_struct_ref_seq.seq_align_beg                 1 
_struct_ref_seq.pdbx_seq_align_beg_ins_code   ? 
_struct_ref_seq.seq_align_end                 221 
_struct_ref_seq.pdbx_seq_align_end_ins_code   ? 
_struct_ref_seq.pdbx_db_accession             P71447 
_struct_ref_seq.db_align_beg                  1 
_struct_ref_seq.pdbx_db_align_beg_ins_code    ? 
_struct_ref_seq.db_align_end                  221 
_struct_ref_seq.pdbx_db_align_end_ins_code    ? 
_struct_ref_seq.pdbx_auth_seq_align_beg       1 
_struct_ref_seq.pdbx_auth_seq_align_end       221 
# 
loop_
_struct_ref_seq_dif.align_id 
_struct_ref_seq_dif.pdbx_pdb_id_code 
_struct_ref_seq_dif.mon_id 
_struct_ref_seq_dif.pdbx_pdb_strand_id 
_struct_ref_seq_dif.seq_num 
_struct_ref_seq_dif.pdbx_pdb_ins_code 
_struct_ref_seq_dif.pdbx_seq_db_name 
_struct_ref_seq_dif.pdbx_seq_db_accession_code 
_struct_ref_seq_dif.db_mon_id 
_struct_ref_seq_dif.pdbx_seq_db_seq_num 
_struct_ref_seq_dif.details 
_struct_ref_seq_dif.pdbx_auth_seq_num 
_struct_ref_seq_dif.pdbx_ordinal 
1 3FM9 PRO A 16  ? UNP P71447 THR 16  'engineered mutation' 16  1 
1 3FM9 ARG A 125 ? UNP P71447 LYS 125 variant               125 2 
1 3FM9 HIS A 206 ? UNP P71447 TYR 206 variant               206 3 
# 
loop_
_chem_comp.id 
_chem_comp.type 
_chem_comp.mon_nstd_flag 
_chem_comp.name 
_chem_comp.pdbx_synonyms 
_chem_comp.formula 
_chem_comp.formula_weight 
ALA 'L-peptide linking' y ALANINE         ? 'C3 H7 N O2'     89.093  
ARG 'L-peptide linking' y ARGININE        ? 'C6 H15 N4 O2 1' 175.209 
ASN 'L-peptide linking' y ASPARAGINE      ? 'C4 H8 N2 O3'    132.118 
ASP 'L-peptide linking' y 'ASPARTIC ACID' ? 'C4 H7 N O4'     133.103 
GLN 'L-peptide linking' y GLUTAMINE       ? 'C5 H10 N2 O3'   146.144 
GLU 'L-peptide linking' y 'GLUTAMIC ACID' ? 'C5 H9 N O4'     147.129 
GLY 'peptide linking'   y GLYCINE         ? 'C2 H5 N O2'     75.067  
HIS 'L-peptide linking' y HISTIDINE       ? 'C6 H10 N3 O2 1' 156.162 
HOH non-polymer         . WATER           ? 'H2 O'           18.015  
ILE 'L-peptide linking' y ISOLEUCINE      ? 'C6 H13 N O2'    131.173 
LEU 'L-peptide linking' y LEUCINE         ? 'C6 H13 N O2'    131.173 
LYS 'L-peptide linking' y LYSINE          ? 'C6 H15 N2 O2 1' 147.195 
MET 'L-peptide linking' y METHIONINE      ? 'C5 H11 N O2 S'  149.211 
MG  non-polymer         . 'MAGNESIUM ION' ? 'Mg 2'           24.305  
PHE 'L-peptide linking' y PHENYLALANINE   ? 'C9 H11 N O2'    165.189 
PRO 'L-peptide linking' y PROLINE         ? 'C5 H9 N O2'     115.130 
SER 'L-peptide linking' y SERINE          ? 'C3 H7 N O3'     105.093 
THR 'L-peptide linking' y THREONINE       ? 'C4 H9 N O3'     119.119 
TRP 'L-peptide linking' y TRYPTOPHAN      ? 'C11 H12 N2 O2'  204.225 
TYR 'L-peptide linking' y TYROSINE        ? 'C9 H11 N O3'    181.189 
VAL 'L-peptide linking' y VALINE          ? 'C5 H11 N O2'    117.146 
# 
_exptl.crystals_number   1 
_exptl.entry_id          3FM9 
_exptl.method            'X-RAY DIFFRACTION' 
# 
_exptl_crystal.id                    1 
_exptl_crystal.density_percent_sol   51.2 
_exptl_crystal.density_Matthews      2.5 
_exptl_crystal.density_meas          ? 
_exptl_crystal.description           ? 
_exptl_crystal.F_000                 ? 
_exptl_crystal.preparation           ? 
# 
_exptl_crystal_grow.crystal_id      1 
_exptl_crystal_grow.method          'VAPOR DIFFUSION, HANGING DROP' 
_exptl_crystal_grow.pH              7.5 
_exptl_crystal_grow.temp            298 
_exptl_crystal_grow.pdbx_details    
'0.001M DTT, 0.01M MgCl2, 25% PEG 3350, 0.2M NaCl, 0.1M bisTris pH 6.0, vapor diffusion, hanging drop, temperature 298K' 
_exptl_crystal_grow.temp_details    ? 
_exptl_crystal_grow.pdbx_pH_range   ? 
# 
_diffrn.id                     1 
_diffrn.ambient_temp           100 
_diffrn.ambient_temp_details   ? 
_diffrn.crystal_id             1 
# 
_diffrn_detector.diffrn_id              1 
_diffrn_detector.detector               CCD 
_diffrn_detector.type                   'ADSC QUANTUM 210' 
_diffrn_detector.pdbx_collection_date   2007-09-12 
_diffrn_detector.details                ? 
# 
_diffrn_radiation.diffrn_id                        1 
_diffrn_radiation.pdbx_diffrn_protocol             'SINGLE WAVELENGTH' 
_diffrn_radiation.monochromator                    'Si(III)' 
_diffrn_radiation.wavelength_id                    1 
_diffrn_radiation.pdbx_monochromatic_or_laue_m_l   M 
_diffrn_radiation.pdbx_scattering_type             x-ray 
# 
_diffrn_radiation_wavelength.id           1 
_diffrn_radiation_wavelength.wavelength   1.000 
_diffrn_radiation_wavelength.wt           1.0 
# 
_diffrn_source.diffrn_id                   1 
_diffrn_source.source                      SYNCHROTRON 
_diffrn_source.type                        'NSLS BEAMLINE X12C' 
_diffrn_source.pdbx_wavelength_list        1.000 
_diffrn_source.pdbx_wavelength             ? 
_diffrn_source.pdbx_synchrotron_site       NSLS 
_diffrn_source.pdbx_synchrotron_beamline   X12C 
# 
_reflns.entry_id                     3FM9 
_reflns.d_resolution_high            2.700 
_reflns.d_resolution_low             50.000 
_reflns.number_obs                   7122 
_reflns.pdbx_Rmerge_I_obs            0.151 
_reflns.pdbx_netI_over_sigmaI        7.100 
_reflns.pdbx_chi_squared             1.547 
_reflns.pdbx_redundancy              5.500 
_reflns.percent_possible_obs         99.300 
_reflns.observed_criterion_sigma_F   ? 
_reflns.observed_criterion_sigma_I   0.0 
_reflns.number_all                   ? 
_reflns.pdbx_Rsym_value              ? 
_reflns.B_iso_Wilson_estimate        ? 
_reflns.R_free_details               ? 
_reflns.limit_h_max                  ? 
_reflns.limit_h_min                  ? 
_reflns.limit_k_max                  ? 
_reflns.limit_k_min                  ? 
_reflns.limit_l_max                  ? 
_reflns.limit_l_min                  ? 
_reflns.observed_criterion_F_max     ? 
_reflns.observed_criterion_F_min     ? 
_reflns.pdbx_scaling_rejects         ? 
_reflns.pdbx_diffrn_id               1 
_reflns.pdbx_ordinal                 1 
# 
loop_
_reflns_shell.d_res_high 
_reflns_shell.d_res_low 
_reflns_shell.number_measured_obs 
_reflns_shell.number_measured_all 
_reflns_shell.number_unique_obs 
_reflns_shell.Rmerge_I_obs 
_reflns_shell.meanI_over_sigI_obs 
_reflns_shell.pdbx_Rsym_value 
_reflns_shell.pdbx_chi_squared 
_reflns_shell.pdbx_redundancy 
_reflns_shell.percent_possible_obs 
_reflns_shell.number_unique_all 
_reflns_shell.percent_possible_all 
_reflns_shell.pdbx_diffrn_id 
_reflns_shell.pdbx_ordinal 
2.70 2.80  ? ? ? 0.561 ? ? 1.023 5.40 ? 700 99.20 ? 1  
2.80 2.91  ? ? ? 0.407 ? ? 1.084 5.50 ? 695 99.70 ? 2  
2.91 3.04  ? ? ? 0.330 ? ? 1.290 5.70 ? 700 99.20 ? 3  
3.04 3.20  ? ? ? 0.271 ? ? 1.341 5.60 ? 689 99.70 ? 4  
3.20 3.40  ? ? ? 0.195 ? ? 1.474 5.70 ? 711 99.70 ? 5  
3.40 3.66  ? ? ? 0.158 ? ? 1.543 5.60 ? 692 99.40 ? 6  
3.66 4.03  ? ? ? 0.128 ? ? 1.673 5.60 ? 705 99.30 ? 7  
4.03 4.62  ? ? ? 0.111 ? ? 1.966 5.50 ? 727 99.90 ? 8  
4.62 5.81  ? ? ? 0.105 ? ? 1.924 5.50 ? 726 99.50 ? 9  
5.81 50.00 ? ? ? 0.091 ? ? 2.151 5.00 ? 777 97.90 ? 10 
# 
_refine.entry_id                                 3FM9 
_refine.ls_d_res_high                            2.700 
_refine.ls_d_res_low                             39.598 
_refine.ls_percent_reflns_obs                    94.980 
_refine.ls_number_reflns_obs                     7122 
_refine.ls_R_factor_obs                          0.216 
_refine.ls_R_factor_R_work                       0.208 
_refine.ls_R_factor_R_free                       0.280 
_refine.ls_percent_reflns_R_free                 10.000 
_refine.ls_number_reflns_R_free                  678 
_refine.B_iso_mean                               32.560 
_refine.solvent_model_param_bsol                 22.428 
_refine.solvent_model_param_ksol                 0.322 
_refine.aniso_B[1][1]                            -4.927 
_refine.aniso_B[2][2]                            -2.746 
_refine.aniso_B[3][3]                            7.673 
_refine.aniso_B[1][2]                            0.000 
_refine.aniso_B[1][3]                            0.000 
_refine.aniso_B[2][3]                            -0.000 
_refine.solvent_model_details                    'FLAT BULK SOLVENT MODEL' 
_refine.pdbx_solvent_shrinkage_radii             0.900 
_refine.pdbx_method_to_determine_struct          'MR, MR' 
_refine.pdbx_stereochemistry_target_values       ML 
_refine.overall_FOM_work_R_set                   0.783 
_refine.B_iso_max                                86.790 
_refine.B_iso_min                                8.740 
_refine.pdbx_ls_sigma_F                          ? 
_refine.pdbx_ls_sigma_I                          0.0 
_refine.ls_number_reflns_all                     7456 
_refine.ls_R_factor_all                          ? 
_refine.ls_redundancy_reflns_obs                 ? 
_refine.pdbx_data_cutoff_high_absF               ? 
_refine.pdbx_data_cutoff_low_absF                ? 
_refine.ls_number_parameters                     ? 
_refine.ls_number_restraints                     ? 
_refine.ls_R_factor_R_free_error                 ? 
_refine.ls_R_factor_R_free_error_details         ? 
_refine.pdbx_starting_model                      'PDB ENTRY 1ZOL' 
_refine.pdbx_ls_cross_valid_method               THROUGHOUT 
_refine.pdbx_R_Free_selection_details            random 
_refine.pdbx_stereochem_target_val_spec_case     ? 
_refine.occupancy_max                            ? 
_refine.occupancy_min                            ? 
_refine.pdbx_isotropic_thermal_model             ? 
_refine.details                                  ? 
_refine.correlation_coeff_Fo_to_Fc               ? 
_refine.correlation_coeff_Fo_to_Fc_free          ? 
_refine.pdbx_solvent_vdw_probe_radii             ? 
_refine.pdbx_solvent_ion_probe_radii             ? 
_refine.overall_SU_R_Cruickshank_DPI             ? 
_refine.overall_SU_R_free                        ? 
_refine.overall_SU_ML                            ? 
_refine.overall_SU_B                             ? 
_refine.pdbx_overall_ESU_R_Free                  ? 
_refine.pdbx_data_cutoff_high_rms_absF           ? 
_refine.pdbx_overall_ESU_R                       ? 
_refine.ls_wR_factor_R_free                      ? 
_refine.ls_wR_factor_R_work                      ? 
_refine.overall_FOM_free_R_set                   ? 
_refine.pdbx_overall_phase_error                 ? 
_refine.pdbx_refine_id                           'X-RAY DIFFRACTION' 
_refine.pdbx_diffrn_id                           1 
_refine.pdbx_TLS_residual_ADP_flag               ? 
_refine.pdbx_overall_SU_R_free_Cruickshank_DPI   ? 
_refine.pdbx_overall_SU_R_Blow_DPI               ? 
_refine.pdbx_overall_SU_R_free_Blow_DPI          ? 
# 
_refine_hist.pdbx_refine_id                   'X-RAY DIFFRACTION' 
_refine_hist.cycle_id                         LAST 
_refine_hist.pdbx_number_atoms_protein        1706 
_refine_hist.pdbx_number_atoms_nucleic_acid   0 
_refine_hist.pdbx_number_atoms_ligand         1 
_refine_hist.number_atoms_solvent             62 
_refine_hist.number_atoms_total               1769 
_refine_hist.d_res_high                       2.700 
_refine_hist.d_res_low                        39.598 
# 
loop_
_refine_ls_restr.type 
_refine_ls_restr.dev_ideal 
_refine_ls_restr.dev_ideal_target 
_refine_ls_restr.number 
_refine_ls_restr.weight 
_refine_ls_restr.pdbx_refine_id 
_refine_ls_restr.pdbx_restraint_function 
f_bond_d    0.008 ? ? ? 'X-RAY DIFFRACTION' ? 
f_angle_deg 1.030 ? ? ? 'X-RAY DIFFRACTION' ? 
# 
_struct.entry_id                  3FM9 
_struct.title                     
;Analysis of the Structural Determinants Underlying Discrimination between Substrate and Solvent in beta-Phosphoglucomutase Catalysis
;
_struct.pdbx_model_details        ? 
_struct.pdbx_CASP_flag            ? 
_struct.pdbx_model_type_details   ? 
# 
_struct_keywords.entry_id        3FM9 
_struct_keywords.text            'HAD superfamily, phosphoaspartate, induced fit, domain movement, Isomerase' 
_struct_keywords.pdbx_keywords   ISOMERASE 
# 
loop_
_struct_asym.id 
_struct_asym.pdbx_blank_PDB_chainid_flag 
_struct_asym.pdbx_modified 
_struct_asym.entity_id 
_struct_asym.details 
A N N 1 ? 
B N N 2 ? 
C N N 3 ? 
# 
_struct_biol.id        1 
_struct_biol.details   ? 
# 
loop_
_struct_conf.conf_type_id 
_struct_conf.id 
_struct_conf.pdbx_PDB_helix_id 
_struct_conf.beg_label_comp_id 
_struct_conf.beg_label_asym_id 
_struct_conf.beg_label_seq_id 
_struct_conf.pdbx_beg_PDB_ins_code 
_struct_conf.end_label_comp_id 
_struct_conf.end_label_asym_id 
_struct_conf.end_label_seq_id 
_struct_conf.pdbx_end_PDB_ins_code 
_struct_conf.beg_auth_comp_id 
_struct_conf.beg_auth_asym_id 
_struct_conf.beg_auth_seq_id 
_struct_conf.end_auth_comp_id 
_struct_conf.end_auth_asym_id 
_struct_conf.end_auth_seq_id 
_struct_conf.pdbx_PDB_helix_class 
_struct_conf.details 
_struct_conf.pdbx_PDB_helix_length 
HELX_P HELX_P1  1  PRO A 16  ? ILE A 31  ? PRO A 16  ILE A 31  1 ? 16 
HELX_P HELX_P2  2  ASP A 37  ? GLN A 43  ? ASP A 37  GLN A 43  1 ? 7  
HELX_P HELX_P3  3  SER A 48  ? LEU A 59  ? SER A 48  LEU A 59  1 ? 12 
HELX_P HELX_P4  4  SER A 65  ? ILE A 84  ? SER A 65  ILE A 84  1 ? 20 
HELX_P HELX_P5  5  GLN A 85  ? VAL A 87  ? GLN A 85  VAL A 87  5 ? 3  
HELX_P HELX_P6  6  SER A 88  ? VAL A 92  ? SER A 88  VAL A 92  5 ? 5  
HELX_P HELX_P7  7  GLY A 95  ? ASN A 106 ? GLY A 95  ASN A 106 1 ? 12 
HELX_P HELX_P8  8  ASN A 118 ? MET A 126 ? ASN A 118 MET A 126 1 ? 9  
HELX_P HELX_P9  9  ASN A 127 ? PHE A 132 ? ASN A 127 PHE A 132 5 ? 6  
HELX_P HELX_P10 10 PRO A 148 ? VAL A 158 ? PRO A 148 VAL A 158 1 ? 11 
HELX_P HELX_P11 11 ALA A 161 ? SER A 163 ? ALA A 161 SER A 163 5 ? 3  
HELX_P HELX_P12 12 SER A 171 ? GLY A 182 ? SER A 171 GLY A 182 1 ? 12 
HELX_P HELX_P13 13 ARG A 190 ? GLY A 195 ? ARG A 190 GLY A 195 1 ? 6  
HELX_P HELX_P14 14 ASP A 203 ? TYR A 207 ? ASP A 203 TYR A 207 5 ? 5  
HELX_P HELX_P15 15 THR A 208 ? LYS A 219 ? THR A 208 LYS A 219 1 ? 12 
# 
_struct_conf_type.id          HELX_P 
_struct_conf_type.criteria    ? 
_struct_conf_type.reference   ? 
# 
_struct_conn.id                            metalc1 
_struct_conn.conn_type_id                  metalc 
_struct_conn.pdbx_leaving_atom_flag        ? 
_struct_conn.pdbx_PDB_id                   ? 
_struct_conn.ptnr1_label_asym_id           A 
_struct_conn.ptnr1_label_comp_id           ASP 
_struct_conn.ptnr1_label_seq_id            8 
_struct_conn.ptnr1_label_atom_id           OD2 
_struct_conn.pdbx_ptnr1_label_alt_id       ? 
_struct_conn.pdbx_ptnr1_PDB_ins_code       ? 
_struct_conn.pdbx_ptnr1_standard_comp_id   ? 
_struct_conn.ptnr1_symmetry                1_555 
_struct_conn.ptnr2_label_asym_id           B 
_struct_conn.ptnr2_label_comp_id           MG 
_struct_conn.ptnr2_label_seq_id            . 
_struct_conn.ptnr2_label_atom_id           MG 
_struct_conn.pdbx_ptnr2_label_alt_id       ? 
_struct_conn.pdbx_ptnr2_PDB_ins_code       ? 
_struct_conn.ptnr1_auth_asym_id            A 
_struct_conn.ptnr1_auth_comp_id            ASP 
_struct_conn.ptnr1_auth_seq_id             8 
_struct_conn.ptnr2_auth_asym_id            A 
_struct_conn.ptnr2_auth_comp_id            MG 
_struct_conn.ptnr2_auth_seq_id             222 
_struct_conn.ptnr2_symmetry                1_555 
_struct_conn.pdbx_ptnr3_label_atom_id      ? 
_struct_conn.pdbx_ptnr3_label_seq_id       ? 
_struct_conn.pdbx_ptnr3_label_comp_id      ? 
_struct_conn.pdbx_ptnr3_label_asym_id      ? 
_struct_conn.pdbx_ptnr3_label_alt_id       ? 
_struct_conn.pdbx_ptnr3_PDB_ins_code       ? 
_struct_conn.details                       ? 
_struct_conn.pdbx_dist_value               2.481 
_struct_conn.pdbx_value_order              ? 
_struct_conn.pdbx_role                     ? 
# 
_struct_conn_type.id          metalc 
_struct_conn_type.criteria    ? 
_struct_conn_type.reference   ? 
# 
_struct_mon_prot_cis.pdbx_id                1 
_struct_mon_prot_cis.label_comp_id          LYS 
_struct_mon_prot_cis.label_seq_id           145 
_struct_mon_prot_cis.label_asym_id          A 
_struct_mon_prot_cis.label_alt_id           . 
_struct_mon_prot_cis.pdbx_PDB_ins_code      ? 
_struct_mon_prot_cis.auth_comp_id           LYS 
_struct_mon_prot_cis.auth_seq_id            145 
_struct_mon_prot_cis.auth_asym_id           A 
_struct_mon_prot_cis.pdbx_label_comp_id_2   PRO 
_struct_mon_prot_cis.pdbx_label_seq_id_2    146 
_struct_mon_prot_cis.pdbx_label_asym_id_2   A 
_struct_mon_prot_cis.pdbx_PDB_ins_code_2    ? 
_struct_mon_prot_cis.pdbx_auth_comp_id_2    PRO 
_struct_mon_prot_cis.pdbx_auth_seq_id_2     146 
_struct_mon_prot_cis.pdbx_auth_asym_id_2    A 
_struct_mon_prot_cis.pdbx_PDB_model_num     1 
_struct_mon_prot_cis.pdbx_omega_angle       10.86 
# 
_struct_sheet.id               A 
_struct_sheet.type             ? 
_struct_sheet.number_strands   6 
_struct_sheet.details          ? 
# 
loop_
_struct_sheet_order.sheet_id 
_struct_sheet_order.range_id_1 
_struct_sheet_order.range_id_2 
_struct_sheet_order.offset 
_struct_sheet_order.sense 
A 1 2 ? parallel 
A 2 3 ? parallel 
A 3 4 ? parallel 
A 4 5 ? parallel 
A 5 6 ? parallel 
# 
loop_
_struct_sheet_range.sheet_id 
_struct_sheet_range.id 
_struct_sheet_range.beg_label_comp_id 
_struct_sheet_range.beg_label_asym_id 
_struct_sheet_range.beg_label_seq_id 
_struct_sheet_range.pdbx_beg_PDB_ins_code 
_struct_sheet_range.end_label_comp_id 
_struct_sheet_range.end_label_asym_id 
_struct_sheet_range.end_label_seq_id 
_struct_sheet_range.pdbx_end_PDB_ins_code 
_struct_sheet_range.beg_auth_comp_id 
_struct_sheet_range.beg_auth_asym_id 
_struct_sheet_range.beg_auth_seq_id 
_struct_sheet_range.end_auth_comp_id 
_struct_sheet_range.end_auth_asym_id 
_struct_sheet_range.end_auth_seq_id 
A 1 ALA A 134 ? ILE A 135 ? ALA A 134 ILE A 135 
A 2 LYS A 109 ? LEU A 112 ? LYS A 109 LEU A 112 
A 3 ALA A 4   ? PHE A 7   ? ALA A 4   PHE A 7   
A 4 SER A 165 ? GLU A 169 ? SER A 165 GLU A 169 
A 5 LEU A 184 ? VAL A 188 ? LEU A 184 VAL A 188 
A 6 VAL A 199 ? VAL A 201 ? VAL A 199 VAL A 201 
# 
loop_
_pdbx_struct_sheet_hbond.sheet_id 
_pdbx_struct_sheet_hbond.range_id_1 
_pdbx_struct_sheet_hbond.range_id_2 
_pdbx_struct_sheet_hbond.range_1_label_atom_id 
_pdbx_struct_sheet_hbond.range_1_label_comp_id 
_pdbx_struct_sheet_hbond.range_1_label_asym_id 
_pdbx_struct_sheet_hbond.range_1_label_seq_id 
_pdbx_struct_sheet_hbond.range_1_PDB_ins_code 
_pdbx_struct_sheet_hbond.range_1_auth_atom_id 
_pdbx_struct_sheet_hbond.range_1_auth_comp_id 
_pdbx_struct_sheet_hbond.range_1_auth_asym_id 
_pdbx_struct_sheet_hbond.range_1_auth_seq_id 
_pdbx_struct_sheet_hbond.range_2_label_atom_id 
_pdbx_struct_sheet_hbond.range_2_label_comp_id 
_pdbx_struct_sheet_hbond.range_2_label_asym_id 
_pdbx_struct_sheet_hbond.range_2_label_seq_id 
_pdbx_struct_sheet_hbond.range_2_PDB_ins_code 
_pdbx_struct_sheet_hbond.range_2_auth_atom_id 
_pdbx_struct_sheet_hbond.range_2_auth_comp_id 
_pdbx_struct_sheet_hbond.range_2_auth_asym_id 
_pdbx_struct_sheet_hbond.range_2_auth_seq_id 
A 1 2 O ALA A 134 ? O ALA A 134 N LEU A 112 ? N LEU A 112 
A 2 3 O ALA A 111 ? O ALA A 111 N PHE A 7   ? N PHE A 7   
A 3 4 N LEU A 6   ? N LEU A 6   O ILE A 166 ? O ILE A 166 
A 4 5 N SER A 165 ? N SER A 165 O LEU A 184 ? O LEU A 184 
A 5 6 N GLY A 187 ? N GLY A 187 O VAL A 201 ? O VAL A 201 
# 
_struct_site.id                   AC1 
_struct_site.pdbx_evidence_code   Software 
_struct_site.pdbx_auth_asym_id    A 
_struct_site.pdbx_auth_comp_id    MG 
_struct_site.pdbx_auth_seq_id     222 
_struct_site.pdbx_auth_ins_code   ? 
_struct_site.pdbx_num_residues    4 
_struct_site.details              'BINDING SITE FOR RESIDUE MG A 222' 
# 
loop_
_struct_site_gen.id 
_struct_site_gen.site_id 
_struct_site_gen.pdbx_num_res 
_struct_site_gen.label_comp_id 
_struct_site_gen.label_asym_id 
_struct_site_gen.label_seq_id 
_struct_site_gen.pdbx_auth_ins_code 
_struct_site_gen.auth_comp_id 
_struct_site_gen.auth_asym_id 
_struct_site_gen.auth_seq_id 
_struct_site_gen.label_atom_id 
_struct_site_gen.label_alt_id 
_struct_site_gen.symmetry 
_struct_site_gen.details 
1 AC1 4 ASP A 8   ? ASP A 8   . ? 1_555 ? 
2 AC1 4 ASP A 10  ? ASP A 10  . ? 1_555 ? 
3 AC1 4 GLU A 169 ? GLU A 169 . ? 1_555 ? 
4 AC1 4 ASP A 170 ? ASP A 170 . ? 1_555 ? 
# 
_atom_sites.entry_id                    3FM9 
_atom_sites.fract_transf_matrix[1][1]   -0.01438600 
_atom_sites.fract_transf_matrix[1][2]   0.00024026 
_atom_sites.fract_transf_matrix[1][3]   0.01139860 
_atom_sites.fract_transf_matrix[2][1]   -0.00712921 
_atom_sites.fract_transf_matrix[2][2]   0.01281011 
_atom_sites.fract_transf_matrix[2][3]   -0.00926768 
_atom_sites.fract_transf_matrix[3][1]   -0.00597741 
_atom_sites.fract_transf_matrix[3][2]   -0.00865249 
_atom_sites.fract_transf_matrix[3][3]   -0.00736162 
_atom_sites.fract_transf_vector[1]      0.021167 
_atom_sites.fract_transf_vector[2]      0.100984 
_atom_sites.fract_transf_vector[3]      0.136379 
# 
loop_
_atom_type.symbol 
C  
MG 
N  
O  
S  
# 
loop_
_atom_site.group_PDB 
_atom_site.id 
_atom_site.type_symbol 
_atom_site.label_atom_id 
_atom_site.label_alt_id 
_atom_site.label_comp_id 
_atom_site.label_asym_id 
_atom_site.label_entity_id 
_atom_site.label_seq_id 
_atom_site.pdbx_PDB_ins_code 
_atom_site.Cartn_x 
_atom_site.Cartn_y 
_atom_site.Cartn_z 
_atom_site.occupancy 
_atom_site.B_iso_or_equiv 
_atom_site.pdbx_formal_charge 
_atom_site.auth_seq_id 
_atom_site.auth_comp_id 
_atom_site.auth_asym_id 
_atom_site.auth_atom_id 
_atom_site.pdbx_PDB_model_num 
ATOM   1    N  N   A MET A 1 1   ? 24.322  6.623   -7.983  0.50 27.78 ? 1   MET A N   1 
ATOM   2    N  N   B MET A 1 1   ? 23.555  5.337   -5.220  0.50 27.97 ? 1   MET A N   1 
ATOM   3    C  CA  A MET A 1 1   ? 23.550  6.366   -6.769  0.50 27.71 ? 1   MET A CA  1 
ATOM   4    C  CA  B MET A 1 1   ? 23.581  6.512   -6.089  0.50 27.77 ? 1   MET A CA  1 
ATOM   5    C  C   A MET A 1 1   ? 22.122  6.914   -6.865  0.50 27.28 ? 1   MET A C   1 
ATOM   6    C  C   B MET A 1 1   ? 22.174  7.084   -6.279  0.50 27.34 ? 1   MET A C   1 
ATOM   7    O  O   A MET A 1 1   ? 21.885  7.957   -7.483  0.50 27.12 ? 1   MET A O   1 
ATOM   8    O  O   B MET A 1 1   ? 22.001  8.290   -6.454  0.50 27.23 ? 1   MET A O   1 
ATOM   9    C  CB  A MET A 1 1   ? 24.261  6.943   -5.538  0.50 28.02 ? 1   MET A CB  1 
ATOM   10   C  CB  B MET A 1 1   ? 24.231  6.188   -7.447  0.50 27.79 ? 1   MET A CB  1 
ATOM   11   C  CG  A MET A 1 1   ? 23.683  6.462   -4.214  0.50 28.33 ? 1   MET A CG  1 
ATOM   12   C  CG  B MET A 1 1   ? 24.271  7.367   -8.400  0.50 27.74 ? 1   MET A CG  1 
ATOM   13   S  SD  A MET A 1 1   ? 23.667  4.658   -4.084  0.50 28.13 ? 1   MET A SD  1 
ATOM   14   S  SD  B MET A 1 1   ? 25.204  7.128   -9.930  0.50 27.85 ? 1   MET A SD  1 
ATOM   15   C  CE  A MET A 1 1   ? 22.594  4.483   -2.681  0.50 28.22 ? 1   MET A CE  1 
ATOM   16   C  CE  B MET A 1 1   ? 24.552  8.490   -10.911 0.50 27.55 ? 1   MET A CE  1 
ATOM   17   N  N   . PHE A 1 2   ? 21.175  6.208   -6.255  1.00 18.44 ? 2   PHE A N   1 
ATOM   18   C  CA  . PHE A 1 2   ? 19.784  6.638   -6.294  1.00 18.09 ? 2   PHE A CA  1 
ATOM   19   C  C   . PHE A 1 2   ? 19.562  7.816   -5.338  1.00 18.12 ? 2   PHE A C   1 
ATOM   20   O  O   . PHE A 1 2   ? 20.288  7.983   -4.349  1.00 18.47 ? 2   PHE A O   1 
ATOM   21   C  CB  . PHE A 1 2   ? 18.822  5.469   -5.996  1.00 17.99 ? 2   PHE A CB  1 
ATOM   22   C  CG  . PHE A 1 2   ? 18.952  4.896   -4.605  1.00 18.26 ? 2   PHE A CG  1 
ATOM   23   C  CD1 . PHE A 1 2   ? 18.232  5.422   -3.553  1.00 18.26 ? 2   PHE A CD1 1 
ATOM   24   C  CD2 . PHE A 1 2   ? 19.780  3.816   -4.362  1.00 18.58 ? 2   PHE A CD2 1 
ATOM   25   C  CE1 . PHE A 1 2   ? 18.344  4.885   -2.276  1.00 18.60 ? 2   PHE A CE1 1 
ATOM   26   C  CE2 . PHE A 1 2   ? 19.897  3.275   -3.092  1.00 18.91 ? 2   PHE A CE2 1 
ATOM   27   C  CZ  . PHE A 1 2   ? 19.183  3.809   -2.048  1.00 18.93 ? 2   PHE A CZ  1 
ATOM   28   N  N   . LYS A 1 3   ? 18.572  8.642   -5.632  1.00 20.79 ? 3   LYS A N   1 
ATOM   29   C  CA  . LYS A 1 3   ? 18.398  9.869   -4.860  1.00 20.94 ? 3   LYS A CA  1 
ATOM   30   C  C   . LYS A 1 3   ? 17.054  9.939   -4.124  1.00 20.84 ? 3   LYS A C   1 
ATOM   31   O  O   . LYS A 1 3   ? 16.772  10.896  -3.416  1.00 21.10 ? 3   LYS A O   1 
ATOM   32   C  CB  . LYS A 1 3   ? 18.667  11.105  -5.739  1.00 20.92 ? 3   LYS A CB  1 
ATOM   33   C  CG  . LYS A 1 3   ? 20.172  11.304  -6.021  1.00 21.23 ? 3   LYS A CG  1 
ATOM   34   C  CD  . LYS A 1 3   ? 20.449  12.111  -7.291  1.00 21.13 ? 3   LYS A CD  1 
ATOM   35   C  CE  . LYS A 1 3   ? 19.809  13.519  -7.257  1.00 21.24 ? 3   LYS A CE  1 
ATOM   36   N  NZ  . LYS A 1 3   ? 19.886  14.249  -8.570  1.00 21.19 ? 3   LYS A NZ  1 
ATOM   37   N  N   . ALA A 1 4   ? 16.252  8.891   -4.267  1.00 15.89 ? 4   ALA A N   1 
ATOM   38   C  CA  . ALA A 1 4   ? 14.964  8.817   -3.592  1.00 15.85 ? 4   ALA A CA  1 
ATOM   39   C  C   . ALA A 1 4   ? 14.467  7.379   -3.487  1.00 15.79 ? 4   ALA A C   1 
ATOM   40   O  O   . ALA A 1 4   ? 14.953  6.484   -4.174  1.00 15.76 ? 4   ALA A O   1 
ATOM   41   C  CB  . ALA A 1 4   ? 13.934  9.679   -4.309  1.00 15.73 ? 4   ALA A CB  1 
ATOM   42   N  N   . VAL A 1 5   ? 13.496  7.170   -2.610  1.00 21.25 ? 5   VAL A N   1 
ATOM   43   C  CA  . VAL A 1 5   ? 12.838  5.880   -2.483  1.00 21.20 ? 5   VAL A CA  1 
ATOM   44   C  C   . VAL A 1 5   ? 11.345  6.134   -2.356  1.00 21.16 ? 5   VAL A C   1 
ATOM   45   O  O   . VAL A 1 5   ? 10.925  6.988   -1.580  1.00 21.36 ? 5   VAL A O   1 
ATOM   46   C  CB  . VAL A 1 5   ? 13.338  5.088   -1.268  1.00 21.54 ? 5   VAL A CB  1 
ATOM   47   C  CG1 . VAL A 1 5   ? 12.716  3.693   -1.259  1.00 21.46 ? 5   VAL A CG1 1 
ATOM   48   C  CG2 . VAL A 1 5   ? 14.844  5.000   -1.287  1.00 21.79 ? 5   VAL A CG2 1 
ATOM   49   N  N   . LEU A 1 6   ? 10.553  5.403   -3.136  1.00 27.77 ? 6   LEU A N   1 
ATOM   50   C  CA  . LEU A 1 6   ? 9.116   5.627   -3.205  1.00 27.73 ? 6   LEU A CA  1 
ATOM   51   C  C   . LEU A 1 6   ? 8.388   4.424   -2.622  1.00 27.77 ? 6   LEU A C   1 
ATOM   52   O  O   . LEU A 1 6   ? 8.574   3.302   -3.081  1.00 27.70 ? 6   LEU A O   1 
ATOM   53   C  CB  . LEU A 1 6   ? 8.690   5.891   -4.653  1.00 27.50 ? 6   LEU A CB  1 
ATOM   54   C  CG  . LEU A 1 6   ? 9.683   6.769   -5.430  1.00 27.44 ? 6   LEU A CG  1 
ATOM   55   C  CD1 . LEU A 1 6   ? 9.418   6.745   -6.923  1.00 27.25 ? 6   LEU A CD1 1 
ATOM   56   C  CD2 . LEU A 1 6   ? 9.689   8.192   -4.918  1.00 27.60 ? 6   LEU A CD2 1 
ATOM   57   N  N   . PHE A 1 7   ? 7.571   4.673   -1.600  1.00 20.72 ? 7   PHE A N   1 
ATOM   58   C  CA  . PHE A 1 7   ? 6.946   3.627   -0.797  1.00 20.85 ? 7   PHE A CA  1 
ATOM   59   C  C   . PHE A 1 7   ? 5.461   3.529   -1.084  1.00 20.81 ? 7   PHE A C   1 
ATOM   60   O  O   . PHE A 1 7   ? 4.789   4.551   -1.127  1.00 20.92 ? 7   PHE A O   1 
ATOM   61   C  CB  . PHE A 1 7   ? 7.053   3.982   0.693   1.00 21.25 ? 7   PHE A CB  1 
ATOM   62   C  CG  . PHE A 1 7   ? 8.436   3.894   1.261   1.00 21.41 ? 7   PHE A CG  1 
ATOM   63   C  CD1 . PHE A 1 7   ? 9.352   4.922   1.068   1.00 21.43 ? 7   PHE A CD1 1 
ATOM   64   C  CD2 . PHE A 1 7   ? 8.812   2.799   2.039   1.00 21.82 ? 7   PHE A CD2 1 
ATOM   65   C  CE1 . PHE A 1 7   ? 10.636  4.844   1.624   1.00 21.83 ? 7   PHE A CE1 1 
ATOM   66   C  CE2 . PHE A 1 7   ? 10.094  2.705   2.595   1.00 22.23 ? 7   PHE A CE2 1 
ATOM   67   C  CZ  . PHE A 1 7   ? 11.004  3.727   2.388   1.00 22.22 ? 7   PHE A CZ  1 
ATOM   68   N  N   . ASP A 1 8   ? 4.928   2.320   -1.235  1.00 33.58 ? 8   ASP A N   1 
ATOM   69   C  CA  . ASP A 1 8   ? 3.486   2.152   -1.078  1.00 33.65 ? 8   ASP A CA  1 
ATOM   70   C  C   . ASP A 1 8   ? 3.214   1.959   0.413   1.00 34.01 ? 8   ASP A C   1 
ATOM   71   O  O   . ASP A 1 8   ? 4.105   1.555   1.153   1.00 34.16 ? 8   ASP A O   1 
ATOM   72   C  CB  . ASP A 1 8   ? 2.931   0.971   -1.885  1.00 33.49 ? 8   ASP A CB  1 
ATOM   73   C  CG  . ASP A 1 8   ? 1.412   1.066   -2.096  1.00 33.51 ? 8   ASP A CG  1 
ATOM   74   O  OD1 . ASP A 1 8   ? 0.791   2.048   -1.632  1.00 33.43 ? 8   ASP A OD1 1 
ATOM   75   O  OD2 . ASP A 1 8   ? 0.829   0.164   -2.734  1.00 33.65 ? 8   ASP A OD2 1 
ATOM   76   N  N   . LEU A 1 9   ? 2.001   2.268   0.854   1.00 21.94 ? 9   LEU A N   1 
ATOM   77   C  CA  . LEU A 1 9   ? 1.631   2.088   2.250   1.00 22.40 ? 9   LEU A CA  1 
ATOM   78   C  C   . LEU A 1 9   ? 1.302   0.620   2.542   1.00 22.42 ? 9   LEU A C   1 
ATOM   79   O  O   . LEU A 1 9   ? 2.121   -0.108  3.115   1.00 22.63 ? 9   LEU A O   1 
ATOM   80   C  CB  . LEU A 1 9   ? 0.436   2.976   2.597   1.00 22.71 ? 9   LEU A CB  1 
ATOM   81   C  CG  . LEU A 1 9   ? 0.028   3.094   4.071   1.00 23.34 ? 9   LEU A CG  1 
ATOM   82   C  CD1 . LEU A 1 9   ? 1.244   3.251   4.972   1.00 23.71 ? 9   LEU A CD1 1 
ATOM   83   C  CD2 . LEU A 1 9   ? -0.941  4.271   4.269   1.00 23.64 ? 9   LEU A CD2 1 
ATOM   84   N  N   . ASP A 1 10  ? 0.102   0.198   2.142   1.00 47.50 ? 10  ASP A N   1 
ATOM   85   C  CA  . ASP A 1 10  ? -0.335  -1.186  2.302   1.00 47.54 ? 10  ASP A CA  1 
ATOM   86   C  C   . ASP A 1 10  ? 0.661   -2.160  1.698   1.00 47.25 ? 10  ASP A C   1 
ATOM   87   O  O   . ASP A 1 10  ? 1.064   -2.011  0.549   1.00 46.96 ? 10  ASP A O   1 
ATOM   88   C  CB  . ASP A 1 10  ? -1.689  -1.406  1.627   1.00 47.44 ? 10  ASP A CB  1 
ATOM   89   C  CG  . ASP A 1 10  ? -2.837  -0.743  2.367   1.00 47.84 ? 10  ASP A CG  1 
ATOM   90   O  OD1 . ASP A 1 10  ? -2.668  -0.412  3.566   1.00 48.31 ? 10  ASP A OD1 1 
ATOM   91   O  OD2 . ASP A 1 10  ? -3.916  -0.570  1.748   1.00 47.76 ? 10  ASP A OD2 1 
ATOM   92   N  N   . GLY A 1 11  ? 1.053   -3.161  2.475   1.00 21.94 ? 11  GLY A N   1 
ATOM   93   C  CA  . GLY A 1 11  ? 1.888   -4.239  1.977   1.00 21.86 ? 11  GLY A CA  1 
ATOM   94   C  C   . GLY A 1 11  ? 3.377   -4.028  2.171   1.00 22.04 ? 11  GLY A C   1 
ATOM   95   O  O   . GLY A 1 11  ? 4.147   -4.987  2.159   1.00 22.19 ? 11  GLY A O   1 
ATOM   96   N  N   . VAL A 1 12  ? 3.778   -2.770  2.341   1.00 33.02 ? 12  VAL A N   1 
ATOM   97   C  CA  . VAL A 1 12  ? 5.183   -2.402  2.477   1.00 33.13 ? 12  VAL A CA  1 
ATOM   98   C  C   . VAL A 1 12  ? 5.465   -1.845  3.859   1.00 33.79 ? 12  VAL A C   1 
ATOM   99   O  O   . VAL A 1 12  ? 6.385   -2.290  4.534   1.00 34.29 ? 12  VAL A O   1 
ATOM   100  C  CB  . VAL A 1 12  ? 5.588   -1.322  1.451   1.00 32.55 ? 12  VAL A CB  1 
ATOM   101  C  CG1 . VAL A 1 12  ? 7.064   -0.998  1.585   1.00 32.67 ? 12  VAL A CG1 1 
ATOM   102  C  CG2 . VAL A 1 12  ? 5.261   -1.775  0.032   1.00 32.02 ? 12  VAL A CG2 1 
ATOM   103  N  N   . ILE A 1 13  ? 4.677   -0.856  4.270   1.00 29.27 ? 13  ILE A N   1 
ATOM   104  C  CA  . ILE A 1 13  ? 4.875   -0.214  5.568   1.00 29.95 ? 13  ILE A CA  1 
ATOM   105  C  C   . ILE A 1 13  ? 4.019   -0.856  6.663   1.00 30.58 ? 13  ILE A C   1 
ATOM   106  O  O   . ILE A 1 13  ? 4.426   -0.930  7.824   1.00 31.32 ? 13  ILE A O   1 
ATOM   107  C  CB  . ILE A 1 13  ? 4.589   1.310   5.507   1.00 29.82 ? 13  ILE A CB  1 
ATOM   108  C  CG1 . ILE A 1 13  ? 5.585   2.012   4.578   1.00 29.26 ? 13  ILE A CG1 1 
ATOM   109  C  CG2 . ILE A 1 13  ? 4.631   1.926   6.908   1.00 30.61 ? 13  ILE A CG2 1 
ATOM   110  C  CD1 . ILE A 1 13  ? 5.410   3.512   4.537   1.00 29.16 ? 13  ILE A CD1 1 
ATOM   111  N  N   . THR A 1 14  ? 2.837   -1.330  6.287   1.00 30.56 ? 14  THR A N   1 
ATOM   112  C  CA  . THR A 1 14  ? 1.896   -1.844  7.266   1.00 31.17 ? 14  THR A CA  1 
ATOM   113  C  C   . THR A 1 14  ? 0.919   -2.805  6.601   1.00 30.84 ? 14  THR A C   1 
ATOM   114  O  O   . THR A 1 14  ? 0.781   -2.806  5.376   1.00 30.11 ? 14  THR A O   1 
ATOM   115  C  CB  . THR A 1 14  ? 1.104   -0.702  7.913   1.00 31.43 ? 14  THR A CB  1 
ATOM   116  O  OG1 . THR A 1 14  ? 0.559   -1.137  9.163   1.00 32.29 ? 14  THR A OG1 1 
ATOM   117  C  CG2 . THR A 1 14  ? -0.026  -0.267  7.002   1.00 30.82 ? 14  THR A CG2 1 
ATOM   118  N  N   . ASP A 1 15  ? 0.248   -3.615  7.416   1.00 46.64 ? 15  ASP A N   1 
ATOM   119  C  CA  . ASP A 1 15  ? -0.726  -4.585  6.934   1.00 46.45 ? 15  ASP A CA  1 
ATOM   120  C  C   . ASP A 1 15  ? -2.123  -4.193  7.393   1.00 46.71 ? 15  ASP A C   1 
ATOM   121  O  O   . ASP A 1 15  ? -2.491  -4.425  8.547   1.00 47.52 ? 15  ASP A O   1 
ATOM   122  C  CB  . ASP A 1 15  ? -0.385  -5.975  7.475   1.00 47.01 ? 15  ASP A CB  1 
ATOM   123  C  CG  . ASP A 1 15  ? -1.234  -7.071  6.854   1.00 46.94 ? 15  ASP A CG  1 
ATOM   124  O  OD1 . ASP A 1 15  ? -2.195  -6.746  6.119   1.00 46.35 ? 15  ASP A OD1 1 
ATOM   125  O  OD2 . ASP A 1 15  ? -0.918  -8.259  7.092   1.00 47.50 ? 15  ASP A OD2 1 
ATOM   126  N  N   . PRO A 1 16  ? -2.912  -3.609  6.482   1.00 42.75 ? 16  PRO A N   1 
ATOM   127  C  CA  . PRO A 1 16  ? -4.255  -3.065  6.747   1.00 42.90 ? 16  PRO A CA  1 
ATOM   128  C  C   . PRO A 1 16  ? -5.292  -4.174  6.904   1.00 43.24 ? 16  PRO A C   1 
ATOM   129  O  O   . PRO A 1 16  ? -6.388  -3.939  7.409   1.00 40.11 ? 16  PRO A O   1 
ATOM   130  C  CB  . PRO A 1 16  ? -4.555  -2.281  5.464   1.00 42.01 ? 16  PRO A CB  1 
ATOM   131  C  CG  . PRO A 1 16  ? -3.829  -3.083  4.411   1.00 41.47 ? 16  PRO A CG  1 
ATOM   132  C  CD  . PRO A 1 16  ? -2.517  -3.415  5.075   1.00 41.85 ? 16  PRO A CD  1 
ATOM   133  N  N   . ALA A 1 17  ? -4.924  -5.373  6.461   1.00 26.85 ? 17  ALA A N   1 
ATOM   134  C  CA  . ALA A 1 17  ? -5.823  -6.516  6.416   1.00 27.10 ? 17  ALA A CA  1 
ATOM   135  C  C   . ALA A 1 17  ? -6.715  -6.669  7.651   1.00 28.00 ? 17  ALA A C   1 
ATOM   136  O  O   . ALA A 1 17  ? -7.933  -6.801  7.521   1.00 28.03 ? 17  ALA A O   1 
ATOM   137  C  CB  . ALA A 1 17  ? -5.032  -7.798  6.159   1.00 27.15 ? 17  ALA A CB  1 
ATOM   138  N  N   . GLU A 1 18  ? -6.117  -6.676  8.838   1.00 37.13 ? 18  GLU A N   1 
ATOM   139  C  CA  . GLU A 1 18  ? -6.896  -6.902  10.046  1.00 38.10 ? 18  GLU A CA  1 
ATOM   140  C  C   . GLU A 1 18  ? -7.956  -5.813  10.216  1.00 38.15 ? 18  GLU A C   1 
ATOM   141  O  O   . GLU A 1 18  ? -9.051  -6.064  10.723  1.00 38.71 ? 18  GLU A O   1 
ATOM   142  C  CB  . GLU A 1 18  ? -5.993  -6.981  11.280  1.00 38.96 ? 18  GLU A CB  1 
ATOM   143  C  CG  . GLU A 1 18  ? -6.751  -7.154  12.603  1.00 40.10 ? 18  GLU A CG  1 
ATOM   144  C  CD  . GLU A 1 18  ? -7.322  -8.564  12.802  1.00 40.58 ? 18  GLU A CD  1 
ATOM   145  O  OE1 . GLU A 1 18  ? -7.346  -9.360  11.834  1.00 39.94 ? 18  GLU A OE1 1 
ATOM   146  O  OE2 . GLU A 1 18  ? -7.742  -8.882  13.939  1.00 41.64 ? 18  GLU A OE2 1 
ATOM   147  N  N   . TYR A 1 19  ? -7.630  -4.603  9.778   1.00 29.48 ? 19  TYR A N   1 
ATOM   148  C  CA  . TYR A 1 19  ? -8.525  -3.468  9.956   1.00 29.50 ? 19  TYR A CA  1 
ATOM   149  C  C   . TYR A 1 19  ? -9.673  -3.469  8.943   1.00 28.86 ? 19  TYR A C   1 
ATOM   150  O  O   . TYR A 1 19  ? -10.795 -3.100  9.273   1.00 29.18 ? 19  TYR A O   1 
ATOM   151  C  CB  . TYR A 1 19  ? -7.735  -2.158  9.919   1.00 29.25 ? 19  TYR A CB  1 
ATOM   152  C  CG  . TYR A 1 19  ? -6.806  -1.974  11.102  1.00 30.02 ? 19  TYR A CG  1 
ATOM   153  C  CD1 . TYR A 1 19  ? -5.466  -2.321  11.022  1.00 29.92 ? 19  TYR A CD1 1 
ATOM   154  C  CD2 . TYR A 1 19  ? -7.269  -1.452  12.292  1.00 30.88 ? 19  TYR A CD2 1 
ATOM   155  C  CE1 . TYR A 1 19  ? -4.614  -2.143  12.101  1.00 30.65 ? 19  TYR A CE1 1 
ATOM   156  C  CE2 . TYR A 1 19  ? -6.440  -1.276  13.372  1.00 31.63 ? 19  TYR A CE2 1 
ATOM   157  C  CZ  . TYR A 1 19  ? -5.118  -1.622  13.282  1.00 31.51 ? 19  TYR A CZ  1 
ATOM   158  O  OH  . TYR A 1 19  ? -4.292  -1.444  14.375  1.00 32.29 ? 19  TYR A OH  1 
ATOM   159  N  N   . HIS A 1 20  ? -9.400  -3.889  7.713   1.00 35.57 ? 20  HIS A N   1 
ATOM   160  C  CA  . HIS A 1 20  ? -10.464 -4.117  6.739   1.00 35.02 ? 20  HIS A CA  1 
ATOM   161  C  C   . HIS A 1 20  ? -11.339 -5.297  7.142   1.00 35.55 ? 20  HIS A C   1 
ATOM   162  O  O   . HIS A 1 20  ? -12.521 -5.348  6.808   1.00 35.44 ? 20  HIS A O   1 
ATOM   163  C  CB  . HIS A 1 20  ? -9.890  -4.362  5.353   1.00 34.12 ? 20  HIS A CB  1 
ATOM   164  C  CG  . HIS A 1 20  ? -9.339  -3.129  4.713   1.00 33.66 ? 20  HIS A CG  1 
ATOM   165  N  ND1 . HIS A 1 20  ? -8.000  -2.840  4.695   1.00 33.38 ? 20  HIS A ND1 1 
ATOM   166  C  CD2 . HIS A 1 20  ? -9.966  -2.103  4.082   1.00 33.63 ? 20  HIS A CD2 1 
ATOM   167  C  CE1 . HIS A 1 20  ? -7.808  -1.684  4.067   1.00 33.17 ? 20  HIS A CE1 1 
ATOM   168  N  NE2 . HIS A 1 20  ? -8.985  -1.225  3.687   1.00 33.32 ? 20  HIS A NE2 1 
ATOM   169  N  N   . PHE A 1 21  ? -10.751 -6.242  7.863   1.00 33.37 ? 21  PHE A N   1 
ATOM   170  C  CA  . PHE A 1 21  ? -11.490 -7.395  8.343   1.00 33.97 ? 21  PHE A CA  1 
ATOM   171  C  C   . PHE A 1 21  ? -12.515 -6.991  9.402   1.00 34.82 ? 21  PHE A C   1 
ATOM   172  O  O   . PHE A 1 21  ? -13.679 -7.379  9.322   1.00 35.02 ? 21  PHE A O   1 
ATOM   173  C  CB  . PHE A 1 21  ? -10.536 -8.440  8.912   1.00 34.44 ? 21  PHE A CB  1 
ATOM   174  C  CG  . PHE A 1 21  ? -11.218 -9.700  9.337   1.00 35.15 ? 21  PHE A CG  1 
ATOM   175  C  CD1 . PHE A 1 21  ? -12.057 -10.372 8.455   1.00 34.76 ? 21  PHE A CD1 1 
ATOM   176  C  CD2 . PHE A 1 21  ? -11.037 -10.207 10.609  1.00 36.24 ? 21  PHE A CD2 1 
ATOM   177  C  CE1 . PHE A 1 21  ? -12.705 -11.528 8.836   1.00 35.45 ? 21  PHE A CE1 1 
ATOM   178  C  CE2 . PHE A 1 21  ? -11.676 -11.358 11.000  1.00 36.96 ? 21  PHE A CE2 1 
ATOM   179  C  CZ  . PHE A 1 21  ? -12.516 -12.025 10.112  1.00 36.57 ? 21  PHE A CZ  1 
ATOM   180  N  N   . ARG A 1 22  ? -12.079 -6.217  10.390  1.00 38.74 ? 22  ARG A N   1 
ATOM   181  C  CA  . ARG A 1 22  ? -12.964 -5.806  11.477  1.00 39.64 ? 22  ARG A CA  1 
ATOM   182  C  C   . ARG A 1 22  ? -14.096 -4.937  10.926  1.00 39.22 ? 22  ARG A C   1 
ATOM   183  O  O   . ARG A 1 22  ? -15.228 -4.981  11.415  1.00 39.78 ? 22  ARG A O   1 
ATOM   184  C  CB  . ARG A 1 22  ? -12.183 -5.090  12.596  1.00 40.31 ? 22  ARG A CB  1 
ATOM   185  C  CG  . ARG A 1 22  ? -11.276 -6.007  13.434  1.00 41.06 ? 22  ARG A CG  1 
ATOM   186  C  CD  . ARG A 1 22  ? -10.220 -5.210  14.214  1.00 41.39 ? 22  ARG A CD  1 
ATOM   187  N  NE  . ARG A 1 22  ? -10.797 -4.437  15.317  1.00 42.26 ? 22  ARG A NE  1 
ATOM   188  C  CZ  . ARG A 1 22  ? -10.211 -3.386  15.903  1.00 42.46 ? 22  ARG A CZ  1 
ATOM   189  N  NH1 . ARG A 1 22  ? -9.018  -2.949  15.492  1.00 41.83 ? 22  ARG A NH1 1 
ATOM   190  N  NH2 . ARG A 1 22  ? -10.827 -2.758  16.905  1.00 43.34 ? 22  ARG A NH2 1 
ATOM   191  N  N   . ALA A 1 23  ? -13.782 -4.168  9.888   1.00 36.27 ? 23  ALA A N   1 
ATOM   192  C  CA  . ALA A 1 23  ? -14.774 -3.328  9.224   1.00 35.80 ? 23  ALA A CA  1 
ATOM   193  C  C   . ALA A 1 23  ? -15.847 -4.162  8.505   1.00 35.55 ? 23  ALA A C   1 
ATOM   194  O  O   . ALA A 1 23  ? -17.027 -3.878  8.618   1.00 35.83 ? 23  ALA A O   1 
ATOM   195  C  CB  . ALA A 1 23  ? -14.087 -2.377  8.252   1.00 35.02 ? 23  ALA A CB  1 
ATOM   196  N  N   . TRP A 1 24  ? -15.433 -5.193  7.774   1.00 24.89 ? 24  TRP A N   1 
ATOM   197  C  CA  . TRP A 1 24  ? -16.367 -6.075  7.071   1.00 24.70 ? 24  TRP A CA  1 
ATOM   198  C  C   . TRP A 1 24  ? -17.140 -7.032  8.008   1.00 25.68 ? 24  TRP A C   1 
ATOM   199  O  O   . TRP A 1 24  ? -18.284 -7.403  7.726   1.00 25.74 ? 24  TRP A O   1 
ATOM   200  C  CB  . TRP A 1 24  ? -15.627 -6.896  6.013   1.00 23.97 ? 24  TRP A CB  1 
ATOM   201  C  CG  . TRP A 1 24  ? -15.123 -6.135  4.818   1.00 23.02 ? 24  TRP A CG  1 
ATOM   202  C  CD1 . TRP A 1 24  ? -13.821 -6.002  4.420   1.00 22.61 ? 24  TRP A CD1 1 
ATOM   203  C  CD2 . TRP A 1 24  ? -15.914 -5.444  3.849   1.00 22.75 ? 24  TRP A CD2 1 
ATOM   204  N  NE1 . TRP A 1 24  ? -13.750 -5.267  3.264   1.00 22.14 ? 24  TRP A NE1 1 
ATOM   205  C  CE2 . TRP A 1 24  ? -15.019 -4.910  2.886   1.00 22.23 ? 24  TRP A CE2 1 
ATOM   206  C  CE3 . TRP A 1 24  ? -17.281 -5.217  3.679   1.00 22.96 ? 24  TRP A CE3 1 
ATOM   207  C  CZ2 . TRP A 1 24  ? -15.454 -4.163  1.796   1.00 21.96 ? 24  TRP A CZ2 1 
ATOM   208  C  CZ3 . TRP A 1 24  ? -17.711 -4.471  2.587   1.00 22.65 ? 24  TRP A CZ3 1 
ATOM   209  C  CH2 . TRP A 1 24  ? -16.798 -3.956  1.664   1.00 22.17 ? 24  TRP A CH2 1 
ATOM   210  N  N   . LYS A 1 25  ? -16.513 -7.457  9.103   1.00 41.17 ? 25  LYS A N   1 
ATOM   211  C  CA  . LYS A 1 25  ? -17.209 -8.286  10.080  1.00 42.20 ? 25  LYS A CA  1 
ATOM   212  C  C   . LYS A 1 25  ? -18.323 -7.493  10.731  1.00 42.79 ? 25  LYS A C   1 
ATOM   213  O  O   . LYS A 1 25  ? -19.428 -7.991  10.894  1.00 43.36 ? 25  LYS A O   1 
ATOM   214  C  CB  . LYS A 1 25  ? -16.251 -8.816  11.147  1.00 42.98 ? 25  LYS A CB  1 
ATOM   215  C  CG  . LYS A 1 25  ? -15.785 -10.247 10.907  1.00 43.07 ? 25  LYS A CG  1 
ATOM   216  C  CD  . LYS A 1 25  ? -14.697 -10.669 11.900  1.00 43.83 ? 25  LYS A CD  1 
ATOM   217  C  CE  . LYS A 1 25  ? -15.279 -11.215 13.198  1.00 45.17 ? 25  LYS A CE  1 
ATOM   218  N  NZ  . LYS A 1 25  ? -14.202 -11.806 14.061  1.00 45.91 ? 25  LYS A NZ  1 
ATOM   219  N  N   . ALA A 1 26  ? -18.021 -6.255  11.106  1.00 28.21 ? 26  ALA A N   1 
ATOM   220  C  CA  . ALA A 1 26  ? -19.029 -5.352  11.655  1.00 28.74 ? 26  ALA A CA  1 
ATOM   221  C  C   . ALA A 1 26  ? -20.207 -5.180  10.699  1.00 28.26 ? 26  ALA A C   1 
ATOM   222  O  O   . ALA A 1 26  ? -21.357 -5.214  11.117  1.00 28.92 ? 26  ALA A O   1 
ATOM   223  C  CB  . ALA A 1 26  ? -18.419 -3.995  11.985  1.00 28.58 ? 26  ALA A CB  1 
ATOM   224  N  N   . LEU A 1 27  ? -19.922 -4.990  9.418   1.00 29.60 ? 27  LEU A N   1 
ATOM   225  C  CA  . LEU A 1 27  ? -20.982 -4.806  8.444   1.00 29.15 ? 27  LEU A CA  1 
ATOM   226  C  C   . LEU A 1 27  ? -21.868 -6.046  8.296   1.00 29.30 ? 27  LEU A C   1 
ATOM   227  O  O   . LEU A 1 27  ? -23.093 -5.940  8.207   1.00 29.45 ? 27  LEU A O   1 
ATOM   228  C  CB  . LEU A 1 27  ? -20.414 -4.393  7.087   1.00 28.18 ? 27  LEU A CB  1 
ATOM   229  C  CG  . LEU A 1 27  ? -21.481 -4.012  6.055   1.00 27.89 ? 27  LEU A CG  1 
ATOM   230  C  CD1 . LEU A 1 27  ? -22.450 -2.983  6.630   1.00 28.48 ? 27  LEU A CD1 1 
ATOM   231  C  CD2 . LEU A 1 27  ? -20.838 -3.492  4.783   1.00 27.06 ? 27  LEU A CD2 1 
ATOM   232  N  N   . ALA A 1 28  ? -21.259 -7.223  8.274   1.00 21.67 ? 28  ALA A N   1 
ATOM   233  C  CA  . ALA A 1 28  ? -22.020 -8.443  8.023   1.00 21.84 ? 28  ALA A CA  1 
ATOM   234  C  C   . ALA A 1 28  ? -22.809 -8.909  9.238   1.00 23.05 ? 28  ALA A C   1 
ATOM   235  O  O   . ALA A 1 28  ? -23.842 -9.551  9.090   1.00 23.31 ? 28  ALA A O   1 
ATOM   236  C  CB  . ALA A 1 28  ? -21.111 -9.568  7.488   1.00 21.53 ? 28  ALA A CB  1 
ATOM   237  N  N   . GLU A 1 29  ? -22.331 -8.595  10.435  1.00 62.31 ? 29  GLU A N   1 
ATOM   238  C  CA  . GLU A 1 29  ? -23.093 -8.894  11.639  1.00 63.55 ? 29  GLU A CA  1 
ATOM   239  C  C   . GLU A 1 29  ? -24.367 -8.075  11.586  1.00 63.59 ? 29  GLU A C   1 
ATOM   240  O  O   . GLU A 1 29  ? -25.451 -8.547  11.927  1.00 64.17 ? 29  GLU A O   1 
ATOM   241  C  CB  . GLU A 1 29  ? -22.310 -8.493  12.887  1.00 64.33 ? 29  GLU A CB  1 
ATOM   242  C  CG  . GLU A 1 29  ? -21.164 -9.413  13.256  1.00 64.57 ? 29  GLU A CG  1 
ATOM   243  C  CD  . GLU A 1 29  ? -20.549 -9.058  14.604  1.00 65.53 ? 29  GLU A CD  1 
ATOM   244  O  OE1 . GLU A 1 29  ? -20.722 -7.902  15.057  1.00 66.31 ? 29  GLU A OE1 1 
ATOM   245  O  OE2 . GLU A 1 29  ? -19.895 -9.940  15.207  1.00 65.55 ? 29  GLU A OE2 1 
ATOM   246  N  N   . GLU A 1 30  ? -24.208 -6.840  11.131  1.00 42.78 ? 30  GLU A N   1 
ATOM   247  C  CA  . GLU A 1 30  ? -25.235 -5.827  11.216  1.00 42.89 ? 30  GLU A CA  1 
ATOM   248  C  C   . GLU A 1 30  ? -26.318 -5.970  10.144  1.00 42.43 ? 30  GLU A C   1 
ATOM   249  O  O   . GLU A 1 30  ? -27.380 -5.364  10.248  1.00 42.92 ? 30  GLU A O   1 
ATOM   250  C  CB  . GLU A 1 30  ? -24.569 -4.458  11.139  1.00 42.42 ? 30  GLU A CB  1 
ATOM   251  C  CG  . GLU A 1 30  ? -25.520 -3.286  11.127  1.00 42.62 ? 30  GLU A CG  1 
ATOM   252  C  CD  . GLU A 1 30  ? -24.905 -2.064  10.469  1.00 42.61 ? 30  GLU A CD  1 
ATOM   253  O  OE1 . GLU A 1 30  ? -23.806 -2.201  9.881   1.00 43.51 ? 30  GLU A OE1 1 
ATOM   254  O  OE2 . GLU A 1 30  ? -25.518 -0.972  10.536  1.00 41.75 ? 30  GLU A OE2 1 
ATOM   255  N  N   . ILE A 1 31  ? -26.055 -6.767  9.115   1.00 26.42 ? 31  ILE A N   1 
ATOM   256  C  CA  . ILE A 1 31  ? -27.083 -7.045  8.117   1.00 25.99 ? 31  ILE A CA  1 
ATOM   257  C  C   . ILE A 1 31  ? -27.350 -8.542  7.966   1.00 26.20 ? 31  ILE A C   1 
ATOM   258  O  O   . ILE A 1 31  ? -27.903 -8.992  6.962   1.00 25.68 ? 31  ILE A O   1 
ATOM   259  C  CB  . ILE A 1 31  ? -26.772 -6.410  6.753   1.00 25.01 ? 31  ILE A CB  1 
ATOM   260  C  CG1 . ILE A 1 31  ? -25.429 -6.912  6.216   1.00 24.27 ? 31  ILE A CG1 1 
ATOM   261  C  CG2 . ILE A 1 31  ? -26.788 -4.889  6.869   1.00 25.09 ? 31  ILE A CG2 1 
ATOM   262  C  CD1 . ILE A 1 31  ? -25.209 -6.600  4.751   1.00 23.44 ? 31  ILE A CD1 1 
ATOM   263  N  N   . GLY A 1 32  ? -26.954 -9.301  8.980   1.00 32.28 ? 32  GLY A N   1 
ATOM   264  C  CA  . GLY A 1 32  ? -27.349 -10.691 9.109   1.00 32.81 ? 32  GLY A CA  1 
ATOM   265  C  C   . GLY A 1 32  ? -26.808 -11.646 8.069   1.00 32.05 ? 32  GLY A C   1 
ATOM   266  O  O   . GLY A 1 32  ? -27.542 -12.502 7.573   1.00 32.04 ? 32  GLY A O   1 
ATOM   267  N  N   . ILE A 1 33  ? -25.528 -11.517 7.736   1.00 21.65 ? 33  ILE A N   1 
ATOM   268  C  CA  . ILE A 1 33  ? -24.926 -12.423 6.761   1.00 20.99 ? 33  ILE A CA  1 
ATOM   269  C  C   . ILE A 1 33  ? -23.784 -13.271 7.328   1.00 21.40 ? 33  ILE A C   1 
ATOM   270  O  O   . ILE A 1 33  ? -22.826 -12.751 7.907   1.00 21.54 ? 33  ILE A O   1 
ATOM   271  C  CB  . ILE A 1 33  ? -24.483 -11.691 5.483   1.00 19.75 ? 33  ILE A CB  1 
ATOM   272  C  CG1 . ILE A 1 33  ? -25.647 -10.885 4.909   1.00 19.36 ? 33  ILE A CG1 1 
ATOM   273  C  CG2 . ILE A 1 33  ? -24.029 -12.682 4.446   1.00 19.16 ? 33  ILE A CG2 1 
ATOM   274  C  CD1 . ILE A 1 33  ? -25.305 -10.127 3.637   1.00 18.33 ? 33  ILE A CD1 1 
ATOM   275  N  N   . ASN A 1 34  ? -23.910 -14.583 7.147   1.00 27.64 ? 34  ASN A N   1 
ATOM   276  C  CA  . ASN A 1 34  ? -22.933 -15.556 7.637   1.00 28.07 ? 34  ASN A CA  1 
ATOM   277  C  C   . ASN A 1 34  ? -21.777 -15.796 6.679   1.00 27.14 ? 34  ASN A C   1 
ATOM   278  O  O   . ASN A 1 34  ? -21.968 -15.853 5.454   1.00 26.24 ? 34  ASN A O   1 
ATOM   279  C  CB  . ASN A 1 34  ? -23.616 -16.898 7.875   1.00 28.83 ? 34  ASN A CB  1 
ATOM   280  C  CG  . ASN A 1 34  ? -24.338 -16.957 9.190   1.00 30.07 ? 34  ASN A CG  1 
ATOM   281  O  OD1 . ASN A 1 34  ? -24.206 -16.060 10.020  1.00 30.39 ? 34  ASN A OD1 1 
ATOM   282  N  ND2 . ASN A 1 34  ? -25.097 -18.028 9.398   1.00 30.83 ? 34  ASN A ND2 1 
ATOM   283  N  N   . GLY A 1 35  ? -20.581 -15.965 7.236   1.00 22.30 ? 35  GLY A N   1 
ATOM   284  C  CA  . GLY A 1 35  ? -19.456 -16.403 6.434   1.00 21.62 ? 35  GLY A CA  1 
ATOM   285  C  C   . GLY A 1 35  ? -18.245 -15.500 6.348   1.00 21.04 ? 35  GLY A C   1 
ATOM   286  O  O   . GLY A 1 35  ? -17.211 -15.915 5.830   1.00 20.51 ? 35  GLY A O   1 
ATOM   287  N  N   . VAL A 1 36  ? -18.357 -14.270 6.837   1.00 20.63 ? 36  VAL A N   1 
ATOM   288  C  CA  . VAL A 1 36  ? -17.233 -13.348 6.787   1.00 20.16 ? 36  VAL A CA  1 
ATOM   289  C  C   . VAL A 1 36  ? -16.273 -13.611 7.957   1.00 20.96 ? 36  VAL A C   1 
ATOM   290  O  O   . VAL A 1 36  ? -16.345 -12.958 9.015   1.00 21.60 ? 36  VAL A O   1 
ATOM   291  C  CB  . VAL A 1 36  ? -17.703 -11.874 6.723   1.00 19.74 ? 36  VAL A CB  1 
ATOM   292  C  CG1 . VAL A 1 36  ? -16.535 -10.896 6.891   1.00 19.41 ? 36  VAL A CG1 1 
ATOM   293  C  CG2 . VAL A 1 36  ? -18.431 -11.617 5.409   1.00 18.83 ? 36  VAL A CG2 1 
ATOM   294  N  N   . ASP A 1 37  ? -15.393 -14.592 7.749   1.00 63.25 ? 37  ASP A N   1 
ATOM   295  C  CA  . ASP A 1 37  ? -14.328 -14.927 8.691   1.00 63.49 ? 37  ASP A CA  1 
ATOM   296  C  C   . ASP A 1 37  ? -12.956 -14.653 8.071   1.00 63.30 ? 37  ASP A C   1 
ATOM   297  O  O   . ASP A 1 37  ? -12.855 -14.315 6.889   1.00 63.05 ? 37  ASP A O   1 
ATOM   298  C  CB  . ASP A 1 37  ? -14.441 -16.391 9.133   1.00 64.02 ? 37  ASP A CB  1 
ATOM   299  C  CG  . ASP A 1 37  ? -14.330 -17.376 7.969   1.00 64.13 ? 37  ASP A CG  1 
ATOM   300  O  OD1 . ASP A 1 37  ? -13.851 -16.976 6.886   1.00 63.88 ? 37  ASP A OD1 1 
ATOM   301  O  OD2 . ASP A 1 37  ? -14.714 -18.556 8.141   1.00 64.54 ? 37  ASP A OD2 1 
ATOM   302  N  N   . ARG A 1 38  ? -11.904 -14.800 8.868   1.00 74.81 ? 38  ARG A N   1 
ATOM   303  C  CA  . ARG A 1 38  ? -10.549 -14.473 8.424   1.00 74.68 ? 38  ARG A CA  1 
ATOM   304  C  C   . ARG A 1 38  ? -10.175 -15.062 7.057   1.00 74.75 ? 38  ARG A C   1 
ATOM   305  O  O   . ARG A 1 38  ? -9.690  -14.357 6.170   1.00 74.49 ? 38  ARG A O   1 
ATOM   306  C  CB  . ARG A 1 38  ? -9.527  -14.880 9.489   1.00 75.00 ? 38  ARG A CB  1 
ATOM   307  C  CG  . ARG A 1 38  ? -8.175  -15.269 8.936   1.00 75.18 ? 38  ARG A CG  1 
ATOM   308  C  CD  . ARG A 1 38  ? -7.086  -15.032 9.961   1.00 75.36 ? 38  ARG A CD  1 
ATOM   309  N  NE  . ARG A 1 38  ? -6.750  -13.615 10.060  1.00 74.94 ? 38  ARG A NE  1 
ATOM   310  C  CZ  . ARG A 1 38  ? -5.852  -13.007 9.288   1.00 74.68 ? 38  ARG A CZ  1 
ATOM   311  N  NH1 . ARG A 1 38  ? -5.195  -13.690 8.359   1.00 74.84 ? 38  ARG A NH1 1 
ATOM   312  N  NH2 . ARG A 1 38  ? -5.609  -11.712 9.447   1.00 74.32 ? 38  ARG A NH2 1 
ATOM   313  N  N   . GLN A 1 39  ? -10.403 -16.357 6.895   1.00 42.04 ? 39  GLN A N   1 
ATOM   314  C  CA  . GLN A 1 39  ? -10.068 -17.053 5.660   1.00 42.26 ? 39  GLN A CA  1 
ATOM   315  C  C   . GLN A 1 39  ? -10.787 -16.473 4.444   1.00 41.96 ? 39  GLN A C   1 
ATOM   316  O  O   . GLN A 1 39  ? -10.234 -16.440 3.342   1.00 42.03 ? 39  GLN A O   1 
ATOM   317  C  CB  . GLN A 1 39  ? -10.375 -18.543 5.813   1.00 42.75 ? 39  GLN A CB  1 
ATOM   318  C  CG  . GLN A 1 39  ? -9.309  -19.282 6.578   1.00 43.21 ? 39  GLN A CG  1 
ATOM   319  C  CD  . GLN A 1 39  ? -8.016  -19.323 5.796   1.00 43.33 ? 39  GLN A CD  1 
ATOM   320  O  OE1 . GLN A 1 39  ? -6.946  -18.982 6.312   1.00 43.24 ? 39  GLN A OE1 1 
ATOM   321  N  NE2 . GLN A 1 39  ? -8.110  -19.715 4.525   1.00 43.59 ? 39  GLN A NE2 1 
ATOM   322  N  N   . PHE A 1 40  ? -12.025 -16.026 4.648   1.00 43.78 ? 40  PHE A N   1 
ATOM   323  C  CA  . PHE A 1 40  ? -12.802 -15.373 3.597   1.00 43.50 ? 40  PHE A CA  1 
ATOM   324  C  C   . PHE A 1 40  ? -12.198 -14.002 3.292   1.00 43.09 ? 40  PHE A C   1 
ATOM   325  O  O   . PHE A 1 40  ? -12.124 -13.589 2.130   1.00 43.04 ? 40  PHE A O   1 
ATOM   326  C  CB  . PHE A 1 40  ? -14.284 -15.244 4.001   1.00 43.40 ? 40  PHE A CB  1 
ATOM   327  C  CG  . PHE A 1 40  ? -15.085 -14.326 3.101   1.00 43.08 ? 40  PHE A CG  1 
ATOM   328  C  CD1 . PHE A 1 40  ? -15.746 -14.822 1.978   1.00 43.28 ? 40  PHE A CD1 1 
ATOM   329  C  CD2 . PHE A 1 40  ? -15.165 -12.963 3.366   1.00 42.65 ? 40  PHE A CD2 1 
ATOM   330  C  CE1 . PHE A 1 40  ? -16.478 -13.971 1.135   1.00 43.07 ? 40  PHE A CE1 1 
ATOM   331  C  CE2 . PHE A 1 40  ? -15.885 -12.110 2.529   1.00 42.41 ? 40  PHE A CE2 1 
ATOM   332  C  CZ  . PHE A 1 40  ? -16.547 -12.615 1.414   1.00 42.64 ? 40  PHE A CZ  1 
ATOM   333  N  N   . ASN A 1 41  ? -11.770 -13.291 4.333   1.00 43.61 ? 41  ASN A N   1 
ATOM   334  C  CA  . ASN A 1 41  ? -11.134 -11.997 4.117   1.00 43.24 ? 41  ASN A CA  1 
ATOM   335  C  C   . ASN A 1 41  ? -9.914  -12.148 3.219   1.00 43.41 ? 41  ASN A C   1 
ATOM   336  O  O   . ASN A 1 41  ? -9.770  -11.420 2.239   1.00 43.26 ? 41  ASN A O   1 
ATOM   337  C  CB  . ASN A 1 41  ? -10.756 -11.317 5.439   1.00 43.10 ? 41  ASN A CB  1 
ATOM   338  C  CG  . ASN A 1 41  ? -10.142 -9.933  5.236   1.00 42.70 ? 41  ASN A CG  1 
ATOM   339  O  OD1 . ASN A 1 41  ? -9.909  -9.503  4.113   1.00 42.68 ? 41  ASN A OD1 1 
ATOM   340  N  ND2 . ASN A 1 41  ? -9.871  -9.240  6.328   1.00 42.41 ? 41  ASN A ND2 1 
ATOM   341  N  N   . GLU A 1 42  ? -9.047  -13.104 3.543   1.00 70.10 ? 42  GLU A N   1 
ATOM   342  C  CA  . GLU A 1 42  ? -7.823  -13.306 2.775   1.00 70.39 ? 42  GLU A CA  1 
ATOM   343  C  C   . GLU A 1 42  ? -8.051  -13.188 1.267   1.00 70.52 ? 42  GLU A C   1 
ATOM   344  O  O   . GLU A 1 42  ? -7.217  -12.627 0.561   1.00 70.63 ? 42  GLU A O   1 
ATOM   345  C  CB  . GLU A 1 42  ? -7.154  -14.635 3.136   1.00 70.92 ? 42  GLU A CB  1 
ATOM   346  C  CG  . GLU A 1 42  ? -6.446  -14.620 4.491   1.00 70.93 ? 42  GLU A CG  1 
ATOM   347  C  CD  . GLU A 1 42  ? -5.526  -15.819 4.695   1.00 71.52 ? 42  GLU A CD  1 
ATOM   348  O  OE1 . GLU A 1 42  ? -5.675  -16.827 3.967   1.00 71.91 ? 42  GLU A OE1 1 
ATOM   349  O  OE2 . GLU A 1 42  ? -4.647  -15.755 5.584   1.00 71.63 ? 42  GLU A OE2 1 
ATOM   350  N  N   . GLN A 1 43  ? -9.182  -13.688 0.776   1.00 50.22 ? 43  GLN A N   1 
ATOM   351  C  CA  . GLN A 1 43  ? -9.481  -13.592 -0.655  1.00 50.46 ? 43  GLN A CA  1 
ATOM   352  C  C   . GLN A 1 43  ? -10.165 -12.270 -1.031  1.00 50.06 ? 43  GLN A C   1 
ATOM   353  O  O   . GLN A 1 43  ? -10.976 -12.208 -1.960  1.00 50.23 ? 43  GLN A O   1 
ATOM   354  C  CB  . GLN A 1 43  ? -10.312 -14.788 -1.136  1.00 50.85 ? 43  GLN A CB  1 
ATOM   355  C  CG  . GLN A 1 43  ? -11.721 -14.816 -0.587  1.00 50.54 ? 43  GLN A CG  1 
ATOM   356  C  CD  . GLN A 1 43  ? -12.752 -15.235 -1.626  1.00 50.92 ? 43  GLN A CD  1 
ATOM   357  O  OE1 . GLN A 1 43  ? -12.447 -15.344 -2.818  1.00 51.39 ? 43  GLN A OE1 1 
ATOM   358  N  NE2 . GLN A 1 43  ? -13.986 -15.467 -1.174  1.00 50.78 ? 43  GLN A NE2 1 
ATOM   359  N  N   . LEU A 1 44  ? -9.829  -11.218 -0.295  1.00 44.12 ? 44  LEU A N   1 
ATOM   360  C  CA  . LEU A 1 44  ? -10.264 -9.869  -0.625  1.00 43.77 ? 44  LEU A CA  1 
ATOM   361  C  C   . LEU A 1 44  ? -9.052  -8.956  -0.801  1.00 43.71 ? 44  LEU A C   1 
ATOM   362  O  O   . LEU A 1 44  ? -9.199  -7.742  -0.957  1.00 43.41 ? 44  LEU A O   1 
ATOM   363  C  CB  . LEU A 1 44  ? -11.190 -9.304  0.458   1.00 43.25 ? 44  LEU A CB  1 
ATOM   364  C  CG  . LEU A 1 44  ? -12.632 -9.830  0.494   1.00 43.27 ? 44  LEU A CG  1 
ATOM   365  C  CD1 . LEU A 1 44  ? -13.456 -9.089  1.535   1.00 42.83 ? 44  LEU A CD1 1 
ATOM   366  C  CD2 . LEU A 1 44  ? -13.302 -9.749  -0.886  1.00 43.58 ? 44  LEU A CD2 1 
ATOM   367  N  N   . LYS A 1 45  ? -7.858  -9.543  -0.776  1.00 46.52 ? 45  LYS A N   1 
ATOM   368  C  CA  . LYS A 1 45  ? -6.628  -8.765  -0.880  1.00 46.54 ? 45  LYS A CA  1 
ATOM   369  C  C   . LYS A 1 45  ? -6.618  -7.965  -2.175  1.00 46.75 ? 45  LYS A C   1 
ATOM   370  O  O   . LYS A 1 45  ? -6.849  -8.508  -3.258  1.00 47.29 ? 45  LYS A O   1 
ATOM   371  C  CB  . LYS A 1 45  ? -5.387  -9.665  -0.790  1.00 47.00 ? 45  LYS A CB  1 
ATOM   372  C  CG  . LYS A 1 45  ? -4.091  -8.907  -0.508  1.00 46.92 ? 45  LYS A CG  1 
ATOM   373  C  CD  . LYS A 1 45  ? -2.898  -9.854  -0.408  1.00 47.49 ? 45  LYS A CD  1 
ATOM   374  C  CE  . LYS A 1 45  ? -1.722  -9.199  0.320   1.00 47.37 ? 45  LYS A CE  1 
ATOM   375  N  NZ  . LYS A 1 45  ? -0.815  -10.198 0.989   1.00 47.86 ? 45  LYS A NZ  1 
ATOM   376  N  N   . GLY A 1 46  ? -6.358  -6.669  -2.055  1.00 65.41 ? 46  GLY A N   1 
ATOM   377  C  CA  . GLY A 1 46  ? -6.371  -5.795  -3.208  1.00 65.65 ? 46  GLY A CA  1 
ATOM   378  C  C   . GLY A 1 46  ? -7.610  -6.008  -4.051  1.00 65.91 ? 46  GLY A C   1 
ATOM   379  O  O   . GLY A 1 46  ? -7.527  -6.080  -5.277  1.00 66.58 ? 46  GLY A O   1 
ATOM   380  N  N   . VAL A 1 47  ? -8.760  -6.132  -3.392  1.00 49.07 ? 47  VAL A N   1 
ATOM   381  C  CA  . VAL A 1 47  ? -10.036 -6.196  -4.098  1.00 49.31 ? 47  VAL A CA  1 
ATOM   382  C  C   . VAL A 1 47  ? -10.861 -4.943  -3.800  1.00 48.88 ? 47  VAL A C   1 
ATOM   383  O  O   . VAL A 1 47  ? -11.020 -4.554  -2.637  1.00 48.26 ? 47  VAL A O   1 
ATOM   384  C  CB  . VAL A 1 47  ? -10.841 -7.464  -3.740  1.00 49.32 ? 47  VAL A CB  1 
ATOM   385  C  CG1 . VAL A 1 47  ? -12.271 -7.349  -4.247  1.00 49.42 ? 47  VAL A CG1 1 
ATOM   386  C  CG2 . VAL A 1 47  ? -10.182 -8.679  -4.332  1.00 49.93 ? 47  VAL A CG2 1 
ATOM   387  N  N   . SER A 1 48  ? -11.359 -4.311  -4.858  1.00 37.44 ? 48  SER A N   1 
ATOM   388  C  CA  . SER A 1 48  ? -12.168 -3.102  -4.751  1.00 37.21 ? 48  SER A CA  1 
ATOM   389  C  C   . SER A 1 48  ? -13.182 -3.160  -3.607  1.00 36.65 ? 48  SER A C   1 
ATOM   390  O  O   . SER A 1 48  ? -13.688 -4.231  -3.274  1.00 36.65 ? 48  SER A O   1 
ATOM   391  C  CB  . SER A 1 48  ? -12.900 -2.869  -6.071  1.00 37.97 ? 48  SER A CB  1 
ATOM   392  O  OG  . SER A 1 48  ? -14.084 -2.114  -5.873  1.00 37.87 ? 48  SER A OG  1 
ATOM   393  N  N   . ARG A 1 49  ? -13.493 -2.014  -3.007  1.00 44.36 ? 49  ARG A N   1 
ATOM   394  C  CA  . ARG A 1 49  ? -14.521 -1.995  -1.975  1.00 43.91 ? 49  ARG A CA  1 
ATOM   395  C  C   . ARG A 1 49  ? -15.841 -2.489  -2.536  1.00 44.31 ? 49  ARG A C   1 
ATOM   396  O  O   . ARG A 1 49  ? -16.537 -3.273  -1.908  1.00 44.10 ? 49  ARG A O   1 
ATOM   397  C  CB  . ARG A 1 49  ? -14.723 -0.599  -1.404  1.00 43.55 ? 49  ARG A CB  1 
ATOM   398  C  CG  . ARG A 1 49  ? -15.883 -0.551  -0.422  1.00 43.39 ? 49  ARG A CG  1 
ATOM   399  C  CD  . ARG A 1 49  ? -16.029 0.802   0.251   1.00 43.48 ? 49  ARG A CD  1 
ATOM   400  N  NE  . ARG A 1 49  ? -14.728 1.414   0.500   1.00 43.16 ? 49  ARG A NE  1 
ATOM   401  C  CZ  . ARG A 1 49  ? -14.319 2.537   -0.082  1.00 43.39 ? 49  ARG A CZ  1 
ATOM   402  N  NH1 . ARG A 1 49  ? -15.125 3.174   -0.925  1.00 43.97 ? 49  ARG A NH1 1 
ATOM   403  N  NH2 . ARG A 1 49  ? -13.116 3.024   0.190   1.00 43.09 ? 49  ARG A NH2 1 
ATOM   404  N  N   . GLU A 1 50  ? -16.182 -2.014  -3.725  1.00 51.58 ? 50  GLU A N   1 
ATOM   405  C  CA  . GLU A 1 50  ? -17.441 -2.366  -4.360  1.00 52.07 ? 50  GLU A CA  1 
ATOM   406  C  C   . GLU A 1 50  ? -17.478 -3.845  -4.739  1.00 52.33 ? 50  GLU A C   1 
ATOM   407  O  O   . GLU A 1 50  ? -18.495 -4.519  -4.555  1.00 52.33 ? 50  GLU A O   1 
ATOM   408  C  CB  . GLU A 1 50  ? -17.676 -1.483  -5.587  1.00 52.83 ? 50  GLU A CB  1 
ATOM   409  C  CG  . GLU A 1 50  ? -17.929 -0.009  -5.257  1.00 52.72 ? 50  GLU A CG  1 
ATOM   410  C  CD  . GLU A 1 50  ? -16.704 0.691   -4.663  1.00 52.18 ? 50  GLU A CD  1 
ATOM   411  O  OE1 . GLU A 1 50  ? -15.559 0.277   -4.975  1.00 52.18 ? 50  GLU A OE1 1 
ATOM   412  O  OE2 . GLU A 1 50  ? -16.890 1.661   -3.884  1.00 51.82 ? 50  GLU A OE2 1 
ATOM   413  N  N   . ASP A 1 51  ? -16.362 -4.347  -5.265  1.00 42.57 ? 51  ASP A N   1 
ATOM   414  C  CA  . ASP A 1 51  ? -16.236 -5.761  -5.589  1.00 42.84 ? 51  ASP A CA  1 
ATOM   415  C  C   . ASP A 1 51  ? -16.296 -6.584  -4.318  1.00 42.24 ? 51  ASP A C   1 
ATOM   416  O  O   . ASP A 1 51  ? -16.908 -7.642  -4.288  1.00 42.40 ? 51  ASP A O   1 
ATOM   417  C  CB  . ASP A 1 51  ? -14.918 -6.033  -6.312  1.00 43.16 ? 51  ASP A CB  1 
ATOM   418  C  CG  . ASP A 1 51  ? -14.977 -5.698  -7.794  1.00 44.03 ? 51  ASP A CG  1 
ATOM   419  O  OD1 . ASP A 1 51  ? -15.980 -6.047  -8.451  1.00 44.24 ? 51  ASP A OD1 1 
ATOM   420  O  OD2 . ASP A 1 51  ? -14.008 -5.095  -8.310  1.00 44.57 ? 51  ASP A OD2 1 
ATOM   421  N  N   . SER A 1 52  ? -15.651 -6.087  -3.271  1.00 20.73 ? 52  SER A N   1 
ATOM   422  C  CA  . SER A 1 52  ? -15.625 -6.768  -1.983  1.00 20.27 ? 52  SER A CA  1 
ATOM   423  C  C   . SER A 1 52  ? -17.037 -7.006  -1.481  1.00 20.17 ? 52  SER A C   1 
ATOM   424  O  O   . SER A 1 52  ? -17.389 -8.123  -1.093  1.00 20.30 ? 52  SER A O   1 
ATOM   425  C  CB  . SER A 1 52  ? -14.873 -5.941  -0.940  1.00 19.71 ? 52  SER A CB  1 
ATOM   426  O  OG  . SER A 1 52  ? -13.473 -6.029  -1.105  1.00 19.78 ? 52  SER A OG  1 
ATOM   427  N  N   . LEU A 1 53  ? -17.835 -5.944  -1.481  1.00 30.57 ? 53  LEU A N   1 
ATOM   428  C  CA  . LEU A 1 53  ? -19.205 -6.021  -1.014  1.00 30.54 ? 53  LEU A CA  1 
ATOM   429  C  C   . LEU A 1 53  ? -20.053 -7.002  -1.828  1.00 31.10 ? 53  LEU A C   1 
ATOM   430  O  O   . LEU A 1 53  ? -20.819 -7.784  -1.262  1.00 31.09 ? 53  LEU A O   1 
ATOM   431  C  CB  . LEU A 1 53  ? -19.847 -4.632  -1.008  1.00 30.67 ? 53  LEU A CB  1 
ATOM   432  C  CG  . LEU A 1 53  ? -21.370 -4.559  -0.855  1.00 31.18 ? 53  LEU A CG  1 
ATOM   433  C  CD1 . LEU A 1 53  ? -21.790 -4.883  0.578   1.00 31.06 ? 53  LEU A CD1 1 
ATOM   434  C  CD2 . LEU A 1 53  ? -21.864 -3.180  -1.265  1.00 31.58 ? 53  LEU A CD2 1 
ATOM   435  N  N   . GLN A 1 54  ? -19.931 -6.971  -3.147  1.00 23.02 ? 54  GLN A N   1 
ATOM   436  C  CA  . GLN A 1 54  ? -20.746 -7.865  -3.957  1.00 23.62 ? 54  GLN A CA  1 
ATOM   437  C  C   . GLN A 1 54  ? -20.499 -9.324  -3.551  1.00 23.61 ? 54  GLN A C   1 
ATOM   438  O  O   . GLN A 1 54  ? -21.432 -10.120 -3.448  1.00 23.84 ? 54  GLN A O   1 
ATOM   439  C  CB  . GLN A 1 54  ? -20.488 -7.655  -5.446  1.00 24.34 ? 54  GLN A CB  1 
ATOM   440  C  CG  . GLN A 1 54  ? -21.412 -8.456  -6.341  1.00 25.04 ? 54  GLN A CG  1 
ATOM   441  C  CD  . GLN A 1 54  ? -22.832 -7.914  -6.347  1.00 25.25 ? 54  GLN A CD  1 
ATOM   442  O  OE1 . GLN A 1 54  ? -23.081 -6.808  -6.839  1.00 25.61 ? 54  GLN A OE1 1 
ATOM   443  N  NE2 . GLN A 1 54  ? -23.777 -8.695  -5.811  1.00 25.11 ? 54  GLN A NE2 1 
ATOM   444  N  N   . LYS A 1 55  ? -19.238 -9.660  -3.301  1.00 43.11 ? 55  LYS A N   1 
ATOM   445  C  CA  . LYS A 1 55  ? -18.872 -11.001 -2.861  1.00 43.19 ? 55  LYS A CA  1 
ATOM   446  C  C   . LYS A 1 55  ? -19.563 -11.339 -1.545  1.00 42.85 ? 55  LYS A C   1 
ATOM   447  O  O   . LYS A 1 55  ? -20.059 -12.445 -1.340  1.00 43.11 ? 55  LYS A O   1 
ATOM   448  C  CB  . LYS A 1 55  ? -17.358 -11.096 -2.681  1.00 43.07 ? 55  LYS A CB  1 
ATOM   449  C  CG  . LYS A 1 55  ? -16.566 -10.943 -3.968  1.00 43.53 ? 55  LYS A CG  1 
ATOM   450  C  CD  . LYS A 1 55  ? -15.077 -11.132 -3.708  1.00 43.50 ? 55  LYS A CD  1 
ATOM   451  C  CE  . LYS A 1 55  ? -14.289 -11.346 -5.004  1.00 44.13 ? 55  LYS A CE  1 
ATOM   452  N  NZ  . LYS A 1 55  ? -14.344 -12.750 -5.520  1.00 44.76 ? 55  LYS A NZ  1 
ATOM   453  N  N   . ILE A 1 56  ? -19.580 -10.368 -0.646  1.00 24.97 ? 56  ILE A N   1 
ATOM   454  C  CA  . ILE A 1 56  ? -20.197 -10.543 0.649   1.00 24.78 ? 56  ILE A CA  1 
ATOM   455  C  C   . ILE A 1 56  ? -21.710 -10.724 0.484   1.00 24.99 ? 56  ILE A C   1 
ATOM   456  O  O   . ILE A 1 56  ? -22.325 -11.569 1.153   1.00 25.18 ? 56  ILE A O   1 
ATOM   457  C  CB  . ILE A 1 56  ? -19.891 -9.348  1.558   1.00 24.36 ? 56  ILE A CB  1 
ATOM   458  C  CG1 . ILE A 1 56  ? -18.389 -9.252  1.809   1.00 24.17 ? 56  ILE A CG1 1 
ATOM   459  C  CG2 . ILE A 1 56  ? -20.644 -9.476  2.861   1.00 24.50 ? 56  ILE A CG2 1 
ATOM   460  C  CD1 . ILE A 1 56  ? -18.016 -8.379  3.000   1.00 23.91 ? 56  ILE A CD1 1 
ATOM   461  N  N   . LEU A 1 57  ? -22.303 -9.933  -0.412  1.00 24.24 ? 57  LEU A N   1 
ATOM   462  C  CA  . LEU A 1 57  ? -23.716 -10.079 -0.732  1.00 24.58 ? 57  LEU A CA  1 
ATOM   463  C  C   . LEU A 1 57  ? -23.982 -11.466 -1.298  1.00 25.04 ? 57  LEU A C   1 
ATOM   464  O  O   . LEU A 1 57  ? -24.973 -12.105 -0.969  1.00 25.24 ? 57  LEU A O   1 
ATOM   465  C  CB  . LEU A 1 57  ? -24.169 -9.004  -1.728  1.00 24.98 ? 57  LEU A CB  1 
ATOM   466  C  CG  . LEU A 1 57  ? -24.316 -7.561  -1.214  1.00 24.98 ? 57  LEU A CG  1 
ATOM   467  C  CD1 . LEU A 1 57  ? -24.614 -6.561  -2.349  1.00 25.44 ? 57  LEU A CD1 1 
ATOM   468  C  CD2 . LEU A 1 57  ? -25.363 -7.472  -0.115  1.00 25.17 ? 57  LEU A CD2 1 
ATOM   469  N  N   . ASP A 1 58  ? -23.075 -11.935 -2.136  1.00 26.08 ? 58  ASP A N   1 
ATOM   470  C  CA  . ASP A 1 58  ? -23.270 -13.203 -2.808  1.00 26.63 ? 58  ASP A CA  1 
ATOM   471  C  C   . ASP A 1 58  ? -23.308 -14.378 -1.836  1.00 26.60 ? 58  ASP A C   1 
ATOM   472  O  O   . ASP A 1 58  ? -23.797 -15.449 -2.189  1.00 27.04 ? 58  ASP A O   1 
ATOM   473  C  CB  . ASP A 1 58  ? -22.186 -13.427 -3.867  1.00 27.02 ? 58  ASP A CB  1 
ATOM   474  C  CG  . ASP A 1 58  ? -22.295 -12.448 -5.057  1.00 27.37 ? 58  ASP A CG  1 
ATOM   475  O  OD1 . ASP A 1 58  ? -23.409 -11.918 -5.341  1.00 27.56 ? 58  ASP A OD1 1 
ATOM   476  O  OD2 . ASP A 1 58  ? -21.246 -12.214 -5.711  1.00 27.55 ? 58  ASP A OD2 1 
ATOM   477  N  N   . LEU A 1 59  ? -22.800 -14.182 -0.620  1.00 21.88 ? 59  LEU A N   1 
ATOM   478  C  CA  . LEU A 1 59  ? -22.760 -15.250 0.371   1.00 21.98 ? 59  LEU A CA  1 
ATOM   479  C  C   . LEU A 1 59  ? -24.157 -15.704 0.785   1.00 22.20 ? 59  LEU A C   1 
ATOM   480  O  O   . LEU A 1 59  ? -24.317 -16.767 1.403   1.00 22.47 ? 59  LEU A O   1 
ATOM   481  C  CB  . LEU A 1 59  ? -21.988 -14.802 1.609   1.00 21.65 ? 59  LEU A CB  1 
ATOM   482  C  CG  . LEU A 1 59  ? -20.462 -14.718 1.507   1.00 21.53 ? 59  LEU A CG  1 
ATOM   483  C  CD1 . LEU A 1 59  ? -19.873 -13.965 2.704   1.00 21.25 ? 59  LEU A CD1 1 
ATOM   484  C  CD2 . LEU A 1 59  ? -19.838 -16.106 1.381   1.00 21.95 ? 59  LEU A CD2 1 
ATOM   485  N  N   . ALA A 1 60  ? -25.159 -14.888 0.452   1.00 26.60 ? 60  ALA A N   1 
ATOM   486  C  CA  . ALA A 1 60  ? -26.547 -15.143 0.837   1.00 26.83 ? 60  ALA A CA  1 
ATOM   487  C  C   . ALA A 1 60  ? -27.481 -14.887 -0.336  1.00 27.09 ? 60  ALA A C   1 
ATOM   488  O  O   . ALA A 1 60  ? -28.707 -14.804 -0.163  1.00 27.37 ? 60  ALA A O   1 
ATOM   489  C  CB  . ALA A 1 60  ? -26.949 -14.268 2.032   1.00 26.67 ? 60  ALA A CB  1 
ATOM   490  N  N   . ASP A 1 61  ? -26.893 -14.763 -1.526  1.00 26.49 ? 61  ASP A N   1 
ATOM   491  C  CA  . ASP A 1 61  ? -27.659 -14.548 -2.747  1.00 26.96 ? 61  ASP A CA  1 
ATOM   492  C  C   . ASP A 1 61  ? -28.508 -13.281 -2.589  1.00 26.97 ? 61  ASP A C   1 
ATOM   493  O  O   . ASP A 1 61  ? -29.604 -13.151 -3.148  1.00 27.56 ? 61  ASP A O   1 
ATOM   494  C  CB  . ASP A 1 61  ? -28.526 -15.772 -3.055  1.00 27.50 ? 61  ASP A CB  1 
ATOM   495  C  CG  . ASP A 1 61  ? -28.729 -15.985 -4.538  1.00 28.16 ? 61  ASP A CG  1 
ATOM   496  O  OD1 . ASP A 1 61  ? -28.173 -15.199 -5.328  1.00 28.65 ? 61  ASP A OD1 1 
ATOM   497  O  OD2 . ASP A 1 61  ? -29.442 -16.944 -4.918  1.00 28.26 ? 61  ASP A OD2 1 
ATOM   498  N  N   . LYS A 1 62  ? -27.965 -12.346 -1.825  1.00 40.55 ? 62  LYS A N   1 
ATOM   499  C  CA  . LYS A 1 62  ? -28.661 -11.127 -1.484  1.00 40.82 ? 62  LYS A CA  1 
ATOM   500  C  C   . LYS A 1 62  ? -28.673 -10.137 -2.653  1.00 41.14 ? 62  LYS A C   1 
ATOM   501  O  O   . LYS A 1 62  ? -27.665 -9.942  -3.341  1.00 40.87 ? 62  LYS A O   1 
ATOM   502  C  CB  . LYS A 1 62  ? -28.000 -10.518 -0.247  1.00 40.37 ? 62  LYS A CB  1 
ATOM   503  C  CG  . LYS A 1 62  ? -28.508 -9.148  0.145   1.00 40.77 ? 62  LYS A CG  1 
ATOM   504  C  CD  . LYS A 1 62  ? -29.552 -9.224  1.226   1.00 40.49 ? 62  LYS A CD  1 
ATOM   505  C  CE  . LYS A 1 62  ? -29.658 -7.887  1.933   1.00 41.04 ? 62  LYS A CE  1 
ATOM   506  N  NZ  . LYS A 1 62  ? -30.993 -7.722  2.575   1.00 41.81 ? 62  LYS A NZ  1 
ATOM   507  N  N   . LYS A 1 63  ? -29.829 -9.522  -2.877  1.00 37.76 ? 63  LYS A N   1 
ATOM   508  C  CA  . LYS A 1 63  ? -29.992 -8.544  -3.943  1.00 38.22 ? 63  LYS A CA  1 
ATOM   509  C  C   . LYS A 1 63  ? -30.418 -7.219  -3.340  1.00 38.42 ? 63  LYS A C   1 
ATOM   510  O  O   . LYS A 1 63  ? -31.443 -7.138  -2.662  1.00 38.79 ? 63  LYS A O   1 
ATOM   511  C  CB  . LYS A 1 63  ? -31.042 -9.006  -4.953  1.00 39.00 ? 63  LYS A CB  1 
ATOM   512  C  CG  . LYS A 1 63  ? -30.801 -10.399 -5.522  1.00 38.95 ? 63  LYS A CG  1 
ATOM   513  C  CD  . LYS A 1 63  ? -29.732 -10.381 -6.613  1.00 38.38 ? 63  LYS A CD  1 
ATOM   514  C  CE  . LYS A 1 63  ? -29.345 -11.790 -7.085  1.00 38.82 ? 63  LYS A CE  1 
ATOM   515  N  NZ  . LYS A 1 63  ? -28.686 -12.587 -6.012  1.00 38.43 ? 63  LYS A NZ  1 
ATOM   516  N  N   . VAL A 1 64  ? -29.628 -6.179  -3.577  1.00 24.95 ? 64  VAL A N   1 
ATOM   517  C  CA  . VAL A 1 64  ? -29.941 -4.850  -3.057  1.00 25.21 ? 64  VAL A CA  1 
ATOM   518  C  C   . VAL A 1 64  ? -30.059 -3.804  -4.178  1.00 25.81 ? 64  VAL A C   1 
ATOM   519  O  O   . VAL A 1 64  ? -29.486 -3.968  -5.261  1.00 25.80 ? 64  VAL A O   1 
ATOM   520  C  CB  . VAL A 1 64  ? -28.906 -4.397  -1.968  1.00 24.48 ? 64  VAL A CB  1 
ATOM   521  C  CG1 . VAL A 1 64  ? -28.855 -5.407  -0.817  1.00 24.04 ? 64  VAL A CG1 1 
ATOM   522  C  CG2 . VAL A 1 64  ? -27.508 -4.167  -2.568  1.00 23.95 ? 64  VAL A CG2 1 
ATOM   523  N  N   . SER A 1 65  ? -30.801 -2.730  -3.917  1.00 34.80 ? 65  SER A N   1 
ATOM   524  C  CA  . SER A 1 65  ? -30.907 -1.637  -4.887  1.00 35.43 ? 65  SER A CA  1 
ATOM   525  C  C   . SER A 1 65  ? -29.575 -0.899  -5.047  1.00 34.90 ? 65  SER A C   1 
ATOM   526  O  O   . SER A 1 65  ? -28.662 -1.044  -4.226  1.00 34.09 ? 65  SER A O   1 
ATOM   527  C  CB  . SER A 1 65  ? -32.036 -0.652  -4.528  1.00 36.29 ? 65  SER A CB  1 
ATOM   528  O  OG  . SER A 1 65  ? -31.719 0.152   -3.403  1.00 36.03 ? 65  SER A OG  1 
ATOM   529  N  N   . ALA A 1 66  ? -29.473 -0.107  -6.110  1.00 28.99 ? 66  ALA A N   1 
ATOM   530  C  CA  . ALA A 1 66  ? -28.253 0.641   -6.369  1.00 28.61 ? 66  ALA A CA  1 
ATOM   531  C  C   . ALA A 1 66  ? -27.974 1.658   -5.265  1.00 28.33 ? 66  ALA A C   1 
ATOM   532  O  O   . ALA A 1 66  ? -26.818 1.919   -4.924  1.00 27.62 ? 66  ALA A O   1 
ATOM   533  C  CB  . ALA A 1 66  ? -28.328 1.316   -7.713  1.00 29.38 ? 66  ALA A CB  1 
ATOM   534  N  N   . GLU A 1 67  ? -29.029 2.231   -4.704  1.00 40.20 ? 67  GLU A N   1 
ATOM   535  C  CA  . GLU A 1 67  ? -28.866 3.197   -3.633  1.00 40.06 ? 67  GLU A CA  1 
ATOM   536  C  C   . GLU A 1 67  ? -28.396 2.509   -2.357  1.00 39.17 ? 67  GLU A C   1 
ATOM   537  O  O   . GLU A 1 67  ? -27.640 3.085   -1.582  1.00 38.66 ? 67  GLU A O   1 
ATOM   538  C  CB  . GLU A 1 67  ? -30.176 3.953   -3.378  1.00 41.07 ? 67  GLU A CB  1 
ATOM   539  C  CG  . GLU A 1 67  ? -30.052 5.119   -2.397  1.00 41.08 ? 67  GLU A CG  1 
ATOM   540  C  CD  . GLU A 1 67  ? -29.201 6.280   -2.937  1.00 40.72 ? 67  GLU A CD  1 
ATOM   541  O  OE1 . GLU A 1 67  ? -28.850 6.286   -4.143  1.00 41.39 ? 67  GLU A OE1 1 
ATOM   542  O  OE2 . GLU A 1 67  ? -28.886 7.196   -2.148  1.00 39.83 ? 67  GLU A OE2 1 
ATOM   543  N  N   . GLU A 1 68  ? -28.854 1.276   -2.148  1.00 60.65 ? 68  GLU A N   1 
ATOM   544  C  CA  . GLU A 1 68  ? -28.529 0.507   -0.950  1.00 59.94 ? 68  GLU A CA  1 
ATOM   545  C  C   . GLU A 1 68  ? -27.095 -0.020  -1.016  1.00 59.02 ? 68  GLU A C   1 
ATOM   546  O  O   . GLU A 1 68  ? -26.412 -0.120  -0.002  1.00 58.43 ? 68  GLU A O   1 
ATOM   547  C  CB  . GLU A 1 68  ? -29.537 -0.641  -0.772  1.00 60.15 ? 68  GLU A CB  1 
ATOM   548  C  CG  . GLU A 1 68  ? -29.123 -1.742  0.215   1.00 59.42 ? 68  GLU A CG  1 
ATOM   549  C  CD  . GLU A 1 68  ? -29.425 -1.406  1.679   1.00 59.72 ? 68  GLU A CD  1 
ATOM   550  O  OE1 . GLU A 1 68  ? -29.858 -0.263  1.955   1.00 60.56 ? 68  GLU A OE1 1 
ATOM   551  O  OE2 . GLU A 1 68  ? -29.230 -2.288  2.555   1.00 59.19 ? 68  GLU A OE2 1 
ATOM   552  N  N   . PHE A 1 69  ? -26.645 -0.338  -2.226  1.00 26.00 ? 69  PHE A N   1 
ATOM   553  C  CA  . PHE A 1 69  ? -25.286 -0.831  -2.464  1.00 25.27 ? 69  PHE A CA  1 
ATOM   554  C  C   . PHE A 1 69  ? -24.254 0.217   -2.090  1.00 24.93 ? 69  PHE A C   1 
ATOM   555  O  O   . PHE A 1 69  ? -23.230 -0.099  -1.455  1.00 24.22 ? 69  PHE A O   1 
ATOM   556  C  CB  . PHE A 1 69  ? -25.103 -1.199  -3.933  1.00 25.54 ? 69  PHE A CB  1 
ATOM   557  C  CG  . PHE A 1 69  ? -23.869 -2.001  -4.215  1.00 24.94 ? 69  PHE A CG  1 
ATOM   558  C  CD1 . PHE A 1 69  ? -23.944 -3.370  -4.390  1.00 24.82 ? 69  PHE A CD1 1 
ATOM   559  C  CD2 . PHE A 1 69  ? -22.629 -1.389  -4.331  1.00 24.58 ? 69  PHE A CD2 1 
ATOM   560  C  CE1 . PHE A 1 69  ? -22.801 -4.121  -4.664  1.00 24.38 ? 69  PHE A CE1 1 
ATOM   561  C  CE2 . PHE A 1 69  ? -21.483 -2.141  -4.599  1.00 24.13 ? 69  PHE A CE2 1 
ATOM   562  C  CZ  . PHE A 1 69  ? -21.578 -3.505  -4.771  1.00 24.18 ? 69  PHE A CZ  1 
ATOM   563  N  N   . LYS A 1 70  ? -24.521 1.465   -2.479  1.00 39.90 ? 70  LYS A N   1 
ATOM   564  C  CA  . LYS A 1 70  ? -23.579 2.541   -2.209  1.00 39.64 ? 70  LYS A CA  1 
ATOM   565  C  C   . LYS A 1 70  ? -23.653 2.988   -0.747  1.00 39.40 ? 70  LYS A C   1 
ATOM   566  O  O   . LYS A 1 70  ? -22.642 3.358   -0.147  1.00 38.84 ? 70  LYS A O   1 
ATOM   567  C  CB  . LYS A 1 70  ? -23.757 3.703   -3.192  1.00 40.33 ? 70  LYS A CB  1 
ATOM   568  C  CG  . LYS A 1 70  ? -24.550 4.890   -2.696  1.00 40.98 ? 70  LYS A CG  1 
ATOM   569  C  CD  . LYS A 1 70  ? -24.185 6.129   -3.521  1.00 41.41 ? 70  LYS A CD  1 
ATOM   570  C  CE  . LYS A 1 70  ? -25.163 7.297   -3.303  1.00 42.39 ? 70  LYS A CE  1 
ATOM   571  N  NZ  . LYS A 1 70  ? -24.652 8.587   -3.880  1.00 42.70 ? 70  LYS A NZ  1 
ATOM   572  N  N   . GLU A 1 71  ? -24.849 2.915   -0.173  1.00 68.11 ? 71  GLU A N   1 
ATOM   573  C  CA  . GLU A 1 71  ? -25.042 3.238   1.231   1.00 68.02 ? 71  GLU A CA  1 
ATOM   574  C  C   . GLU A 1 71  ? -24.296 2.238   2.108   1.00 67.20 ? 71  GLU A C   1 
ATOM   575  O  O   . GLU A 1 71  ? -23.687 2.619   3.109   1.00 66.84 ? 71  GLU A O   1 
ATOM   576  C  CB  . GLU A 1 71  ? -26.534 3.238   1.572   1.00 68.80 ? 71  GLU A CB  1 
ATOM   577  C  CG  . GLU A 1 71  ? -26.918 4.090   2.775   1.00 69.20 ? 71  GLU A CG  1 
ATOM   578  C  CD  . GLU A 1 71  ? -28.341 4.651   2.661   1.00 70.33 ? 71  GLU A CD  1 
ATOM   579  O  OE1 . GLU A 1 71  ? -29.120 4.151   1.808   1.00 70.76 ? 71  GLU A OE1 1 
ATOM   580  O  OE2 . GLU A 1 71  ? -28.676 5.596   3.419   1.00 70.84 ? 71  GLU A OE2 1 
ATOM   581  N  N   . LEU A 1 72  ? -24.339 0.961   1.725   1.00 26.39 ? 72  LEU A N   1 
ATOM   582  C  CA  . LEU A 1 72  ? -23.702 -0.106  2.507   1.00 25.73 ? 72  LEU A CA  1 
ATOM   583  C  C   . LEU A 1 72  ? -22.174 -0.062  2.451   1.00 25.05 ? 72  LEU A C   1 
ATOM   584  O  O   . LEU A 1 72  ? -21.505 -0.435  3.426   1.00 24.57 ? 72  LEU A O   1 
ATOM   585  C  CB  . LEU A 1 72  ? -24.163 -1.488  2.041   1.00 25.73 ? 72  LEU A CB  1 
ATOM   586  C  CG  . LEU A 1 72  ? -25.531 -2.050  2.419   1.00 26.27 ? 72  LEU A CG  1 
ATOM   587  C  CD1 . LEU A 1 72  ? -25.735 -3.345  1.666   1.00 26.17 ? 72  LEU A CD1 1 
ATOM   588  C  CD2 . LEU A 1 72  ? -25.662 -2.267  3.915   1.00 26.25 ? 72  LEU A CD2 1 
ATOM   589  N  N   . ALA A 1 73  ? -21.633 0.382   1.314   1.00 19.73 ? 73  ALA A N   1 
ATOM   590  C  CA  . ALA A 1 73  ? -20.185 0.478   1.145   1.00 19.18 ? 73  ALA A CA  1 
ATOM   591  C  C   . ALA A 1 73  ? -19.610 1.668   1.902   1.00 19.03 ? 73  ALA A C   1 
ATOM   592  O  O   . ALA A 1 73  ? -18.482 1.610   2.414   1.00 18.50 ? 73  ALA A O   1 
ATOM   593  C  CB  . ALA A 1 73  ? -19.807 0.548   -0.330  1.00 19.37 ? 73  ALA A CB  1 
ATOM   594  N  N   . LYS A 1 74  ? -20.381 2.747   1.967   1.00 30.14 ? 74  LYS A N   1 
ATOM   595  C  CA  . LYS A 1 74  ? -19.982 3.902   2.751   1.00 30.08 ? 74  LYS A CA  1 
ATOM   596  C  C   . LYS A 1 74  ? -19.885 3.482   4.216   1.00 29.75 ? 74  LYS A C   1 
ATOM   597  O  O   . LYS A 1 74  ? -18.892 3.754   4.895   1.00 29.35 ? 74  LYS A O   1 
ATOM   598  C  CB  . LYS A 1 74  ? -20.999 5.037   2.582   1.00 30.84 ? 74  LYS A CB  1 
ATOM   599  C  CG  . LYS A 1 74  ? -20.830 6.198   3.565   1.00 30.91 ? 74  LYS A CG  1 
ATOM   600  C  CD  . LYS A 1 74  ? -22.103 7.034   3.655   1.00 31.74 ? 74  LYS A CD  1 
ATOM   601  C  CE  . LYS A 1 74  ? -21.862 8.359   4.383   1.00 32.05 ? 74  LYS A CE  1 
ATOM   602  N  NZ  . LYS A 1 74  ? -21.361 8.153   5.778   1.00 31.68 ? 74  LYS A NZ  1 
ATOM   603  N  N   . ARG A 1 75  ? -20.925 2.801   4.686   1.00 54.40 ? 75  ARG A N   1 
ATOM   604  C  CA  . ARG A 1 75  ? -21.016 2.400   6.081   1.00 54.49 ? 75  ARG A CA  1 
ATOM   605  C  C   . ARG A 1 75  ? -19.841 1.508   6.476   1.00 53.97 ? 75  ARG A C   1 
ATOM   606  O  O   . ARG A 1 75  ? -19.467 1.434   7.645   1.00 54.19 ? 75  ARG A O   1 
ATOM   607  C  CB  . ARG A 1 75  ? -22.350 1.694   6.346   1.00 55.11 ? 75  ARG A CB  1 
ATOM   608  C  CG  . ARG A 1 75  ? -22.694 1.532   7.820   1.00 55.83 ? 75  ARG A CG  1 
ATOM   609  C  CD  . ARG A 1 75  ? -23.905 0.622   8.002   1.00 56.35 ? 75  ARG A CD  1 
ATOM   610  N  NE  . ARG A 1 75  ? -25.055 1.084   7.228   1.00 56.83 ? 75  ARG A NE  1 
ATOM   611  C  CZ  . ARG A 1 75  ? -26.207 0.427   7.132   1.00 57.32 ? 75  ARG A CZ  1 
ATOM   612  N  NH1 . ARG A 1 75  ? -26.365 -0.739  7.759   1.00 57.35 ? 75  ARG A NH1 1 
ATOM   613  N  NH2 . ARG A 1 75  ? -27.200 0.935   6.405   1.00 57.84 ? 75  ARG A NH2 1 
ATOM   614  N  N   . LYS A 1 76  ? -19.258 0.833   5.494   1.00 32.16 ? 76  LYS A N   1 
ATOM   615  C  CA  . LYS A 1 76  ? -18.086 -0.004  5.732   1.00 31.80 ? 76  LYS A CA  1 
ATOM   616  C  C   . LYS A 1 76  ? -16.878 0.888   5.886   1.00 31.55 ? 76  LYS A C   1 
ATOM   617  O  O   . LYS A 1 76  ? -16.068 0.695   6.785   1.00 31.61 ? 76  LYS A O   1 
ATOM   618  C  CB  . LYS A 1 76  ? -17.897 -1.017  4.591   1.00 31.35 ? 76  LYS A CB  1 
ATOM   619  C  CG  . LYS A 1 76  ? -16.479 -1.140  4.016   1.00 31.20 ? 76  LYS A CG  1 
ATOM   620  C  CD  . LYS A 1 76  ? -15.477 -1.688  5.012   1.00 30.86 ? 76  LYS A CD  1 
ATOM   621  C  CE  . LYS A 1 76  ? -14.298 -2.367  4.310   1.00 30.75 ? 76  LYS A CE  1 
ATOM   622  N  NZ  . LYS A 1 76  ? -13.228 -1.489  3.735   1.00 30.53 ? 76  LYS A NZ  1 
ATOM   623  N  N   . ASN A 1 77  ? -16.763 1.865   4.994   1.00 31.96 ? 77  ASN A N   1 
ATOM   624  C  CA  . ASN A 1 77  ? -15.734 2.890   5.098   1.00 31.74 ? 77  ASN A CA  1 
ATOM   625  C  C   . ASN A 1 77  ? -15.757 3.555   6.473   1.00 32.18 ? 77  ASN A C   1 
ATOM   626  O  O   . ASN A 1 77  ? -14.714 3.871   7.032   1.00 32.05 ? 77  ASN A O   1 
ATOM   627  C  CB  . ASN A 1 77  ? -15.919 3.944   4.001   1.00 32.09 ? 77  ASN A CB  1 
ATOM   628  C  CG  . ASN A 1 77  ? -15.046 5.176   4.214   1.00 31.96 ? 77  ASN A CG  1 
ATOM   629  O  OD1 . ASN A 1 77  ? -13.822 5.078   4.193   1.00 31.54 ? 77  ASN A OD1 1 
ATOM   630  N  ND2 . ASN A 1 77  ? -15.675 6.342   4.415   1.00 32.39 ? 77  ASN A ND2 1 
ATOM   631  N  N   . ASP A 1 78  ? -16.947 3.773   7.016   1.00 40.12 ? 78  ASP A N   1 
ATOM   632  C  CA  . ASP A 1 78  ? -17.043 4.431   8.306   1.00 40.66 ? 78  ASP A CA  1 
ATOM   633  C  C   . ASP A 1 78  ? -16.466 3.544   9.391   1.00 40.69 ? 78  ASP A C   1 
ATOM   634  O  O   . ASP A 1 78  ? -15.693 4.008   10.226  1.00 40.71 ? 78  ASP A O   1 
ATOM   635  C  CB  . ASP A 1 78  ? -18.484 4.823   8.623   1.00 41.44 ? 78  ASP A CB  1 
ATOM   636  C  CG  . ASP A 1 78  ? -18.972 5.960   7.751   1.00 41.61 ? 78  ASP A CG  1 
ATOM   637  O  OD1 . ASP A 1 78  ? -18.132 6.552   7.036   1.00 41.21 ? 78  ASP A OD1 1 
ATOM   638  O  OD2 . ASP A 1 78  ? -20.186 6.261   7.761   1.00 42.22 ? 78  ASP A OD2 1 
ATOM   639  N  N   . ASN A 1 79  ? -16.838 2.267   9.373   1.00 43.89 ? 79  ASN A N   1 
ATOM   640  C  CA  . ASN A 1 79  ? -16.285 1.301   10.318  1.00 43.99 ? 79  ASN A CA  1 
ATOM   641  C  C   . ASN A 1 79  ? -14.762 1.234   10.199  1.00 43.50 ? 79  ASN A C   1 
ATOM   642  O  O   . ASN A 1 79  ? -14.045 1.242   11.205  1.00 43.66 ? 79  ASN A O   1 
ATOM   643  C  CB  . ASN A 1 79  ? -16.884 -0.096  10.102  1.00 44.06 ? 79  ASN A CB  1 
ATOM   644  C  CG  . ASN A 1 79  ? -18.401 -0.127  10.260  1.00 44.64 ? 79  ASN A CG  1 
ATOM   645  O  OD1 . ASN A 1 79  ? -19.048 -1.107  9.876   1.00 44.68 ? 79  ASN A OD1 1 
ATOM   646  N  ND2 . ASN A 1 79  ? -18.975 0.943   10.813  1.00 45.14 ? 79  ASN A ND2 1 
ATOM   647  N  N   . TYR A 1 80  ? -14.275 1.171   8.963   1.00 21.84 ? 80  TYR A N   1 
ATOM   648  C  CA  . TYR A 1 80  ? -12.845 1.212   8.707   1.00 21.43 ? 80  TYR A CA  1 
ATOM   649  C  C   . TYR A 1 80  ? -12.162 2.386   9.393   1.00 21.44 ? 80  TYR A C   1 
ATOM   650  O  O   . TYR A 1 80  ? -11.083 2.231   9.982   1.00 21.42 ? 80  TYR A O   1 
ATOM   651  C  CB  . TYR A 1 80  ? -12.536 1.258   7.214   1.00 20.93 ? 80  TYR A CB  1 
ATOM   652  C  CG  . TYR A 1 80  ? -11.042 1.186   6.960   1.00 20.63 ? 80  TYR A CG  1 
ATOM   653  C  CD1 . TYR A 1 80  ? -10.357 -0.016  7.087   1.00 20.73 ? 80  TYR A CD1 1 
ATOM   654  C  CD2 . TYR A 1 80  ? -10.315 2.325   6.631   1.00 20.33 ? 80  TYR A CD2 1 
ATOM   655  C  CE1 . TYR A 1 80  ? -9.006  -0.086  6.877   1.00 20.61 ? 80  TYR A CE1 1 
ATOM   656  C  CE2 . TYR A 1 80  ? -8.958  2.264   6.417   1.00 20.15 ? 80  TYR A CE2 1 
ATOM   657  C  CZ  . TYR A 1 80  ? -8.309  1.054   6.542   1.00 20.32 ? 80  TYR A CZ  1 
ATOM   658  O  OH  . TYR A 1 80  ? -6.953  0.982   6.330   1.00 20.27 ? 80  TYR A OH  1 
ATOM   659  N  N   . VAL A 1 81  ? -12.780 3.560   9.322   1.00 9.09  ? 81  VAL A N   1 
ATOM   660  C  CA  . VAL A 1 81  ? -12.189 4.756   9.944   1.00 9.16  ? 81  VAL A CA  1 
ATOM   661  C  C   . VAL A 1 81  ? -12.229 4.779   11.479  1.00 9.66  ? 81  VAL A C   1 
ATOM   662  O  O   . VAL A 1 81  ? -11.300 5.304   12.104  1.00 9.59  ? 81  VAL A O   1 
ATOM   663  C  CB  . VAL A 1 81  ? -12.738 6.062   9.335   1.00 9.24  ? 81  VAL A CB  1 
ATOM   664  C  CG1 . VAL A 1 81  ? -12.283 7.273   10.140  1.00 9.32  ? 81  VAL A CG1 1 
ATOM   665  C  CG2 . VAL A 1 81  ? -12.256 6.172   7.895   1.00 8.74  ? 81  VAL A CG2 1 
ATOM   666  N  N   . LYS A 1 82  ? -13.279 4.201   12.077  1.00 35.54 ? 82  LYS A N   1 
ATOM   667  C  CA  . LYS A 1 82  ? -13.312 3.957   13.522  1.00 36.05 ? 82  LYS A CA  1 
ATOM   668  C  C   . LYS A 1 82  ? -12.187 3.002   13.914  1.00 35.88 ? 82  LYS A C   1 
ATOM   669  O  O   . LYS A 1 82  ? -11.582 3.120   14.982  1.00 36.09 ? 82  LYS A O   1 
ATOM   670  C  CB  . LYS A 1 82  ? -14.644 3.332   13.943  1.00 36.76 ? 82  LYS A CB  1 
ATOM   671  C  CG  . LYS A 1 82  ? -15.834 4.274   13.961  1.00 36.76 ? 82  LYS A CG  1 
ATOM   672  C  CD  . LYS A 1 82  ? -17.155 3.509   13.793  1.00 37.46 ? 82  LYS A CD  1 
ATOM   673  C  CE  . LYS A 1 82  ? -18.222 4.369   13.108  1.00 37.52 ? 82  LYS A CE  1 
ATOM   674  N  NZ  . LYS A 1 82  ? -19.242 3.549   12.380  1.00 38.09 ? 82  LYS A NZ  1 
ATOM   675  N  N   . MET A 1 83  ? -11.915 2.047   13.036  1.00 31.95 ? 83  MET A N   1 
ATOM   676  C  CA  . MET A 1 83  ? -10.975 0.987   13.351  1.00 31.85 ? 83  MET A CA  1 
ATOM   677  C  C   . MET A 1 83  ? -9.531  1.485   13.379  1.00 31.52 ? 83  MET A C   1 
ATOM   678  O  O   . MET A 1 83  ? -8.754  1.132   14.264  1.00 31.70 ? 83  MET A O   1 
ATOM   679  C  CB  . MET A 1 83  ? -11.112 -0.145  12.333  1.00 31.63 ? 83  MET A CB  1 
ATOM   680  C  CG  . MET A 1 83  ? -11.427 -1.501  12.950  1.00 32.03 ? 83  MET A CG  1 
ATOM   681  S  SD  . MET A 1 83  ? -13.199 -1.862  13.096  1.00 32.47 ? 83  MET A SD  1 
ATOM   682  C  CE  . MET A 1 83  ? -13.780 -0.582  14.204  1.00 32.93 ? 83  MET A CE  1 
ATOM   683  N  N   . ILE A 1 84  ? -9.174  2.319   12.412  1.00 17.62 ? 84  ILE A N   1 
ATOM   684  C  CA  . ILE A 1 84  ? -7.778  2.680   12.242  1.00 17.32 ? 84  ILE A CA  1 
ATOM   685  C  C   . ILE A 1 84  ? -7.273  3.628   13.322  1.00 17.49 ? 84  ILE A C   1 
ATOM   686  O  O   . ILE A 1 84  ? -6.060  3.885   13.417  1.00 17.31 ? 84  ILE A O   1 
ATOM   687  C  CB  . ILE A 1 84  ? -7.461  3.183   10.815  1.00 16.82 ? 84  ILE A CB  1 
ATOM   688  C  CG1 . ILE A 1 84  ? -8.380  4.335   10.418  1.00 16.76 ? 84  ILE A CG1 1 
ATOM   689  C  CG2 . ILE A 1 84  ? -7.562  2.024   9.819   1.00 16.69 ? 84  ILE A CG2 1 
ATOM   690  C  CD1 . ILE A 1 84  ? -8.063  4.920   9.065   1.00 16.31 ? 84  ILE A CD1 1 
ATOM   691  N  N   . GLN A 1 85  ? -8.194  4.119   14.147  1.00 16.47 ? 85  GLN A N   1 
ATOM   692  C  CA  . GLN A 1 85  ? -7.829  4.865   15.359  1.00 16.76 ? 85  GLN A CA  1 
ATOM   693  C  C   . GLN A 1 85  ? -6.890  4.048   16.254  1.00 16.90 ? 85  GLN A C   1 
ATOM   694  O  O   . GLN A 1 85  ? -6.149  4.606   17.069  1.00 16.95 ? 85  GLN A O   1 
ATOM   695  C  CB  . GLN A 1 85  ? -9.084  5.219   16.162  1.00 17.34 ? 85  GLN A CB  1 
ATOM   696  C  CG  . GLN A 1 85  ? -10.194 5.774   15.314  1.00 17.34 ? 85  GLN A CG  1 
ATOM   697  C  CD  . GLN A 1 85  ? -9.855  7.140   14.786  1.00 17.08 ? 85  GLN A CD  1 
ATOM   698  O  OE1 . GLN A 1 85  ? -9.363  7.994   15.532  1.00 17.24 ? 85  GLN A OE1 1 
ATOM   699  N  NE2 . GLN A 1 85  ? -10.123 7.370   13.504  1.00 16.72 ? 85  GLN A NE2 1 
ATOM   700  N  N   . ASP A 1 86  ? -6.938  2.726   16.102  1.00 43.66 ? 86  ASP A N   1 
ATOM   701  C  CA  . ASP A 1 86  ? -6.100  1.821   16.878  1.00 43.84 ? 86  ASP A CA  1 
ATOM   702  C  C   . ASP A 1 86  ? -4.711  1.563   16.265  1.00 43.48 ? 86  ASP A C   1 
ATOM   703  O  O   . ASP A 1 86  ? -3.866  0.896   16.873  1.00 43.67 ? 86  ASP A O   1 
ATOM   704  C  CB  . ASP A 1 86  ? -6.832  0.499   17.104  1.00 44.16 ? 86  ASP A CB  1 
ATOM   705  C  CG  . ASP A 1 86  ? -7.979  0.633   18.085  1.00 44.75 ? 86  ASP A CG  1 
ATOM   706  O  OD1 . ASP A 1 86  ? -7.903  1.513   18.973  1.00 45.05 ? 86  ASP A OD1 1 
ATOM   707  O  OD2 . ASP A 1 86  ? -8.959  -0.143  17.961  1.00 44.95 ? 86  ASP A OD2 1 
ATOM   708  N  N   . VAL A 1 87  ? -4.481  2.081   15.063  1.00 18.01 ? 87  VAL A N   1 
ATOM   709  C  CA  . VAL A 1 87  ? -3.183  1.941   14.411  1.00 17.75 ? 87  VAL A CA  1 
ATOM   710  C  C   . VAL A 1 87  ? -2.120  2.669   15.232  1.00 17.78 ? 87  VAL A C   1 
ATOM   711  O  O   . VAL A 1 87  ? -2.386  3.736   15.804  1.00 17.80 ? 87  VAL A O   1 
ATOM   712  C  CB  . VAL A 1 87  ? -3.225  2.494   12.976  1.00 17.31 ? 87  VAL A CB  1 
ATOM   713  C  CG1 . VAL A 1 87  ? -1.847  2.916   12.507  1.00 17.10 ? 87  VAL A CG1 1 
ATOM   714  C  CG2 . VAL A 1 87  ? -3.861  1.477   12.017  1.00 17.28 ? 87  VAL A CG2 1 
ATOM   715  N  N   . SER A 1 88  ? -0.927  2.079   15.314  1.00 22.01 ? 88  SER A N   1 
ATOM   716  C  CA  . SER A 1 88  ? 0.159   2.645   16.116  1.00 22.08 ? 88  SER A CA  1 
ATOM   717  C  C   . SER A 1 88  ? 1.531   2.173   15.639  1.00 22.09 ? 88  SER A C   1 
ATOM   718  O  O   . SER A 1 88  ? 1.621   1.375   14.708  1.00 22.10 ? 88  SER A O   1 
ATOM   719  C  CB  . SER A 1 88  ? -0.033  2.285   17.591  1.00 22.52 ? 88  SER A CB  1 
ATOM   720  O  OG  . SER A 1 88  ? 0.103   0.892   17.788  1.00 22.83 ? 88  SER A OG  1 
ATOM   721  N  N   . PRO A 1 89  ? 2.605   2.665   16.278  1.00 11.05 ? 89  PRO A N   1 
ATOM   722  C  CA  . PRO A 1 89  ? 3.956   2.257   15.886  1.00 11.15 ? 89  PRO A CA  1 
ATOM   723  C  C   . PRO A 1 89  ? 4.173   0.741   15.936  1.00 11.55 ? 89  PRO A C   1 
ATOM   724  O  O   . PRO A 1 89  ? 5.144   0.246   15.371  1.00 11.70 ? 89  PRO A O   1 
ATOM   725  C  CB  . PRO A 1 89  ? 4.848   2.971   16.910  1.00 11.24 ? 89  PRO A CB  1 
ATOM   726  C  CG  . PRO A 1 89  ? 4.044   4.174   17.320  1.00 11.00 ? 89  PRO A CG  1 
ATOM   727  C  CD  . PRO A 1 89  ? 2.622   3.711   17.315  1.00 11.05 ? 89  PRO A CD  1 
ATOM   728  N  N   . ALA A 1 90  ? 3.294   0.000   16.594  1.00 25.07 ? 90  ALA A N   1 
ATOM   729  C  CA  . ALA A 1 90  ? 3.427   -1.456  16.580  1.00 25.46 ? 90  ALA A CA  1 
ATOM   730  C  C   . ALA A 1 90  ? 2.970   -2.017  15.233  1.00 25.34 ? 90  ALA A C   1 
ATOM   731  O  O   . ALA A 1 90  ? 3.189   -3.187  14.923  1.00 25.65 ? 90  ALA A O   1 
ATOM   732  C  CB  . ALA A 1 90  ? 2.648   -2.084  17.717  1.00 25.76 ? 90  ALA A CB  1 
ATOM   733  N  N   . ASP A 1 91  ? 2.343   -1.171  14.426  1.00 34.31 ? 91  ASP A N   1 
ATOM   734  C  CA  . ASP A 1 91  ? 1.781   -1.624  13.164  1.00 34.19 ? 91  ASP A CA  1 
ATOM   735  C  C   . ASP A 1 91  ? 2.808   -1.608  12.045  1.00 34.19 ? 91  ASP A C   1 
ATOM   736  O  O   . ASP A 1 91  ? 2.650   -2.291  11.032  1.00 34.31 ? 91  ASP A O   1 
ATOM   737  C  CB  . ASP A 1 91  ? 0.538   -0.800  12.804  1.00 33.80 ? 91  ASP A CB  1 
ATOM   738  C  CG  . ASP A 1 91  ? -0.704  -1.283  13.537  1.00 33.95 ? 91  ASP A CG  1 
ATOM   739  O  OD1 . ASP A 1 91  ? -0.714  -2.466  13.941  1.00 34.04 ? 91  ASP A OD1 1 
ATOM   740  O  OD2 . ASP A 1 91  ? -1.662  -0.495  13.719  1.00 34.04 ? 91  ASP A OD2 1 
ATOM   741  N  N   . VAL A 1 92  ? 3.866   -0.829  12.247  1.00 20.61 ? 92  VAL A N   1 
ATOM   742  C  CA  . VAL A 1 92  ? 4.963   -0.711  11.282  1.00 19.99 ? 92  VAL A CA  1 
ATOM   743  C  C   . VAL A 1 92  ? 5.635   -2.064  10.986  1.00 20.05 ? 92  VAL A C   1 
ATOM   744  O  O   . VAL A 1 92  ? 6.093   -2.763  11.898  1.00 20.61 ? 92  VAL A O   1 
ATOM   745  C  CB  . VAL A 1 92  ? 6.007   0.318   11.779  1.00 19.94 ? 92  VAL A CB  1 
ATOM   746  C  CG1 . VAL A 1 92  ? 7.030   0.613   10.718  1.00 19.40 ? 92  VAL A CG1 1 
ATOM   747  C  CG2 . VAL A 1 92  ? 5.311   1.616   12.222  1.00 19.86 ? 92  VAL A CG2 1 
ATOM   748  N  N   . TYR A 1 93  ? 5.657   -2.445  9.713   1.00 21.91 ? 93  TYR A N   1 
ATOM   749  C  CA  . TYR A 1 93  ? 6.368   -3.652  9.286   1.00 21.94 ? 93  TYR A CA  1 
ATOM   750  C  C   . TYR A 1 93  ? 7.851   -3.699  9.759   1.00 22.10 ? 93  TYR A C   1 
ATOM   751  O  O   . TYR A 1 93  ? 8.408   -2.677  10.162  1.00 22.06 ? 93  TYR A O   1 
ATOM   752  C  CB  . TYR A 1 93  ? 6.284   -3.798  7.770   1.00 21.35 ? 93  TYR A CB  1 
ATOM   753  C  CG  . TYR A 1 93  ? 5.195   -4.728  7.269   1.00 21.47 ? 93  TYR A CG  1 
ATOM   754  C  CD1 . TYR A 1 93  ? 4.617   -5.684  8.097   1.00 21.09 ? 93  TYR A CD1 1 
ATOM   755  C  CD2 . TYR A 1 93  ? 4.780   -4.676  5.940   1.00 22.10 ? 93  TYR A CD2 1 
ATOM   756  C  CE1 . TYR A 1 93  ? 3.639   -6.538  7.611   1.00 21.21 ? 93  TYR A CE1 1 
ATOM   757  C  CE2 . TYR A 1 93  ? 3.824   -5.523  5.451   1.00 22.27 ? 93  TYR A CE2 1 
ATOM   758  C  CZ  . TYR A 1 93  ? 3.249   -6.449  6.280   1.00 21.83 ? 93  TYR A CZ  1 
ATOM   759  O  OH  . TYR A 1 93  ? 2.273   -7.276  5.755   1.00 22.09 ? 93  TYR A OH  1 
ATOM   760  N  N   . PRO A 1 94  ? 8.483   -4.891  9.738   1.00 28.01 ? 94  PRO A N   1 
ATOM   761  C  CA  . PRO A 1 94  ? 9.889   -4.982  10.179  1.00 28.21 ? 94  PRO A CA  1 
ATOM   762  C  C   . PRO A 1 94  ? 10.910  -4.444  9.169   1.00 27.65 ? 94  PRO A C   1 
ATOM   763  O  O   . PRO A 1 94  ? 10.754  -4.630  7.959   1.00 27.40 ? 94  PRO A O   1 
ATOM   764  C  CB  . PRO A 1 94  ? 10.105  -6.488  10.403  1.00 28.65 ? 94  PRO A CB  1 
ATOM   765  C  CG  . PRO A 1 94  ? 8.754   -7.068  10.493  1.00 28.85 ? 94  PRO A CG  1 
ATOM   766  C  CD  . PRO A 1 94  ? 7.858   -6.219  9.642   1.00 28.28 ? 94  PRO A CD  1 
ATOM   767  N  N   . GLY A 1 95  ? 11.955  -3.790  9.676   1.00 16.48 ? 95  GLY A N   1 
ATOM   768  C  CA  . GLY A 1 95  ? 12.988  -3.222  8.832   1.00 16.23 ? 95  GLY A CA  1 
ATOM   769  C  C   . GLY A 1 95  ? 12.662  -1.811  8.343   1.00 15.76 ? 95  GLY A C   1 
ATOM   770  O  O   . GLY A 1 95  ? 13.539  -1.075  7.884   1.00 15.63 ? 95  GLY A O   1 
ATOM   771  N  N   . ILE A 1 96  ? 11.400  -1.404  8.454   1.00 18.48 ? 96  ILE A N   1 
ATOM   772  C  CA  . ILE A 1 96  ? 10.989  -0.120  7.884   1.00 18.07 ? 96  ILE A CA  1 
ATOM   773  C  C   . ILE A 1 96  ? 11.371  1.119   8.723   1.00 18.17 ? 96  ILE A C   1 
ATOM   774  O  O   . ILE A 1 96  ? 11.869  2.111   8.184   1.00 17.92 ? 96  ILE A O   1 
ATOM   775  C  CB  . ILE A 1 96  ? 9.503   -0.138  7.406   1.00 17.88 ? 96  ILE A CB  1 
ATOM   776  C  CG1 . ILE A 1 96  ? 9.419   -0.648  5.963   1.00 17.81 ? 96  ILE A CG1 1 
ATOM   777  C  CG2 . ILE A 1 96  ? 8.890   1.235   7.441   1.00 17.54 ? 96  ILE A CG2 1 
ATOM   778  C  CD1 . ILE A 1 96  ? 8.828   -2.016  5.831   1.00 18.09 ? 96  ILE A CD1 1 
ATOM   779  N  N   . LEU A 1 97  ? 11.189  1.063   10.036  1.00 11.87 ? 97  LEU A N   1 
ATOM   780  C  CA  . LEU A 1 97  ? 11.697  2.158   10.862  1.00 12.11 ? 97  LEU A CA  1 
ATOM   781  C  C   . LEU A 1 97  ? 13.221  2.366   10.710  1.00 12.15 ? 97  LEU A C   1 
ATOM   782  O  O   . LEU A 1 97  ? 13.702  3.507   10.639  1.00 12.05 ? 97  LEU A O   1 
ATOM   783  C  CB  . LEU A 1 97  ? 11.323  1.984   12.336  1.00 12.75 ? 97  LEU A CB  1 
ATOM   784  C  CG  . LEU A 1 97  ? 11.740  3.195   13.186  1.00 13.00 ? 97  LEU A CG  1 
ATOM   785  C  CD1 . LEU A 1 97  ? 11.344  4.536   12.524  1.00 12.53 ? 97  LEU A CD1 1 
ATOM   786  C  CD2 . LEU A 1 97  ? 11.207  3.103   14.613  1.00 13.67 ? 97  LEU A CD2 1 
ATOM   787  N  N   . GLN A 1 98  ? 13.984  1.279   10.646  1.00 28.48 ? 98  GLN A N   1 
ATOM   788  C  CA  . GLN A 1 98  ? 15.435  1.398   10.569  1.00 28.56 ? 98  GLN A CA  1 
ATOM   789  C  C   . GLN A 1 98  ? 15.856  1.951   9.210   1.00 28.03 ? 98  GLN A C   1 
ATOM   790  O  O   . GLN A 1 98  ? 16.793  2.741   9.118   1.00 28.02 ? 98  GLN A O   1 
ATOM   791  C  CB  . GLN A 1 98  ? 16.103  0.047   10.840  1.00 28.92 ? 98  GLN A CB  1 
ATOM   792  C  CG  . GLN A 1 98  ? 17.598  0.124   11.087  1.00 29.16 ? 98  GLN A CG  1 
ATOM   793  C  CD  . GLN A 1 98  ? 17.961  1.095   12.213  1.00 29.49 ? 98  GLN A CD  1 
ATOM   794  O  OE1 . GLN A 1 98  ? 18.632  2.107   11.985  1.00 29.29 ? 98  GLN A OE1 1 
ATOM   795  N  NE2 . GLN A 1 98  ? 17.505  0.794   13.433  1.00 30.06 ? 98  GLN A NE2 1 
ATOM   796  N  N   . LEU A 1 99  ? 15.151  1.531   8.160   1.00 26.38 ? 99  LEU A N   1 
ATOM   797  C  CA  . LEU A 1 99  ? 15.460  1.942   6.793   1.00 26.03 ? 99  LEU A CA  1 
ATOM   798  C  C   . LEU A 1 99  ? 15.222  3.431   6.650   1.00 25.80 ? 99  LEU A C   1 
ATOM   799  O  O   . LEU A 1 99  ? 16.052  4.154   6.101   1.00 25.76 ? 99  LEU A O   1 
ATOM   800  C  CB  . LEU A 1 99  ? 14.541  1.228   5.807   1.00 25.88 ? 99  LEU A CB  1 
ATOM   801  C  CG  . LEU A 1 99  ? 14.941  0.919   4.360   1.00 25.79 ? 99  LEU A CG  1 
ATOM   802  C  CD1 . LEU A 1 99  ? 13.691  0.883   3.505   1.00 25.57 ? 99  LEU A CD1 1 
ATOM   803  C  CD2 . LEU A 1 99  ? 15.958  1.873   3.766   1.00 25.61 ? 99  LEU A CD2 1 
ATOM   804  N  N   . LEU A 1 100 ? 14.070  3.884   7.133   1.00 18.33 ? 100 LEU A N   1 
ATOM   805  C  CA  . LEU A 1 100 ? 13.680  5.264   6.932   1.00 18.20 ? 100 LEU A CA  1 
ATOM   806  C  C   . LEU A 1 100 ? 14.701  6.108   7.625   1.00 18.49 ? 100 LEU A C   1 
ATOM   807  O  O   . LEU A 1 100 ? 15.097  7.155   7.142   1.00 18.38 ? 100 LEU A O   1 
ATOM   808  C  CB  . LEU A 1 100 ? 12.291  5.532   7.504   1.00 18.19 ? 100 LEU A CB  1 
ATOM   809  C  CG  . LEU A 1 100 ? 11.140  4.962   6.670   1.00 17.86 ? 100 LEU A CG  1 
ATOM   810  C  CD1 . LEU A 1 100 ? 9.813   5.132   7.380   1.00 17.97 ? 100 LEU A CD1 1 
ATOM   811  C  CD2 . LEU A 1 100 ? 11.120  5.609   5.288   1.00 17.47 ? 100 LEU A CD2 1 
ATOM   812  N  N   . LYS A 1 101 ? 15.148  5.625   8.769   1.00 17.01 ? 101 LYS A N   1 
ATOM   813  C  CA  . LYS A 1 101 ? 16.160  6.337   9.530   1.00 17.32 ? 101 LYS A CA  1 
ATOM   814  C  C   . LYS A 1 101 ? 17.511  6.401   8.767   1.00 17.24 ? 101 LYS A C   1 
ATOM   815  O  O   . LYS A 1 101 ? 18.202  7.422   8.790   1.00 17.33 ? 101 LYS A O   1 
ATOM   816  C  CB  . LYS A 1 101 ? 16.307  5.653   10.890  1.00 17.86 ? 101 LYS A CB  1 
ATOM   817  C  CG  . LYS A 1 101 ? 16.357  6.602   12.039  1.00 18.11 ? 101 LYS A CG  1 
ATOM   818  C  CD  . LYS A 1 101 ? 15.527  6.076   13.194  1.00 18.73 ? 101 LYS A CD  1 
ATOM   819  C  CE  . LYS A 1 101 ? 15.683  4.584   13.355  1.00 19.01 ? 101 LYS A CE  1 
ATOM   820  N  NZ  . LYS A 1 101 ? 15.529  4.246   14.804  1.00 19.44 ? 101 LYS A NZ  1 
ATOM   821  N  N   . ASP A 1 102 ? 17.869  5.309   8.095   1.00 23.55 ? 102 ASP A N   1 
ATOM   822  C  CA  . ASP A 1 102 ? 19.116  5.247   7.340   1.00 23.54 ? 102 ASP A CA  1 
ATOM   823  C  C   . ASP A 1 102 ? 19.007  6.067   6.057   1.00 23.19 ? 102 ASP A C   1 
ATOM   824  O  O   . ASP A 1 102 ? 19.961  6.707   5.637   1.00 23.28 ? 102 ASP A O   1 
ATOM   825  C  CB  . ASP A 1 102 ? 19.508  3.800   7.022   1.00 23.58 ? 102 ASP A CB  1 
ATOM   826  C  CG  . ASP A 1 102 ? 19.970  3.024   8.257   1.00 24.06 ? 102 ASP A CG  1 
ATOM   827  O  OD1 . ASP A 1 102 ? 20.328  3.651   9.293   1.00 24.14 ? 102 ASP A OD1 1 
ATOM   828  O  OD2 . ASP A 1 102 ? 19.971  1.772   8.193   1.00 24.40 ? 102 ASP A OD2 1 
ATOM   829  N  N   . LEU A 1 103 ? 17.828  6.055   5.441   1.00 23.19 ? 103 LEU A N   1 
ATOM   830  C  CA  . LEU A 1 103 ? 17.565  6.918   4.293   1.00 22.93 ? 103 LEU A CA  1 
ATOM   831  C  C   . LEU A 1 103 ? 17.660  8.413   4.635   1.00 23.06 ? 103 LEU A C   1 
ATOM   832  O  O   . LEU A 1 103 ? 18.274  9.165   3.881   1.00 23.10 ? 103 LEU A O   1 
ATOM   833  C  CB  . LEU A 1 103 ? 16.231  6.564   3.615   1.00 22.60 ? 103 LEU A CB  1 
ATOM   834  C  CG  . LEU A 1 103 ? 16.230  5.210   2.875   1.00 22.45 ? 103 LEU A CG  1 
ATOM   835  C  CD1 . LEU A 1 103 ? 14.848  4.850   2.337   1.00 22.15 ? 103 LEU A CD1 1 
ATOM   836  C  CD2 . LEU A 1 103 ? 17.273  5.134   1.759   1.00 22.48 ? 103 LEU A CD2 1 
ATOM   837  N  N   . ARG A 1 104 ? 17.087  8.843   5.758   1.00 32.75 ? 104 ARG A N   1 
ATOM   838  C  CA  . ARG A 1 104 ? 17.155  10.255  6.128   1.00 32.90 ? 104 ARG A CA  1 
ATOM   839  C  C   . ARG A 1 104 ? 18.590  10.615  6.432   1.00 33.21 ? 104 ARG A C   1 
ATOM   840  O  O   . ARG A 1 104 ? 19.072  11.693  6.092   1.00 33.32 ? 104 ARG A O   1 
ATOM   841  C  CB  . ARG A 1 104 ? 16.254  10.588  7.330   1.00 33.02 ? 104 ARG A CB  1 
ATOM   842  C  CG  . ARG A 1 104 ? 16.295  12.074  7.761   1.00 33.28 ? 104 ARG A CG  1 
ATOM   843  C  CD  . ARG A 1 104 ? 15.212  12.467  8.804   1.00 33.39 ? 104 ARG A CD  1 
ATOM   844  N  NE  . ARG A 1 104 ? 15.578  12.106  10.182  1.00 33.80 ? 104 ARG A NE  1 
ATOM   845  C  CZ  . ARG A 1 104 ? 14.783  12.257  11.253  1.00 34.11 ? 104 ARG A CZ  1 
ATOM   846  N  NH1 . ARG A 1 104 ? 13.553  12.779  11.122  1.00 34.05 ? 104 ARG A NH1 1 
ATOM   847  N  NH2 . ARG A 1 104 ? 15.218  11.888  12.466  1.00 34.53 ? 104 ARG A NH2 1 
ATOM   848  N  N   . SER A 1 105 ? 19.281  9.680   7.063   1.00 34.24 ? 105 SER A N   1 
ATOM   849  C  CA  . SER A 1 105 ? 20.630  9.917   7.557   1.00 34.58 ? 105 SER A CA  1 
ATOM   850  C  C   . SER A 1 105 ? 21.587  10.213  6.404   1.00 34.54 ? 105 SER A C   1 
ATOM   851  O  O   . SER A 1 105 ? 22.416  11.117  6.483   1.00 34.76 ? 105 SER A O   1 
ATOM   852  C  CB  . SER A 1 105 ? 21.103  8.693   8.337   1.00 34.82 ? 105 SER A CB  1 
ATOM   853  O  OG  . SER A 1 105 ? 21.859  9.082   9.458   1.00 35.23 ? 105 SER A OG  1 
ATOM   854  N  N   . ASN A 1 106 ? 21.454  9.439   5.334   1.00 32.28 ? 106 ASN A N   1 
ATOM   855  C  CA  . ASN A 1 106 ? 22.265  9.600   4.145   1.00 32.30 ? 106 ASN A CA  1 
ATOM   856  C  C   . ASN A 1 106 ? 21.679  10.595  3.138   1.00 32.13 ? 106 ASN A C   1 
ATOM   857  O  O   . ASN A 1 106 ? 22.069  10.600  1.970   1.00 32.12 ? 106 ASN A O   1 
ATOM   858  C  CB  . ASN A 1 106 ? 22.466  8.238   3.485   1.00 32.23 ? 106 ASN A CB  1 
ATOM   859  C  CG  . ASN A 1 106 ? 23.254  7.282   4.363   1.00 32.49 ? 106 ASN A CG  1 
ATOM   860  O  OD1 . ASN A 1 106 ? 24.465  7.429   4.523   1.00 32.83 ? 106 ASN A OD1 1 
ATOM   861  N  ND2 . ASN A 1 106 ? 22.574  6.300   4.936   1.00 32.37 ? 106 ASN A ND2 1 
ATOM   862  N  N   . LYS A 1 107 ? 20.736  11.420  3.594   1.00 35.04 ? 107 LYS A N   1 
ATOM   863  C  CA  . LYS A 1 107 ? 20.162  12.496  2.783   1.00 34.99 ? 107 LYS A CA  1 
ATOM   864  C  C   . LYS A 1 107 ? 19.390  12.034  1.543   1.00 34.73 ? 107 LYS A C   1 
ATOM   865  O  O   . LYS A 1 107 ? 19.137  12.822  0.639   1.00 34.78 ? 107 LYS A O   1 
ATOM   866  C  CB  . LYS A 1 107 ? 21.242  13.499  2.370   1.00 35.29 ? 107 LYS A CB  1 
ATOM   867  C  CG  . LYS A 1 107 ? 21.974  14.172  3.518   1.00 35.58 ? 107 LYS A CG  1 
ATOM   868  C  CD  . LYS A 1 107 ? 21.050  15.083  4.307   1.00 35.65 ? 107 LYS A CD  1 
ATOM   869  C  CE  . LYS A 1 107 ? 21.857  16.044  5.173   1.00 36.01 ? 107 LYS A CE  1 
ATOM   870  N  NZ  . LYS A 1 107 ? 23.144  15.435  5.665   1.00 36.19 ? 107 LYS A NZ  1 
ATOM   871  N  N   . ILE A 1 108 ? 19.004  10.767  1.504   1.00 20.36 ? 108 ILE A N   1 
ATOM   872  C  CA  . ILE A 1 108 ? 18.200  10.244  0.403   1.00 20.11 ? 108 ILE A CA  1 
ATOM   873  C  C   . ILE A 1 108 ? 16.715  10.548  0.620   1.00 19.94 ? 108 ILE A C   1 
ATOM   874  O  O   . ILE A 1 108 ? 16.143  10.169  1.642   1.00 19.90 ? 108 ILE A O   1 
ATOM   875  C  CB  . ILE A 1 108 ? 18.404  8.716   0.249   1.00 19.98 ? 108 ILE A CB  1 
ATOM   876  C  CG1 . ILE A 1 108 ? 19.806  8.423   -0.271  1.00 20.19 ? 108 ILE A CG1 1 
ATOM   877  C  CG2 . ILE A 1 108 ? 17.361  8.107   -0.683  1.00 19.70 ? 108 ILE A CG2 1 
ATOM   878  C  CD1 . ILE A 1 108 ? 20.317  7.031   0.090   1.00 20.23 ? 108 ILE A CD1 1 
ATOM   879  N  N   . LYS A 1 109 ? 16.098  11.216  -0.352  1.00 30.48 ? 109 LYS A N   1 
ATOM   880  C  CA  . LYS A 1 109 ? 14.678  11.580  -0.295  1.00 30.38 ? 109 LYS A CA  1 
ATOM   881  C  C   . LYS A 1 109 ? 13.759  10.385  -0.048  1.00 30.10 ? 109 LYS A C   1 
ATOM   882  O  O   . LYS A 1 109 ? 13.988  9.304   -0.584  1.00 29.94 ? 109 LYS A O   1 
ATOM   883  C  CB  . LYS A 1 109 ? 14.258  12.287  -1.594  1.00 30.51 ? 109 LYS A CB  1 
ATOM   884  C  CG  . LYS A 1 109 ? 14.852  13.675  -1.770  1.00 30.87 ? 109 LYS A CG  1 
ATOM   885  C  CD  . LYS A 1 109 ? 14.379  14.582  -0.654  1.00 30.98 ? 109 LYS A CD  1 
ATOM   886  C  CE  . LYS A 1 109 ? 15.208  15.857  -0.561  1.00 31.35 ? 109 LYS A CE  1 
ATOM   887  N  NZ  . LYS A 1 109 ? 14.840  16.665  0.650   1.00 31.50 ? 109 LYS A NZ  1 
ATOM   888  N  N   . ILE A 1 110 ? 12.710  10.593  0.745   1.00 26.59 ? 110 ILE A N   1 
ATOM   889  C  CA  . ILE A 1 110 ? 11.707  9.554   1.036   1.00 26.37 ? 110 ILE A CA  1 
ATOM   890  C  C   . ILE A 1 110 ? 10.284  10.049  0.753   1.00 26.33 ? 110 ILE A C   1 
ATOM   891  O  O   . ILE A 1 110 ? 9.847   11.065  1.302   1.00 26.50 ? 110 ILE A O   1 
ATOM   892  C  CB  . ILE A 1 110 ? 11.752  9.122   2.520   1.00 26.43 ? 110 ILE A CB  1 
ATOM   893  C  CG1 . ILE A 1 110 ? 13.127  8.569   2.879   1.00 26.58 ? 110 ILE A CG1 1 
ATOM   894  C  CG2 . ILE A 1 110 ? 10.659  8.109   2.816   1.00 26.26 ? 110 ILE A CG2 1 
ATOM   895  C  CD1 . ILE A 1 110 ? 13.426  8.653   4.359   1.00 26.86 ? 110 ILE A CD1 1 
ATOM   896  N  N   . ALA A 1 111 ? 9.552   9.323   -0.084  1.00 27.72 ? 111 ALA A N   1 
ATOM   897  C  CA  . ALA A 1 111 ? 8.213   9.762   -0.491  1.00 27.77 ? 111 ALA A CA  1 
ATOM   898  C  C   . ALA A 1 111 ? 7.193   8.628   -0.460  1.00 27.60 ? 111 ALA A C   1 
ATOM   899  O  O   . ALA A 1 111 ? 7.535   7.477   -0.712  1.00 27.54 ? 111 ALA A O   1 
ATOM   900  C  CB  . ALA A 1 111 ? 8.266   10.388  -1.881  1.00 27.99 ? 111 ALA A CB  1 
ATOM   901  N  N   . LEU A 1 112 ? 5.945   8.958   -0.148  1.00 23.64 ? 112 LEU A N   1 
ATOM   902  C  CA  . LEU A 1 112 ? 4.867   7.976   -0.184  1.00 23.63 ? 112 LEU A CA  1 
ATOM   903  C  C   . LEU A 1 112 ? 4.136   8.012   -1.526  1.00 23.82 ? 112 LEU A C   1 
ATOM   904  O  O   . LEU A 1 112 ? 3.792   9.085   -2.039  1.00 24.26 ? 112 LEU A O   1 
ATOM   905  C  CB  . LEU A 1 112 ? 3.868   8.210   0.957   1.00 23.72 ? 112 LEU A CB  1 
ATOM   906  C  CG  . LEU A 1 112 ? 2.960   7.031   1.333   1.00 23.78 ? 112 LEU A CG  1 
ATOM   907  C  CD1 . LEU A 1 112 ? 3.751   5.884   1.949   1.00 23.82 ? 112 LEU A CD1 1 
ATOM   908  C  CD2 . LEU A 1 112 ? 1.843   7.443   2.261   1.00 23.98 ? 112 LEU A CD2 1 
ATOM   909  N  N   . ALA A 1 113 ? 3.904   6.836   -2.094  1.00 15.46 ? 113 ALA A N   1 
ATOM   910  C  CA  . ALA A 1 113 ? 3.184   6.733   -3.349  1.00 15.89 ? 113 ALA A CA  1 
ATOM   911  C  C   . ALA A 1 113 ? 2.075   5.718   -3.187  1.00 16.10 ? 113 ALA A C   1 
ATOM   912  O  O   . ALA A 1 113 ? 2.115   4.640   -3.780  1.00 15.98 ? 113 ALA A O   1 
ATOM   913  C  CB  . ALA A 1 113 ? 4.109   6.325   -4.446  1.00 15.72 ? 113 ALA A CB  1 
ATOM   914  N  N   . SER A 1 114 ? 1.089   6.072   -2.364  1.00 17.09 ? 114 SER A N   1 
ATOM   915  C  CA  . SER A 1 114 ? -0.004  5.174   -2.034  1.00 17.47 ? 114 SER A CA  1 
ATOM   916  C  C   . SER A 1 114 ? -1.369  5.707   -2.477  1.00 18.35 ? 114 SER A C   1 
ATOM   917  O  O   . SER A 1 114 ? -1.577  6.916   -2.550  1.00 18.67 ? 114 SER A O   1 
ATOM   918  C  CB  . SER A 1 114 ? -0.021  4.913   -0.532  1.00 17.31 ? 114 SER A CB  1 
ATOM   919  O  OG  . SER A 1 114 ? -1.272  4.367   -0.128  1.00 17.94 ? 114 SER A OG  1 
ATOM   920  N  N   . ALA A 1 115 ? -2.295  4.789   -2.746  1.00 18.76 ? 115 ALA A N   1 
ATOM   921  C  CA  . ALA A 1 115 ? -3.634  5.152   -3.180  1.00 19.69 ? 115 ALA A CA  1 
ATOM   922  C  C   . ALA A 1 115 ? -4.610  5.428   -2.013  1.00 20.23 ? 115 ALA A C   1 
ATOM   923  O  O   . ALA A 1 115 ? -5.756  5.833   -2.239  1.00 21.11 ? 115 ALA A O   1 
ATOM   924  C  CB  . ALA A 1 115 ? -4.184  4.063   -4.089  1.00 20.03 ? 115 ALA A CB  1 
ATOM   925  N  N   . SER A 1 116 ? -4.143  5.224   -0.779  1.00 23.86 ? 116 SER A N   1 
ATOM   926  C  CA  . SER A 1 116 ? -4.971  5.373   0.422   1.00 24.31 ? 116 SER A CA  1 
ATOM   927  C  C   . SER A 1 116 ? -5.329  6.810   0.785   1.00 24.75 ? 116 SER A C   1 
ATOM   928  O  O   . SER A 1 116 ? -4.444  7.669   0.931   1.00 24.26 ? 116 SER A O   1 
ATOM   929  C  CB  . SER A 1 116 ? -4.269  4.763   1.629   1.00 23.70 ? 116 SER A CB  1 
ATOM   930  O  OG  . SER A 1 116 ? -4.869  5.242   2.827   1.00 24.18 ? 116 SER A OG  1 
ATOM   931  N  N   . LYS A 1 117 ? -6.624  7.045   0.989   1.00 31.20 ? 117 LYS A N   1 
ATOM   932  C  CA  . LYS A 1 117 ? -7.124  8.385   1.301   1.00 31.79 ? 117 LYS A CA  1 
ATOM   933  C  C   . LYS A 1 117 ? -6.809  8.762   2.740   1.00 31.55 ? 117 LYS A C   1 
ATOM   934  O  O   . LYS A 1 117 ? -7.069  9.885   3.168   1.00 31.93 ? 117 LYS A O   1 
ATOM   935  C  CB  . LYS A 1 117 ? -8.621  8.495   1.007   1.00 33.01 ? 117 LYS A CB  1 
ATOM   936  C  CG  . LYS A 1 117 ? -8.977  8.040   -0.398  1.00 33.36 ? 117 LYS A CG  1 
ATOM   937  C  CD  . LYS A 1 117 ? -10.122 8.847   -0.969  1.00 34.65 ? 117 LYS A CD  1 
ATOM   938  C  CE  . LYS A 1 117 ? -10.134 8.788   -2.502  1.00 34.99 ? 117 LYS A CE  1 
ATOM   939  N  NZ  . LYS A 1 117 ? -11.346 9.446   -3.105  1.00 35.52 ? 117 LYS A NZ  1 
ATOM   940  N  N   . ASN A 1 118 ? -6.198  7.817   3.451   1.00 19.22 ? 118 ASN A N   1 
ATOM   941  C  CA  . ASN A 1 118 ? -5.871  7.953   4.857   1.00 19.01 ? 118 ASN A CA  1 
ATOM   942  C  C   . ASN A 1 118 ? -4.357  7.905   5.085   1.00 17.94 ? 118 ASN A C   1 
ATOM   943  O  O   . ASN A 1 118 ? -3.886  7.738   6.220   1.00 17.70 ? 118 ASN A O   1 
ATOM   944  C  CB  . ASN A 1 118 ? -6.546  6.829   5.637   1.00 19.44 ? 118 ASN A CB  1 
ATOM   945  C  CG  . ASN A 1 118 ? -8.062  6.812   5.452   1.00 20.59 ? 118 ASN A CG  1 
ATOM   946  O  OD1 . ASN A 1 118 ? -8.755  7.759   5.820   1.00 21.25 ? 118 ASN A OD1 1 
ATOM   947  N  ND2 . ASN A 1 118 ? -8.578  5.727   4.886   1.00 20.88 ? 118 ASN A ND2 1 
ATOM   948  N  N   . GLY A 1 119 ? -3.595  8.050   4.000   1.00 27.30 ? 119 GLY A N   1 
ATOM   949  C  CA  . GLY A 1 119 ? -2.148  8.025   4.081   1.00 26.36 ? 119 GLY A CA  1 
ATOM   950  C  C   . GLY A 1 119 ? -1.605  8.884   5.207   1.00 26.15 ? 119 GLY A C   1 
ATOM   951  O  O   . GLY A 1 119 ? -1.099  8.361   6.203   1.00 25.87 ? 119 GLY A O   1 
ATOM   952  N  N   . PRO A 1 120 ? -1.713  10.213  5.066   1.00 22.49 ? 120 PRO A N   1 
ATOM   953  C  CA  . PRO A 1 120 ? -1.102  11.118  6.048   1.00 22.23 ? 120 PRO A CA  1 
ATOM   954  C  C   . PRO A 1 120 ? -1.476  10.760  7.482   1.00 22.55 ? 120 PRO A C   1 
ATOM   955  O  O   . PRO A 1 120 ? -0.590  10.681  8.327   1.00 22.23 ? 120 PRO A O   1 
ATOM   956  C  CB  . PRO A 1 120 ? -1.670  12.487  5.664   1.00 22.79 ? 120 PRO A CB  1 
ATOM   957  C  CG  . PRO A 1 120 ? -1.982  12.350  4.198   1.00 23.06 ? 120 PRO A CG  1 
ATOM   958  C  CD  . PRO A 1 120 ? -2.464  10.944  4.030   1.00 23.14 ? 120 PRO A CD  1 
ATOM   959  N  N   . PHE A 1 121 ? -2.760  10.539  7.748   1.00 19.65 ? 121 PHE A N   1 
ATOM   960  C  CA  . PHE A 1 121 ? -3.223  10.127  9.071   1.00 20.12 ? 121 PHE A CA  1 
ATOM   961  C  C   . PHE A 1 121 ? -2.530  8.846   9.567   1.00 19.76 ? 121 PHE A C   1 
ATOM   962  O  O   . PHE A 1 121 ? -1.956  8.825   10.657  1.00 19.70 ? 121 PHE A O   1 
ATOM   963  C  CB  . PHE A 1 121 ? -4.748  9.973   9.049   1.00 21.11 ? 121 PHE A CB  1 
ATOM   964  C  CG  . PHE A 1 121 ? -5.322  9.294   10.262  1.00 21.72 ? 121 PHE A CG  1 
ATOM   965  C  CD1 . PHE A 1 121 ? -5.492  9.990   11.451  1.00 22.13 ? 121 PHE A CD1 1 
ATOM   966  C  CD2 . PHE A 1 121 ? -5.712  7.958   10.207  1.00 21.97 ? 121 PHE A CD2 1 
ATOM   967  C  CE1 . PHE A 1 121 ? -6.017  9.364   12.566  1.00 22.81 ? 121 PHE A CE1 1 
ATOM   968  C  CE2 . PHE A 1 121 ? -6.252  7.329   11.323  1.00 22.64 ? 121 PHE A CE2 1 
ATOM   969  C  CZ  . PHE A 1 121 ? -6.400  8.034   12.503  1.00 23.07 ? 121 PHE A CZ  1 
ATOM   970  N  N   . LEU A 1 122 ? -2.569  7.784   8.767   1.00 25.55 ? 122 LEU A N   1 
ATOM   971  C  CA  . LEU A 1 122 ? -1.929  6.517   9.143   1.00 25.30 ? 122 LEU A CA  1 
ATOM   972  C  C   . LEU A 1 122 ? -0.463  6.708   9.539   1.00 24.75 ? 122 LEU A C   1 
ATOM   973  O  O   . LEU A 1 122 ? -0.006  6.169   10.548  1.00 25.01 ? 122 LEU A O   1 
ATOM   974  C  CB  . LEU A 1 122 ? -2.052  5.484   8.014   1.00 25.09 ? 122 LEU A CB  1 
ATOM   975  C  CG  . LEU A 1 122 ? -3.470  4.946   7.763   1.00 25.84 ? 122 LEU A CG  1 
ATOM   976  C  CD1 . LEU A 1 122 ? -3.564  4.059   6.523   1.00 25.71 ? 122 LEU A CD1 1 
ATOM   977  C  CD2 . LEU A 1 122 ? -3.993  4.199   8.983   1.00 26.54 ? 122 LEU A CD2 1 
ATOM   978  N  N   . LEU A 1 123 ? 0.270   7.483   8.746   1.00 15.39 ? 123 LEU A N   1 
ATOM   979  C  CA  . LEU A 1 123 ? 1.670   7.760   9.051   1.00 15.09 ? 123 LEU A CA  1 
ATOM   980  C  C   . LEU A 1 123 ? 1.818   8.463   10.409  1.00 15.58 ? 123 LEU A C   1 
ATOM   981  O  O   . LEU A 1 123 ? 2.679   8.094   11.222  1.00 15.79 ? 123 LEU A O   1 
ATOM   982  C  CB  . LEU A 1 123 ? 2.330   8.579   7.927   1.00 14.50 ? 123 LEU A CB  1 
ATOM   983  C  CG  . LEU A 1 123 ? 2.602   7.824   6.620   1.00 14.00 ? 123 LEU A CG  1 
ATOM   984  C  CD1 . LEU A 1 123 ? 3.197   8.739   5.563   1.00 13.59 ? 123 LEU A CD1 1 
ATOM   985  C  CD2 . LEU A 1 123 ? 3.501   6.606   6.854   1.00 14.03 ? 123 LEU A CD2 1 
ATOM   986  N  N   . GLU A 1 124 ? 0.976   9.468   10.645  1.00 35.48 ? 124 GLU A N   1 
ATOM   987  C  CA  . GLU A 1 124 ? 0.943   10.171  11.921  1.00 36.00 ? 124 GLU A CA  1 
ATOM   988  C  C   . GLU A 1 124 ? 0.734   9.171   13.051  1.00 36.63 ? 124 GLU A C   1 
ATOM   989  O  O   . GLU A 1 124 ? 1.386   9.236   14.098  1.00 37.04 ? 124 GLU A O   1 
ATOM   990  C  CB  . GLU A 1 124 ? -0.195  11.189  11.917  1.00 36.29 ? 124 GLU A CB  1 
ATOM   991  C  CG  . GLU A 1 124 ? 0.030   12.394  12.809  1.00 36.57 ? 124 GLU A CG  1 
ATOM   992  C  CD  . GLU A 1 124 ? -0.828  13.605  12.400  1.00 36.93 ? 124 GLU A CD  1 
ATOM   993  O  OE1 . GLU A 1 124 ? -2.021  13.417  12.076  1.00 37.20 ? 124 GLU A OE1 1 
ATOM   994  O  OE2 . GLU A 1 124 ? -0.305  14.745  12.409  1.00 37.11 ? 124 GLU A OE2 1 
ATOM   995  N  N   . ARG A 1 125 ? -0.185  8.238   12.819  1.00 33.00 ? 125 ARG A N   1 
ATOM   996  C  CA  . ARG A 1 125 ? -0.545  7.231   13.809  1.00 33.68 ? 125 ARG A CA  1 
ATOM   997  C  C   . ARG A 1 125 ? 0.632   6.338   14.138  1.00 33.62 ? 125 ARG A C   1 
ATOM   998  O  O   . ARG A 1 125 ? 0.729   5.787   15.244  1.00 34.26 ? 125 ARG A O   1 
ATOM   999  C  CB  . ARG A 1 125 ? -1.696  6.372   13.281  1.00 33.85 ? 125 ARG A CB  1 
ATOM   1000 C  CG  . ARG A 1 125 ? -3.058  6.845   13.723  1.00 34.60 ? 125 ARG A CG  1 
ATOM   1001 C  CD  . ARG A 1 125 ? -3.324  6.403   15.142  1.00 35.44 ? 125 ARG A CD  1 
ATOM   1002 N  NE  . ARG A 1 125 ? -3.961  7.463   15.903  1.00 36.13 ? 125 ARG A NE  1 
ATOM   1003 C  CZ  . ARG A 1 125 ? -3.540  7.892   17.087  1.00 36.50 ? 125 ARG A CZ  1 
ATOM   1004 N  NH1 . ARG A 1 125 ? -2.483  7.325   17.668  1.00 36.34 ? 125 ARG A NH1 1 
ATOM   1005 N  NH2 . ARG A 1 125 ? -4.196  8.881   17.699  1.00 37.18 ? 125 ARG A NH2 1 
ATOM   1006 N  N   . MET A 1 126 ? 1.523   6.197   13.159  1.00 20.99 ? 126 MET A N   1 
ATOM   1007 C  CA  . MET A 1 126 ? 2.626   5.258   13.263  1.00 20.94 ? 126 MET A CA  1 
ATOM   1008 C  C   . MET A 1 126 ? 3.944   5.933   13.629  1.00 20.86 ? 126 MET A C   1 
ATOM   1009 O  O   . MET A 1 126 ? 4.975   5.273   13.724  1.00 20.92 ? 126 MET A O   1 
ATOM   1010 C  CB  . MET A 1 126 ? 2.744   4.426   11.989  1.00 20.38 ? 126 MET A CB  1 
ATOM   1011 C  CG  . MET A 1 126 ? 1.566   3.508   11.767  1.00 20.65 ? 126 MET A CG  1 
ATOM   1012 S  SD  . MET A 1 126 ? 1.854   2.312   10.451  1.00 20.13 ? 126 MET A SD  1 
ATOM   1013 C  CE  . MET A 1 126 ? 1.420   3.241   8.980   1.00 19.52 ? 126 MET A CE  1 
ATOM   1014 N  N   . ASN A 1 127 ? 3.894   7.242   13.862  1.00 18.03 ? 127 ASN A N   1 
ATOM   1015 C  CA  . ASN A 1 127 ? 5.061   7.998   14.303  1.00 18.09 ? 127 ASN A CA  1 
ATOM   1016 C  C   . ASN A 1 127 ? 6.126   8.076   13.212  1.00 17.50 ? 127 ASN A C   1 
ATOM   1017 O  O   . ASN A 1 127 ? 7.327   8.178   13.507  1.00 17.58 ? 127 ASN A O   1 
ATOM   1018 C  CB  . ASN A 1 127 ? 5.670   7.364   15.551  1.00 18.74 ? 127 ASN A CB  1 
ATOM   1019 C  CG  . ASN A 1 127 ? 6.478   8.351   16.363  1.00 19.07 ? 127 ASN A CG  1 
ATOM   1020 O  OD1 . ASN A 1 127 ? 6.095   9.521   16.474  1.00 19.05 ? 127 ASN A OD1 1 
ATOM   1021 N  ND2 . ASN A 1 127 ? 7.587   7.892   16.949  1.00 19.43 ? 127 ASN A ND2 1 
ATOM   1022 N  N   . LEU A 1 128 ? 5.675   8.018   11.958  1.00 17.60 ? 128 LEU A N   1 
ATOM   1023 C  CA  . LEU A 1 128 ? 6.567   8.026   10.806  1.00 17.08 ? 128 LEU A CA  1 
ATOM   1024 C  C   . LEU A 1 128 ? 6.527   9.343   10.042  1.00 16.79 ? 128 LEU A C   1 
ATOM   1025 O  O   . LEU A 1 128 ? 7.181   9.471   9.010   1.00 16.47 ? 128 LEU A O   1 
ATOM   1026 C  CB  . LEU A 1 128 ? 6.218   6.890   9.846   1.00 16.74 ? 128 LEU A CB  1 
ATOM   1027 C  CG  . LEU A 1 128 ? 6.258   5.500   10.450  1.00 17.08 ? 128 LEU A CG  1 
ATOM   1028 C  CD1 . LEU A 1 128 ? 5.893   4.469   9.411   1.00 16.74 ? 128 LEU A CD1 1 
ATOM   1029 C  CD2 . LEU A 1 128 ? 7.642   5.280   10.961  1.00 17.35 ? 128 LEU A CD2 1 
ATOM   1030 N  N   . THR A 1 129 ? 5.773   10.317  10.541  1.00 21.56 ? 129 THR A N   1 
ATOM   1031 C  CA  . THR A 1 129 ? 5.588   11.570  9.816   1.00 21.36 ? 129 THR A CA  1 
ATOM   1032 C  C   . THR A 1 129 ? 6.891   12.349  9.617   1.00 21.37 ? 129 THR A C   1 
ATOM   1033 O  O   . THR A 1 129 ? 7.162   12.868  8.528   1.00 21.10 ? 129 THR A O   1 
ATOM   1034 C  CB  . THR A 1 129 ? 4.557   12.469  10.512  1.00 21.67 ? 129 THR A CB  1 
ATOM   1035 O  OG1 . THR A 1 129 ? 3.260   11.885  10.365  1.00 21.55 ? 129 THR A OG1 1 
ATOM   1036 C  CG2 . THR A 1 129 ? 4.551   13.868  9.899   1.00 21.65 ? 129 THR A CG2 1 
ATOM   1037 N  N   . GLY A 1 130 ? 7.700   12.428  10.664  1.00 29.75 ? 130 GLY A N   1 
ATOM   1038 C  CA  . GLY A 1 130 ? 8.946   13.164  10.580  1.00 29.81 ? 130 GLY A CA  1 
ATOM   1039 C  C   . GLY A 1 130 ? 9.889   12.712  9.481   1.00 29.48 ? 130 GLY A C   1 
ATOM   1040 O  O   . GLY A 1 130 ? 10.717  13.495  9.027   1.00 29.47 ? 130 GLY A O   1 
ATOM   1041 N  N   . TYR A 1 131 ? 9.768   11.456  9.052   1.00 18.90 ? 131 TYR A N   1 
ATOM   1042 C  CA  . TYR A 1 131 ? 10.728  10.875  8.109   1.00 18.66 ? 131 TYR A CA  1 
ATOM   1043 C  C   . TYR A 1 131 ? 10.381  11.146  6.653   1.00 18.32 ? 131 TYR A C   1 
ATOM   1044 O  O   . TYR A 1 131 ? 11.273  11.168  5.790   1.00 18.22 ? 131 TYR A O   1 
ATOM   1045 C  CB  . TYR A 1 131 ? 10.909  9.368   8.347   1.00 18.65 ? 131 TYR A CB  1 
ATOM   1046 C  CG  . TYR A 1 131 ? 11.484  9.054   9.711   1.00 19.10 ? 131 TYR A CG  1 
ATOM   1047 C  CD1 . TYR A 1 131 ? 10.741  8.368   10.665  1.00 19.40 ? 131 TYR A CD1 1 
ATOM   1048 C  CD2 . TYR A 1 131 ? 12.758  9.476   10.054  1.00 19.29 ? 131 TYR A CD2 1 
ATOM   1049 C  CE1 . TYR A 1 131 ? 11.263  8.099   11.920  1.00 19.90 ? 131 TYR A CE1 1 
ATOM   1050 C  CE2 . TYR A 1 131 ? 13.286  9.214   11.297  1.00 19.74 ? 131 TYR A CE2 1 
ATOM   1051 C  CZ  . TYR A 1 131 ? 12.543  8.523   12.230  1.00 20.06 ? 131 TYR A CZ  1 
ATOM   1052 O  OH  . TYR A 1 131 ? 13.091  8.276   13.476  1.00 20.60 ? 131 TYR A OH  1 
ATOM   1053 N  N   . PHE A 1 132 ? 9.094   11.370  6.384   1.00 23.01 ? 132 PHE A N   1 
ATOM   1054 C  CA  . PHE A 1 132 ? 8.632   11.596  5.015   1.00 22.77 ? 132 PHE A CA  1 
ATOM   1055 C  C   . PHE A 1 132 ? 8.846   13.019  4.523   1.00 22.94 ? 132 PHE A C   1 
ATOM   1056 O  O   . PHE A 1 132 ? 8.684   13.975  5.269   1.00 23.18 ? 132 PHE A O   1 
ATOM   1057 C  CB  . PHE A 1 132 ? 7.186   11.156  4.844   1.00 22.60 ? 132 PHE A CB  1 
ATOM   1058 C  CG  . PHE A 1 132 ? 7.042   9.684   4.548   1.00 22.36 ? 132 PHE A CG  1 
ATOM   1059 C  CD1 . PHE A 1 132 ? 7.124   8.745   5.567   1.00 22.48 ? 132 PHE A CD1 1 
ATOM   1060 C  CD2 . PHE A 1 132 ? 6.846   9.238   3.244   1.00 22.12 ? 132 PHE A CD2 1 
ATOM   1061 C  CE1 . PHE A 1 132 ? 6.995   7.393   5.282   1.00 22.32 ? 132 PHE A CE1 1 
ATOM   1062 C  CE2 . PHE A 1 132 ? 6.709   7.897   2.961   1.00 22.05 ? 132 PHE A CE2 1 
ATOM   1063 C  CZ  . PHE A 1 132 ? 6.781   6.972   3.969   1.00 22.17 ? 132 PHE A CZ  1 
ATOM   1064 N  N   . ASP A 1 133 ? 9.237   13.140  3.259   1.00 22.82 ? 133 ASP A N   1 
ATOM   1065 C  CA  . ASP A 1 133 ? 9.586   14.425  2.676   1.00 23.06 ? 133 ASP A CA  1 
ATOM   1066 C  C   . ASP A 1 133 ? 8.424   14.918  1.834   1.00 23.16 ? 133 ASP A C   1 
ATOM   1067 O  O   . ASP A 1 133 ? 8.220   16.118  1.698   1.00 23.46 ? 133 ASP A O   1 
ATOM   1068 C  CB  . ASP A 1 133 ? 10.845  14.305  1.815   1.00 23.07 ? 133 ASP A CB  1 
ATOM   1069 C  CG  . ASP A 1 133 ? 12.114  14.142  2.646   1.00 23.13 ? 133 ASP A CG  1 
ATOM   1070 O  OD1 . ASP A 1 133 ? 12.243  14.826  3.686   1.00 23.34 ? 133 ASP A OD1 1 
ATOM   1071 O  OD2 . ASP A 1 133 ? 12.997  13.336  2.268   1.00 23.03 ? 133 ASP A OD2 1 
ATOM   1072 N  N   . ALA A 1 134 ? 7.665   13.981  1.273   1.00 12.28 ? 134 ALA A N   1 
ATOM   1073 C  CA  . ALA A 1 134 ? 6.473   14.303  0.481   1.00 12.47 ? 134 ALA A CA  1 
ATOM   1074 C  C   . ALA A 1 134 ? 5.497   13.132  0.425   1.00 12.26 ? 134 ALA A C   1 
ATOM   1075 O  O   . ALA A 1 134 ? 5.866   11.968  0.651   1.00 11.90 ? 134 ALA A O   1 
ATOM   1076 C  CB  . ALA A 1 134 ? 6.845   14.750  -0.923  1.00 12.77 ? 134 ALA A CB  1 
ATOM   1077 N  N   . ILE A 1 135 ? 4.247   13.465  0.119   1.00 24.10 ? 135 ILE A N   1 
ATOM   1078 C  CA  . ILE A 1 135 ? 3.171   12.496  0.054   1.00 24.11 ? 135 ILE A CA  1 
ATOM   1079 C  C   . ILE A 1 135 ? 2.342   12.750  -1.189  1.00 24.72 ? 135 ILE A C   1 
ATOM   1080 O  O   . ILE A 1 135 ? 1.606   13.722  -1.250  1.00 25.35 ? 135 ILE A O   1 
ATOM   1081 C  CB  . ILE A 1 135 ? 2.243   12.636  1.270   1.00 24.24 ? 135 ILE A CB  1 
ATOM   1082 C  CG1 . ILE A 1 135 ? 2.987   12.241  2.548   1.00 23.65 ? 135 ILE A CG1 1 
ATOM   1083 C  CG2 . ILE A 1 135 ? 0.982   11.801  1.077   1.00 24.66 ? 135 ILE A CG2 1 
ATOM   1084 C  CD1 . ILE A 1 135 ? 2.263   12.601  3.841   1.00 23.76 ? 135 ILE A CD1 1 
ATOM   1085 N  N   . ALA A 1 136 ? 2.460   11.885  -2.186  1.00 15.19 ? 136 ALA A N   1 
ATOM   1086 C  CA  . ALA A 1 136 ? 1.661   12.031  -3.395  1.00 15.83 ? 136 ALA A CA  1 
ATOM   1087 C  C   . ALA A 1 136 ? 0.180   12.110  -3.062  1.00 16.46 ? 136 ALA A C   1 
ATOM   1088 O  O   . ALA A 1 136 ? -0.341  11.270  -2.331  1.00 16.36 ? 136 ALA A O   1 
ATOM   1089 C  CB  . ALA A 1 136 ? 1.912   10.863  -4.338  1.00 15.61 ? 136 ALA A CB  1 
ATOM   1090 N  N   . ASP A 1 137 ? -0.502  13.112  -3.603  1.00 47.09 ? 137 ASP A N   1 
ATOM   1091 C  CA  . ASP A 1 137 ? -1.950  13.198  -3.456  1.00 47.89 ? 137 ASP A CA  1 
ATOM   1092 C  C   . ASP A 1 137 ? -2.622  12.187  -4.376  1.00 48.21 ? 137 ASP A C   1 
ATOM   1093 O  O   . ASP A 1 137 ? -2.487  12.281  -5.593  1.00 48.49 ? 137 ASP A O   1 
ATOM   1094 C  CB  . ASP A 1 137 ? -2.440  14.602  -3.797  1.00 48.73 ? 137 ASP A CB  1 
ATOM   1095 C  CG  . ASP A 1 137 ? -3.837  14.876  -3.270  1.00 49.69 ? 137 ASP A CG  1 
ATOM   1096 O  OD1 . ASP A 1 137 ? -4.523  13.923  -2.838  1.00 50.54 ? 137 ASP A OD1 1 
ATOM   1097 O  OD2 . ASP A 1 137 ? -4.242  16.058  -3.288  1.00 49.67 ? 137 ASP A OD2 1 
ATOM   1098 N  N   . PRO A 1 138 ? -3.342  11.206  -3.798  1.00 27.98 ? 138 PRO A N   1 
ATOM   1099 C  CA  . PRO A 1 138 ? -4.096  10.237  -4.615  1.00 28.35 ? 138 PRO A CA  1 
ATOM   1100 C  C   . PRO A 1 138 ? -5.305  10.853  -5.350  1.00 29.50 ? 138 PRO A C   1 
ATOM   1101 O  O   . PRO A 1 138 ? -5.802  10.243  -6.303  1.00 29.83 ? 138 PRO A O   1 
ATOM   1102 C  CB  . PRO A 1 138 ? -4.577  9.184   -3.597  1.00 28.21 ? 138 PRO A CB  1 
ATOM   1103 C  CG  . PRO A 1 138 ? -3.925  9.500   -2.315  1.00 27.68 ? 138 PRO A CG  1 
ATOM   1104 C  CD  . PRO A 1 138 ? -3.459  10.928  -2.354  1.00 27.68 ? 138 PRO A CD  1 
ATOM   1105 N  N   . ALA A 1 139 ? -5.776  12.022  -4.908  1.00 30.59 ? 139 ALA A N   1 
ATOM   1106 C  CA  . ALA A 1 139 ? -6.874  12.723  -5.598  1.00 31.80 ? 139 ALA A CA  1 
ATOM   1107 C  C   . ALA A 1 139 ? -6.403  13.446  -6.861  1.00 32.08 ? 139 ALA A C   1 
ATOM   1108 O  O   . ALA A 1 139 ? -7.168  13.609  -7.822  1.00 32.98 ? 139 ALA A O   1 
ATOM   1109 C  CB  . ALA A 1 139 ? -7.575  13.709  -4.667  1.00 32.50 ? 139 ALA A CB  1 
ATOM   1110 N  N   . GLU A 1 140 ? -5.145  13.872  -6.853  1.00 50.04 ? 140 GLU A N   1 
ATOM   1111 C  CA  . GLU A 1 140 ? -4.579  14.582  -7.990  1.00 50.27 ? 140 GLU A CA  1 
ATOM   1112 C  C   . GLU A 1 140 ? -4.224  13.640  -9.128  1.00 50.03 ? 140 GLU A C   1 
ATOM   1113 O  O   . GLU A 1 140 ? -3.905  14.084  -10.230 1.00 50.39 ? 140 GLU A O   1 
ATOM   1114 C  CB  . GLU A 1 140 ? -3.348  15.381  -7.562  1.00 49.65 ? 140 GLU A CB  1 
ATOM   1115 C  CG  . GLU A 1 140 ? -3.675  16.506  -6.616  1.00 50.11 ? 140 GLU A CG  1 
ATOM   1116 C  CD  . GLU A 1 140 ? -4.858  17.317  -7.112  1.00 51.44 ? 140 GLU A CD  1 
ATOM   1117 O  OE1 . GLU A 1 140 ? -5.131  17.267  -8.334  1.00 51.98 ? 140 GLU A OE1 1 
ATOM   1118 O  OE2 . GLU A 1 140 ? -5.515  17.999  -6.286  1.00 51.99 ? 140 GLU A OE2 1 
ATOM   1119 N  N   . VAL A 1 141 ? -4.294  12.341  -8.853  1.00 50.46 ? 141 VAL A N   1 
ATOM   1120 C  CA  . VAL A 1 141 ? -3.885  11.325  -9.817  1.00 50.13 ? 141 VAL A CA  1 
ATOM   1121 C  C   . VAL A 1 141 ? -4.979  11.045  -10.859 1.00 51.11 ? 141 VAL A C   1 
ATOM   1122 O  O   . VAL A 1 141 ? -6.167  10.985  -10.537 1.00 51.86 ? 141 VAL A O   1 
ATOM   1123 C  CB  . VAL A 1 141 ? -3.453  10.009  -9.106  1.00 49.26 ? 141 VAL A CB  1 
ATOM   1124 C  CG1 . VAL A 1 141 ? -4.663  9.113   -8.843  1.00 49.75 ? 141 VAL A CG1 1 
ATOM   1125 C  CG2 . VAL A 1 141 ? -2.439  9.263   -9.937  1.00 48.39 ? 141 VAL A CG2 1 
ATOM   1126 N  N   . ALA A 1 142 ? -4.563  10.883  -12.113 1.00 72.58 ? 142 ALA A N   1 
ATOM   1127 C  CA  . ALA A 1 142 ? -5.491  10.632  -13.214 1.00 73.51 ? 142 ALA A CA  1 
ATOM   1128 C  C   . ALA A 1 142 ? -5.971  9.183   -13.210 1.00 73.28 ? 142 ALA A C   1 
ATOM   1129 O  O   . ALA A 1 142 ? -7.167  8.916   -13.080 1.00 74.04 ? 142 ALA A O   1 
ATOM   1130 C  CB  . ALA A 1 142 ? -4.839  10.974  -14.547 1.00 73.74 ? 142 ALA A CB  1 
ATOM   1131 N  N   . ALA A 1 143 ? -5.030  8.255   -13.356 1.00 52.56 ? 143 ALA A N   1 
ATOM   1132 C  CA  . ALA A 1 143 ? -5.332  6.830   -13.343 1.00 52.26 ? 143 ALA A CA  1 
ATOM   1133 C  C   . ALA A 1 143 ? -4.591  6.161   -12.191 1.00 51.23 ? 143 ALA A C   1 
ATOM   1134 O  O   . ALA A 1 143 ? -3.644  6.725   -11.647 1.00 50.69 ? 143 ALA A O   1 
ATOM   1135 C  CB  . ALA A 1 143 ? -4.948  6.199   -14.666 1.00 52.19 ? 143 ALA A CB  1 
ATOM   1136 N  N   . SER A 1 144 ? -5.019  4.963   -11.813 1.00 27.51 ? 144 SER A N   1 
ATOM   1137 C  CA  . SER A 1 144 ? -4.375  4.265   -10.703 1.00 26.64 ? 144 SER A CA  1 
ATOM   1138 C  C   . SER A 1 144 ? -3.529  3.048   -11.148 1.00 25.94 ? 144 SER A C   1 
ATOM   1139 O  O   . SER A 1 144 ? -3.445  2.740   -12.340 1.00 26.14 ? 144 SER A O   1 
ATOM   1140 C  CB  . SER A 1 144 ? -5.406  3.875   -9.628  1.00 27.02 ? 144 SER A CB  1 
ATOM   1141 O  OG  . SER A 1 144 ? -6.383  2.971   -10.131 1.00 27.60 ? 144 SER A OG  1 
ATOM   1142 N  N   . LYS A 1 145 ? -2.893  2.378   -10.184 1.00 29.46 ? 145 LYS A N   1 
ATOM   1143 C  CA  . LYS A 1 145 ? -2.062  1.215   -10.487 1.00 28.82 ? 145 LYS A CA  1 
ATOM   1144 C  C   . LYS A 1 145 ? -2.848  0.173   -11.302 1.00 29.27 ? 145 LYS A C   1 
ATOM   1145 O  O   . LYS A 1 145 ? -4.021  -0.095  -11.009 1.00 29.86 ? 145 LYS A O   1 
ATOM   1146 C  CB  . LYS A 1 145 ? -1.491  0.614   -9.198  1.00 28.16 ? 145 LYS A CB  1 
ATOM   1147 C  CG  . LYS A 1 145 ? -0.525  1.555   -8.490  1.00 27.75 ? 145 LYS A CG  1 
ATOM   1148 C  CD  . LYS A 1 145 ? -0.215  1.151   -7.039  1.00 27.21 ? 145 LYS A CD  1 
ATOM   1149 C  CE  . LYS A 1 145 ? 0.077   2.395   -6.195  1.00 27.17 ? 145 LYS A CE  1 
ATOM   1150 N  NZ  . LYS A 1 145 ? 0.823   2.125   -4.953  1.00 26.55 ? 145 LYS A NZ  1 
ATOM   1151 N  N   . PRO A 1 146 ? -2.204  -0.426  -12.322 1.00 29.81 ? 146 PRO A N   1 
ATOM   1152 C  CA  . PRO A 1 146 ? -0.766  -0.343  -12.588 1.00 29.10 ? 146 PRO A CA  1 
ATOM   1153 C  C   . PRO A 1 146 ? -0.317  0.883   -13.379 1.00 29.32 ? 146 PRO A C   1 
ATOM   1154 O  O   . PRO A 1 146 ? 0.699   0.765   -14.055 1.00 29.05 ? 146 PRO A O   1 
ATOM   1155 C  CB  . PRO A 1 146 ? -0.502  -1.588  -13.448 1.00 28.94 ? 146 PRO A CB  1 
ATOM   1156 C  CG  . PRO A 1 146 ? -1.884  -2.197  -13.746 1.00 29.67 ? 146 PRO A CG  1 
ATOM   1157 C  CD  . PRO A 1 146 ? -2.891  -1.169  -13.388 1.00 30.31 ? 146 PRO A CD  1 
ATOM   1158 N  N   . ALA A 1 147 ? -1.030  2.006   -13.322 1.00 46.11 ? 147 ALA A N   1 
ATOM   1159 C  CA  . ALA A 1 147 ? -0.564  3.225   -13.989 1.00 46.38 ? 147 ALA A CA  1 
ATOM   1160 C  C   . ALA A 1 147 ? 0.702   3.740   -13.304 1.00 45.70 ? 147 ALA A C   1 
ATOM   1161 O  O   . ALA A 1 147 ? 0.862   3.590   -12.096 1.00 45.23 ? 147 ALA A O   1 
ATOM   1162 C  CB  . ALA A 1 147 ? -1.643  4.290   -13.967 1.00 47.22 ? 147 ALA A CB  1 
ATOM   1163 N  N   . PRO A 1 148 ? 1.608   4.359   -14.070 1.00 39.09 ? 148 PRO A N   1 
ATOM   1164 C  CA  . PRO A 1 148 ? 2.860   4.888   -13.521 1.00 38.55 ? 148 PRO A CA  1 
ATOM   1165 C  C   . PRO A 1 148 ? 2.617   6.225   -12.822 1.00 38.85 ? 148 PRO A C   1 
ATOM   1166 O  O   . PRO A 1 148 ? 3.553   6.871   -12.344 1.00 38.53 ? 148 PRO A O   1 
ATOM   1167 C  CB  . PRO A 1 148 ? 3.721   5.126   -14.772 1.00 38.64 ? 148 PRO A CB  1 
ATOM   1168 C  CG  . PRO A 1 148 ? 2.861   4.756   -15.959 1.00 39.21 ? 148 PRO A CG  1 
ATOM   1169 C  CD  . PRO A 1 148 ? 1.452   4.703   -15.489 1.00 39.66 ? 148 PRO A CD  1 
ATOM   1170 N  N   . ASP A 1 149 ? 1.349   6.610   -12.748 1.00 35.63 ? 149 ASP A N   1 
ATOM   1171 C  CA  . ASP A 1 149 ? 0.948   7.971   -12.414 1.00 36.14 ? 149 ASP A CA  1 
ATOM   1172 C  C   . ASP A 1 149 ? 1.292   8.426   -11.018 1.00 35.66 ? 149 ASP A C   1 
ATOM   1173 O  O   . ASP A 1 149 ? 1.783   9.538   -10.813 1.00 35.74 ? 149 ASP A O   1 
ATOM   1174 C  CB  . ASP A 1 149 ? -0.561  8.101   -12.573 1.00 37.04 ? 149 ASP A CB  1 
ATOM   1175 C  CG  . ASP A 1 149 ? -0.958  8.632   -13.916 1.00 37.71 ? 149 ASP A CG  1 
ATOM   1176 O  OD1 . ASP A 1 149 ? -1.570  9.723   -13.934 1.00 38.64 ? 149 ASP A OD1 1 
ATOM   1177 O  OD2 . ASP A 1 149 ? -0.651  7.975   -14.936 1.00 37.35 ? 149 ASP A OD2 1 
ATOM   1178 N  N   . ILE A 1 150 ? 0.993   7.573   -10.052 1.00 27.27 ? 150 ILE A N   1 
ATOM   1179 C  CA  . ILE A 1 150 ? 1.173   7.926   -8.659  1.00 26.89 ? 150 ILE A CA  1 
ATOM   1180 C  C   . ILE A 1 150 ? 2.668   8.080   -8.351  1.00 26.22 ? 150 ILE A C   1 
ATOM   1181 O  O   . ILE A 1 150 ? 3.076   8.942   -7.558  1.00 26.09 ? 150 ILE A O   1 
ATOM   1182 C  CB  . ILE A 1 150 ? 0.491   6.871   -7.741  1.00 26.69 ? 150 ILE A CB  1 
ATOM   1183 C  CG1 . ILE A 1 150 ? 0.552   7.283   -6.266  1.00 26.48 ? 150 ILE A CG1 1 
ATOM   1184 C  CG2 . ILE A 1 150 ? 1.071   5.462   -7.981  1.00 26.07 ? 150 ILE A CG2 1 
ATOM   1185 C  CD1 . ILE A 1 150 ? -0.611  8.145   -5.834  1.00 27.20 ? 150 ILE A CD1 1 
ATOM   1186 N  N   . PHE A 1 151 ? 3.482   7.255   -9.015  1.00 16.96 ? 151 PHE A N   1 
ATOM   1187 C  CA  . PHE A 1 151 ? 4.918   7.207   -8.743  1.00 16.40 ? 151 PHE A CA  1 
ATOM   1188 C  C   . PHE A 1 151 ? 5.684   8.366   -9.345  1.00 16.69 ? 151 PHE A C   1 
ATOM   1189 O  O   . PHE A 1 151 ? 6.587   8.922   -8.715  1.00 16.51 ? 151 PHE A O   1 
ATOM   1190 C  CB  . PHE A 1 151 ? 5.516   5.878   -9.191  1.00 15.98 ? 151 PHE A CB  1 
ATOM   1191 C  CG  . PHE A 1 151 ? 5.231   4.753   -8.246  1.00 15.55 ? 151 PHE A CG  1 
ATOM   1192 C  CD1 . PHE A 1 151 ? 4.239   3.831   -8.519  1.00 15.69 ? 151 PHE A CD1 1 
ATOM   1193 C  CD2 . PHE A 1 151 ? 5.943   4.636   -7.070  1.00 15.12 ? 151 PHE A CD2 1 
ATOM   1194 C  CE1 . PHE A 1 151 ? 3.974   2.797   -7.632  1.00 15.40 ? 151 PHE A CE1 1 
ATOM   1195 C  CE2 . PHE A 1 151 ? 5.681   3.604   -6.183  1.00 14.97 ? 151 PHE A CE2 1 
ATOM   1196 C  CZ  . PHE A 1 151 ? 4.689   2.691   -6.459  1.00 15.02 ? 151 PHE A CZ  1 
ATOM   1197 N  N   . ILE A 1 152 ? 5.334   8.720   -10.572 1.00 21.20 ? 152 ILE A N   1 
ATOM   1198 C  CA  . ILE A 1 152 ? 5.869   9.928   -11.173 1.00 21.69 ? 152 ILE A CA  1 
ATOM   1199 C  C   . ILE A 1 152 ? 5.630   11.095  -10.215 1.00 21.88 ? 152 ILE A C   1 
ATOM   1200 O  O   . ILE A 1 152 ? 6.525   11.893  -9.948  1.00 21.88 ? 152 ILE A O   1 
ATOM   1201 C  CB  . ILE A 1 152 ? 5.189   10.225  -12.536 1.00 22.43 ? 152 ILE A CB  1 
ATOM   1202 C  CG1 . ILE A 1 152 ? 5.452   9.082   -13.519 1.00 22.26 ? 152 ILE A CG1 1 
ATOM   1203 C  CG2 . ILE A 1 152 ? 5.677   11.544  -13.098 1.00 23.06 ? 152 ILE A CG2 1 
ATOM   1204 C  CD1 . ILE A 1 152 ? 4.367   8.919   -14.589 1.00 22.91 ? 152 ILE A CD1 1 
ATOM   1205 N  N   . ALA A 1 153 ? 4.413   11.175  -9.689  1.00 16.33 ? 153 ALA A N   1 
ATOM   1206 C  CA  . ALA A 1 153 ? 4.026   12.306  -8.864  1.00 16.59 ? 153 ALA A CA  1 
ATOM   1207 C  C   . ALA A 1 153 ? 4.893   12.395  -7.608  1.00 15.98 ? 153 ALA A C   1 
ATOM   1208 O  O   . ALA A 1 153 ? 5.455   13.457  -7.297  1.00 16.15 ? 153 ALA A O   1 
ATOM   1209 C  CB  . ALA A 1 153 ? 2.555   12.213  -8.510  1.00 16.92 ? 153 ALA A CB  1 
ATOM   1210 N  N   . ALA A 1 154 ? 4.999   11.272  -6.903  1.00 24.08 ? 154 ALA A N   1 
ATOM   1211 C  CA  . ALA A 1 154 ? 5.780   11.188  -5.676  1.00 23.58 ? 154 ALA A CA  1 
ATOM   1212 C  C   . ALA A 1 154 ? 7.201   11.642  -5.904  1.00 23.52 ? 154 ALA A C   1 
ATOM   1213 O  O   . ALA A 1 154 ? 7.736   12.423  -5.124  1.00 23.53 ? 154 ALA A O   1 
ATOM   1214 C  CB  . ALA A 1 154 ? 5.776   9.770   -5.152  1.00 23.03 ? 154 ALA A CB  1 
ATOM   1215 N  N   . ALA A 1 155 ? 7.811   11.142  -6.977  1.00 16.19 ? 155 ALA A N   1 
ATOM   1216 C  CA  . ALA A 1 155 ? 9.190   11.491  -7.339  1.00 16.25 ? 155 ALA A CA  1 
ATOM   1217 C  C   . ALA A 1 155 ? 9.371   12.992  -7.601  1.00 16.84 ? 155 ALA A C   1 
ATOM   1218 O  O   . ALA A 1 155 ? 10.282  13.629  -7.057  1.00 16.90 ? 155 ALA A O   1 
ATOM   1219 C  CB  . ALA A 1 155 ? 9.633   10.684  -8.536  1.00 16.26 ? 155 ALA A CB  1 
ATOM   1220 N  N   . HIS A 1 156 ? 8.502   13.563  -8.427  1.00 29.79 ? 156 HIS A N   1 
ATOM   1221 C  CA  . HIS A 1 156 ? 8.571   14.996  -8.711  1.00 30.51 ? 156 HIS A CA  1 
ATOM   1222 C  C   . HIS A 1 156 ? 8.311   15.838  -7.462  1.00 30.49 ? 156 HIS A C   1 
ATOM   1223 O  O   . HIS A 1 156 ? 8.817   16.953  -7.327  1.00 30.85 ? 156 HIS A O   1 
ATOM   1224 C  CB  . HIS A 1 156 ? 7.613   15.369  -9.844  1.00 31.17 ? 156 HIS A CB  1 
ATOM   1225 C  CG  . HIS A 1 156 ? 7.993   14.778  -11.163 1.00 31.34 ? 156 HIS A CG  1 
ATOM   1226 N  ND1 . HIS A 1 156 ? 7.157   14.784  -12.262 1.00 31.95 ? 156 HIS A ND1 1 
ATOM   1227 C  CD2 . HIS A 1 156 ? 9.126   14.146  -11.562 1.00 31.01 ? 156 HIS A CD2 1 
ATOM   1228 C  CE1 . HIS A 1 156 ? 7.757   14.196  -13.272 1.00 31.97 ? 156 HIS A CE1 1 
ATOM   1229 N  NE2 . HIS A 1 156 ? 8.954   13.795  -12.883 1.00 31.40 ? 156 HIS A NE2 1 
ATOM   1230 N  N   . ALA A 1 157 ? 7.534   15.276  -6.542  1.00 22.80 ? 157 ALA A N   1 
ATOM   1231 C  CA  . ALA A 1 157 ? 7.222   15.941  -5.287  1.00 22.74 ? 157 ALA A CA  1 
ATOM   1232 C  C   . ALA A 1 157 ? 8.468   16.165  -4.417  1.00 22.46 ? 157 ALA A C   1 
ATOM   1233 O  O   . ALA A 1 157 ? 8.540   17.127  -3.660  1.00 22.68 ? 157 ALA A O   1 
ATOM   1234 C  CB  . ALA A 1 157 ? 6.157   15.153  -4.522  1.00 22.36 ? 157 ALA A CB  1 
ATOM   1235 N  N   . VAL A 1 158 ? 9.450   15.282  -4.520  1.00 28.85 ? 158 VAL A N   1 
ATOM   1236 C  CA  . VAL A 1 158 ? 10.656  15.428  -3.718  1.00 28.65 ? 158 VAL A CA  1 
ATOM   1237 C  C   . VAL A 1 158 ? 11.810  15.971  -4.550  1.00 29.04 ? 158 VAL A C   1 
ATOM   1238 O  O   . VAL A 1 158 ? 12.940  16.060  -4.070  1.00 28.93 ? 158 VAL A O   1 
ATOM   1239 C  CB  . VAL A 1 158 ? 11.062  14.098  -3.016  1.00 28.07 ? 158 VAL A CB  1 
ATOM   1240 C  CG1 . VAL A 1 158 ? 10.010  13.689  -1.979  1.00 27.82 ? 158 VAL A CG1 1 
ATOM   1241 C  CG2 . VAL A 1 158 ? 11.282  12.987  -4.039  1.00 27.91 ? 158 VAL A CG2 1 
ATOM   1242 N  N   . GLY A 1 159 ? 11.525  16.334  -5.797  1.00 17.63 ? 159 GLY A N   1 
ATOM   1243 C  CA  . GLY A 1 159 ? 12.493  17.038  -6.630  1.00 18.15 ? 159 GLY A CA  1 
ATOM   1244 C  C   . GLY A 1 159 ? 13.421  16.185  -7.482  1.00 18.07 ? 159 GLY A C   1 
ATOM   1245 O  O   . GLY A 1 159 ? 14.428  16.671  -7.995  1.00 18.47 ? 159 GLY A O   1 
ATOM   1246 N  N   . VAL A 1 160 ? 13.077  14.912  -7.644  1.00 23.29 ? 160 VAL A N   1 
ATOM   1247 C  CA  . VAL A 1 160 ? 13.875  14.006  -8.458  1.00 23.18 ? 160 VAL A CA  1 
ATOM   1248 C  C   . VAL A 1 160 ? 13.059  13.424  -9.616  1.00 23.30 ? 160 VAL A C   1 
ATOM   1249 O  O   . VAL A 1 160 ? 11.829  13.548  -9.657  1.00 23.38 ? 160 VAL A O   1 
ATOM   1250 C  CB  . VAL A 1 160 ? 14.490  12.857  -7.600  1.00 22.48 ? 160 VAL A CB  1 
ATOM   1251 C  CG1 . VAL A 1 160 ? 15.024  13.411  -6.284  1.00 22.34 ? 160 VAL A CG1 1 
ATOM   1252 C  CG2 . VAL A 1 160 ? 13.460  11.734  -7.354  1.00 22.01 ? 160 VAL A CG2 1 
ATOM   1253 N  N   . ALA A 1 161 ? 13.756  12.808  -10.568 1.00 27.94 ? 161 ALA A N   1 
ATOM   1254 C  CA  . ALA A 1 161 ? 13.100  12.085  -11.651 1.00 27.98 ? 161 ALA A CA  1 
ATOM   1255 C  C   . ALA A 1 161 ? 12.867  10.641  -11.220 1.00 27.24 ? 161 ALA A C   1 
ATOM   1256 O  O   . ALA A 1 161 ? 13.626  10.096  -10.427 1.00 26.80 ? 161 ALA A O   1 
ATOM   1257 C  CB  . ALA A 1 161 ? 13.935  12.139  -12.910 1.00 28.48 ? 161 ALA A CB  1 
ATOM   1258 N  N   . PRO A 1 162 ? 11.796  10.023  -11.721 1.00 15.77 ? 162 PRO A N   1 
ATOM   1259 C  CA  . PRO A 1 162 ? 11.563  8.591   -11.510 1.00 16.10 ? 162 PRO A CA  1 
ATOM   1260 C  C   . PRO A 1 162 ? 12.796  7.735   -11.768 1.00 17.30 ? 162 PRO A C   1 
ATOM   1261 O  O   . PRO A 1 162 ? 13.006  6.754   -11.053 1.00 17.24 ? 162 PRO A O   1 
ATOM   1262 C  CB  . PRO A 1 162 ? 10.486  8.284   -12.536 1.00 16.56 ? 162 PRO A CB  1 
ATOM   1263 C  CG  . PRO A 1 162 ? 9.670   9.544   -12.545 1.00 15.59 ? 162 PRO A CG  1 
ATOM   1264 C  CD  . PRO A 1 162 ? 10.647  10.674  -12.363 1.00 15.38 ? 162 PRO A CD  1 
ATOM   1265 N  N   . SER A 1 163 ? 13.598  8.109   -12.762 1.00 17.41 ? 163 SER A N   1 
ATOM   1266 C  CA  . SER A 1 163 ? 14.827  7.373   -13.104 1.00 18.79 ? 163 SER A CA  1 
ATOM   1267 C  C   . SER A 1 163 ? 15.900  7.419   -12.008 1.00 18.30 ? 163 SER A C   1 
ATOM   1268 O  O   . SER A 1 163 ? 16.910  6.722   -12.084 1.00 19.32 ? 163 SER A O   1 
ATOM   1269 C  CB  . SER A 1 163 ? 15.416  7.916   -14.408 1.00 20.04 ? 163 SER A CB  1 
ATOM   1270 O  OG  . SER A 1 163 ? 16.087  9.158   -14.193 1.00 19.63 ? 163 SER A OG  1 
ATOM   1271 N  N   . GLU A 1 164 ? 15.680  8.263   -11.006 1.00 21.81 ? 164 GLU A N   1 
ATOM   1272 C  CA  . GLU A 1 164 ? 16.626  8.413   -9.900  1.00 21.23 ? 164 GLU A CA  1 
ATOM   1273 C  C   . GLU A 1 164 ? 16.158  7.670   -8.632  1.00 20.35 ? 164 GLU A C   1 
ATOM   1274 O  O   . GLU A 1 164 ? 16.815  7.714   -7.590  1.00 19.88 ? 164 GLU A O   1 
ATOM   1275 C  CB  . GLU A 1 164 ? 16.868  9.899   -9.593  1.00 20.36 ? 164 GLU A CB  1 
ATOM   1276 C  CG  . GLU A 1 164 ? 17.377  10.741  -10.781 1.00 21.17 ? 164 GLU A CG  1 
ATOM   1277 C  CD  . GLU A 1 164 ? 17.468  12.245  -10.454 1.00 20.29 ? 164 GLU A CD  1 
ATOM   1278 O  OE1 . GLU A 1 164 ? 18.592  12.778  -10.283 1.00 20.38 ? 164 GLU A OE1 1 
ATOM   1279 O  OE2 . GLU A 1 164 ? 16.404  12.895  -10.344 1.00 19.52 ? 164 GLU A OE2 1 
ATOM   1280 N  N   . SER A 1 165 ? 15.044  6.953   -8.744  1.00 17.92 ? 165 SER A N   1 
ATOM   1281 C  CA  . SER A 1 165 ? 14.404  6.365   -7.574  1.00 16.93 ? 165 SER A CA  1 
ATOM   1282 C  C   . SER A 1 165 ? 14.252  4.853   -7.606  1.00 17.52 ? 165 SER A C   1 
ATOM   1283 O  O   . SER A 1 165 ? 14.192  4.228   -8.669  1.00 18.76 ? 165 SER A O   1 
ATOM   1284 C  CB  . SER A 1 165 ? 13.020  6.978   -7.380  1.00 15.98 ? 165 SER A CB  1 
ATOM   1285 O  OG  . SER A 1 165 ? 13.079  8.376   -7.572  1.00 15.48 ? 165 SER A OG  1 
ATOM   1286 N  N   . ILE A 1 166 ? 14.172  4.278   -6.414  1.00 24.84 ? 166 ILE A N   1 
ATOM   1287 C  CA  . ILE A 1 166 ? 13.789  2.891   -6.250  1.00 25.11 ? 166 ILE A CA  1 
ATOM   1288 C  C   . ILE A 1 166 ? 12.353  2.877   -5.741  1.00 24.03 ? 166 ILE A C   1 
ATOM   1289 O  O   . ILE A 1 166 ? 12.008  3.669   -4.870  1.00 23.16 ? 166 ILE A O   1 
ATOM   1290 C  CB  . ILE A 1 166 ? 14.691  2.186   -5.230  1.00 24.98 ? 166 ILE A CB  1 
ATOM   1291 C  CG1 . ILE A 1 166 ? 16.085  1.949   -5.813  1.00 26.40 ? 166 ILE A CG1 1 
ATOM   1292 C  CG2 . ILE A 1 166 ? 14.081  0.863   -4.804  1.00 24.80 ? 166 ILE A CG2 1 
ATOM   1293 C  CD1 . ILE A 1 166 ? 17.077  1.448   -4.790  1.00 26.30 ? 166 ILE A CD1 1 
ATOM   1294 N  N   . GLY A 1 167 ? 11.513  2.003   -6.291  1.00 39.79 ? 167 GLY A N   1 
ATOM   1295 C  CA  . GLY A 1 167 ? 10.153  1.863   -5.802  1.00 38.83 ? 167 GLY A CA  1 
ATOM   1296 C  C   . GLY A 1 167 ? 9.974   0.559   -5.045  1.00 38.81 ? 167 GLY A C   1 
ATOM   1297 O  O   . GLY A 1 167 ? 10.568  -0.455  -5.424  1.00 39.57 ? 167 GLY A O   1 
ATOM   1298 N  N   . LEU A 1 168 ? 9.178   0.573   -3.976  1.00 17.10 ? 168 LEU A N   1 
ATOM   1299 C  CA  . LEU A 1 168 ? 8.905   -0.657  -3.219  1.00 17.02 ? 168 LEU A CA  1 
ATOM   1300 C  C   . LEU A 1 168 ? 7.412   -1.040  -3.233  1.00 16.88 ? 168 LEU A C   1 
ATOM   1301 O  O   . LEU A 1 168 ? 6.550   -0.214  -2.923  1.00 16.56 ? 168 LEU A O   1 
ATOM   1302 C  CB  . LEU A 1 168 ? 9.427   -0.555  -1.773  1.00 16.63 ? 168 LEU A CB  1 
ATOM   1303 C  CG  . LEU A 1 168 ? 10.877  -0.097  -1.559  1.00 16.75 ? 168 LEU A CG  1 
ATOM   1304 C  CD1 . LEU A 1 168 ? 11.182  0.030   -0.073  1.00 16.35 ? 168 LEU A CD1 1 
ATOM   1305 C  CD2 . LEU A 1 168 ? 11.878  -1.028  -2.236  1.00 17.28 ? 168 LEU A CD2 1 
ATOM   1306 N  N   . GLU A 1 169 ? 7.122   -2.297  -3.578  1.00 29.18 ? 169 GLU A N   1 
ATOM   1307 C  CA  . GLU A 1 169 ? 5.744   -2.769  -3.759  1.00 29.16 ? 169 GLU A CA  1 
ATOM   1308 C  C   . GLU A 1 169 ? 5.590   -4.259  -3.474  1.00 29.37 ? 169 GLU A C   1 
ATOM   1309 O  O   . GLU A 1 169 ? 6.545   -5.022  -3.595  1.00 29.70 ? 169 GLU A O   1 
ATOM   1310 C  CB  . GLU A 1 169 ? 5.283   -2.504  -5.196  1.00 29.52 ? 169 GLU A CB  1 
ATOM   1311 C  CG  . GLU A 1 169 ? 4.617   -1.173  -5.402  1.00 29.22 ? 169 GLU A CG  1 
ATOM   1312 C  CD  . GLU A 1 169 ? 3.251   -1.143  -4.779  1.00 28.89 ? 169 GLU A CD  1 
ATOM   1313 O  OE1 . GLU A 1 169 ? 2.794   -2.201  -4.300  1.00 28.93 ? 169 GLU A OE1 1 
ATOM   1314 O  OE2 . GLU A 1 169 ? 2.636   -0.061  -4.769  1.00 28.60 ? 169 GLU A OE2 1 
ATOM   1315 N  N   . ASP A 1 170 ? 4.376   -4.670  -3.123  1.00 38.19 ? 170 ASP A N   1 
ATOM   1316 C  CA  . ASP A 1 170 ? 4.065   -6.074  -2.854  1.00 38.40 ? 170 ASP A CA  1 
ATOM   1317 C  C   . ASP A 1 170 ? 3.124   -6.666  -3.909  1.00 38.82 ? 170 ASP A C   1 
ATOM   1318 O  O   . ASP A 1 170 ? 2.978   -7.891  -4.007  1.00 39.15 ? 170 ASP A O   1 
ATOM   1319 C  CB  . ASP A 1 170 ? 3.423   -6.228  -1.476  1.00 37.88 ? 170 ASP A CB  1 
ATOM   1320 C  CG  . ASP A 1 170 ? 1.997   -5.712  -1.438  1.00 37.56 ? 170 ASP A CG  1 
ATOM   1321 O  OD1 . ASP A 1 170 ? 1.700   -4.750  -2.172  1.00 37.57 ? 170 ASP A OD1 1 
ATOM   1322 O  OD2 . ASP A 1 170 ? 1.169   -6.260  -0.680  1.00 37.30 ? 170 ASP A OD2 1 
ATOM   1323 N  N   . SER A 1 171 ? 2.481   -5.796  -4.683  1.00 34.75 ? 171 SER A N   1 
ATOM   1324 C  CA  . SER A 1 171 ? 1.550   -6.224  -5.722  1.00 35.11 ? 171 SER A CA  1 
ATOM   1325 C  C   . SER A 1 171 ? 2.182   -6.025  -7.081  1.00 35.68 ? 171 SER A C   1 
ATOM   1326 O  O   . SER A 1 171 ? 3.087   -5.210  -7.222  1.00 35.66 ? 171 SER A O   1 
ATOM   1327 C  CB  . SER A 1 171 ? 0.255   -5.420  -5.641  1.00 34.68 ? 171 SER A CB  1 
ATOM   1328 O  OG  . SER A 1 171 ? 0.519   -4.043  -5.803  1.00 34.45 ? 171 SER A OG  1 
ATOM   1329 N  N   . GLN A 1 172 ? 1.708   -6.749  -8.087  1.00 56.32 ? 172 GLN A N   1 
ATOM   1330 C  CA  . GLN A 1 172 ? 2.329   -6.648  -9.401  1.00 57.47 ? 172 GLN A CA  1 
ATOM   1331 C  C   . GLN A 1 172 ? 1.818   -5.475  -10.238 1.00 57.34 ? 172 GLN A C   1 
ATOM   1332 O  O   . GLN A 1 172 ? 2.565   -4.913  -11.038 1.00 58.32 ? 172 GLN A O   1 
ATOM   1333 C  CB  . GLN A 1 172 ? 2.230   -7.964  -10.164 1.00 58.53 ? 172 GLN A CB  1 
ATOM   1334 C  CG  . GLN A 1 172 ? 0.850   -8.304  -10.637 1.00 60.64 ? 172 GLN A CG  1 
ATOM   1335 C  CD  . GLN A 1 172 ? 0.886   -9.395  -11.672 1.00 60.80 ? 172 GLN A CD  1 
ATOM   1336 O  OE1 . GLN A 1 172 ? 1.911   -9.602  -12.328 1.00 60.16 ? 172 GLN A OE1 1 
ATOM   1337 N  NE2 . GLN A 1 172 ? -0.229  -10.108 -11.830 1.00 61.69 ? 172 GLN A NE2 1 
ATOM   1338 N  N   . ALA A 1 173 ? 0.555   -5.106  -10.061 1.00 31.34 ? 173 ALA A N   1 
ATOM   1339 C  CA  . ALA A 1 173 ? 0.083   -3.831  -10.593 1.00 31.16 ? 173 ALA A CA  1 
ATOM   1340 C  C   . ALA A 1 173 ? 0.998   -2.692  -10.112 1.00 30.67 ? 173 ALA A C   1 
ATOM   1341 O  O   . ALA A 1 173 ? 1.381   -1.831  -10.897 1.00 30.73 ? 173 ALA A O   1 
ATOM   1342 C  CB  . ALA A 1 173 ? -1.351  -3.572  -10.180 1.00 30.87 ? 173 ALA A CB  1 
ATOM   1343 N  N   . GLY A 1 174 ? 1.354   -2.704  -8.826  1.00 30.87 ? 174 GLY A N   1 
ATOM   1344 C  CA  . GLY A 1 174 ? 2.330   -1.777  -8.269  1.00 30.51 ? 174 GLY A CA  1 
ATOM   1345 C  C   . GLY A 1 174 ? 3.688   -1.870  -8.947  1.00 30.94 ? 174 GLY A C   1 
ATOM   1346 O  O   . GLY A 1 174 ? 4.271   -0.849  -9.337  1.00 31.02 ? 174 GLY A O   1 
ATOM   1347 N  N   . ILE A 1 175 ? 4.190   -3.095  -9.092  1.00 22.55 ? 175 ILE A N   1 
ATOM   1348 C  CA  . ILE A 1 175 ? 5.455   -3.339  -9.777  1.00 24.06 ? 175 ILE A CA  1 
ATOM   1349 C  C   . ILE A 1 175 ? 5.420   -2.735  -11.185 1.00 25.05 ? 175 ILE A C   1 
ATOM   1350 O  O   . ILE A 1 175 ? 6.344   -2.036  -11.610 1.00 25.59 ? 175 ILE A O   1 
ATOM   1351 C  CB  . ILE A 1 175 ? 5.746   -4.863  -9.896  1.00 25.30 ? 175 ILE A CB  1 
ATOM   1352 C  CG1 . ILE A 1 175 ? 5.809   -5.525  -8.518  1.00 24.37 ? 175 ILE A CG1 1 
ATOM   1353 C  CG2 . ILE A 1 175 ? 7.036   -5.119  -10.651 1.00 27.17 ? 175 ILE A CG2 1 
ATOM   1354 C  CD1 . ILE A 1 175 ? 6.858   -4.939  -7.618  1.00 23.43 ? 175 ILE A CD1 1 
ATOM   1355 N  N   . GLN A 1 176 ? 4.346   -3.026  -11.910 1.00 35.98 ? 176 GLN A N   1 
ATOM   1356 C  CA  . GLN A 1 176 ? 4.163   -2.526  -13.262 1.00 36.92 ? 176 GLN A CA  1 
ATOM   1357 C  C   . GLN A 1 176 ? 4.173   -1.000  -13.258 1.00 36.07 ? 176 GLN A C   1 
ATOM   1358 O  O   . GLN A 1 176 ? 4.817   -0.365  -14.097 1.00 36.96 ? 176 GLN A O   1 
ATOM   1359 C  CB  . GLN A 1 176 ? 2.840   -3.050  -13.821 1.00 36.97 ? 176 GLN A CB  1 
ATOM   1360 C  CG  . GLN A 1 176 ? 2.637   -2.789  -15.287 1.00 38.25 ? 176 GLN A CG  1 
ATOM   1361 C  CD  . GLN A 1 176 ? 3.562   -3.613  -16.146 1.00 40.40 ? 176 GLN A CD  1 
ATOM   1362 O  OE1 . GLN A 1 176 ? 4.299   -3.076  -16.982 1.00 41.53 ? 176 GLN A OE1 1 
ATOM   1363 N  NE2 . GLN A 1 176 ? 3.538   -4.930  -15.944 1.00 41.09 ? 176 GLN A NE2 1 
ATOM   1364 N  N   . ALA A 1 177 ? 3.463   -0.412  -12.302 1.00 29.21 ? 177 ALA A N   1 
ATOM   1365 C  CA  . ALA A 1 177 ? 3.409   1.038   -12.193 1.00 28.47 ? 177 ALA A CA  1 
ATOM   1366 C  C   . ALA A 1 177 ? 4.815   1.620   -12.040 1.00 28.86 ? 177 ALA A C   1 
ATOM   1367 O  O   . ALA A 1 177 ? 5.169   2.595   -12.701 1.00 29.31 ? 177 ALA A O   1 
ATOM   1368 C  CB  . ALA A 1 177 ? 2.532   1.443   -11.015 1.00 26.94 ? 177 ALA A CB  1 
ATOM   1369 N  N   . ILE A 1 178 ? 5.604   1.012   -11.156 1.00 17.33 ? 178 ILE A N   1 
ATOM   1370 C  CA  . ILE A 1 178 ? 6.981   1.423   -10.919 1.00 17.69 ? 178 ILE A CA  1 
ATOM   1371 C  C   . ILE A 1 178 ? 7.834   1.160   -12.153 1.00 19.45 ? 178 ILE A C   1 
ATOM   1372 O  O   . ILE A 1 178 ? 8.778   1.899   -12.452 1.00 19.92 ? 178 ILE A O   1 
ATOM   1373 C  CB  . ILE A 1 178 ? 7.589   0.654   -9.720  1.00 17.31 ? 178 ILE A CB  1 
ATOM   1374 C  CG1 . ILE A 1 178 ? 6.748   0.891   -8.457  1.00 15.70 ? 178 ILE A CG1 1 
ATOM   1375 C  CG2 . ILE A 1 178 ? 9.057   1.025   -9.540  1.00 17.81 ? 178 ILE A CG2 1 
ATOM   1376 C  CD1 . ILE A 1 178 ? 7.313   0.313   -7.189  1.00 15.16 ? 178 ILE A CD1 1 
ATOM   1377 N  N   . LYS A 1 179 ? 7.511   0.097   -12.870 1.00 37.40 ? 179 LYS A N   1 
ATOM   1378 C  CA  . LYS A 1 179 ? 8.272   -0.224  -14.061 1.00 39.34 ? 179 LYS A CA  1 
ATOM   1379 C  C   . LYS A 1 179 ? 8.056   0.838   -15.140 1.00 39.66 ? 179 LYS A C   1 
ATOM   1380 O  O   . LYS A 1 179 ? 9.008   1.350   -15.714 1.00 40.37 ? 179 LYS A O   1 
ATOM   1381 C  CB  . LYS A 1 179 ? 7.938   -1.641  -14.554 1.00 40.57 ? 179 LYS A CB  1 
ATOM   1382 C  CG  . LYS A 1 179 ? 8.830   -2.720  -13.921 1.00 41.36 ? 179 LYS A CG  1 
ATOM   1383 C  CD  . LYS A 1 179 ? 8.223   -4.124  -13.989 1.00 41.97 ? 179 LYS A CD  1 
ATOM   1384 C  CE  . LYS A 1 179 ? 8.143   -4.669  -15.406 1.00 43.84 ? 179 LYS A CE  1 
ATOM   1385 N  NZ  . LYS A 1 179 ? 7.284   -5.889  -15.477 1.00 44.34 ? 179 LYS A NZ  1 
ATOM   1386 N  N   . ASP A 1 180 ? 6.801   1.196   -15.374 1.00 31.65 ? 180 ASP A N   1 
ATOM   1387 C  CA  . ASP A 1 180 ? 6.459   2.165   -16.407 1.00 31.77 ? 180 ASP A CA  1 
ATOM   1388 C  C   . ASP A 1 180 ? 6.810   3.614   -16.086 1.00 30.82 ? 180 ASP A C   1 
ATOM   1389 O  O   . ASP A 1 180 ? 6.941   4.432   -16.999 1.00 31.30 ? 180 ASP A O   1 
ATOM   1390 C  CB  . ASP A 1 180 ? 4.979   2.066   -16.747 1.00 31.04 ? 180 ASP A CB  1 
ATOM   1391 C  CG  . ASP A 1 180 ? 4.638   0.767   -17.424 1.00 32.16 ? 180 ASP A CG  1 
ATOM   1392 O  OD1 . ASP A 1 180 ? 5.584   0.079   -17.870 1.00 31.39 ? 180 ASP A OD1 1 
ATOM   1393 O  OD2 . ASP A 1 180 ? 3.435   0.439   -17.511 1.00 33.88 ? 180 ASP A OD2 1 
ATOM   1394 N  N   . SER A 1 181 ? 6.954   3.927   -14.801 1.00 27.59 ? 181 SER A N   1 
ATOM   1395 C  CA  . SER A 1 181 ? 7.298   5.283   -14.353 1.00 26.65 ? 181 SER A CA  1 
ATOM   1396 C  C   . SER A 1 181 ? 8.769   5.620   -14.561 1.00 27.38 ? 181 SER A C   1 
ATOM   1397 O  O   . SER A 1 181 ? 9.139   6.793   -14.625 1.00 26.93 ? 181 SER A O   1 
ATOM   1398 C  CB  . SER A 1 181 ? 6.961   5.456   -12.874 1.00 25.08 ? 181 SER A CB  1 
ATOM   1399 O  OG  . SER A 1 181 ? 7.769   4.612   -12.078 1.00 25.13 ? 181 SER A OG  1 
ATOM   1400 N  N   . GLY A 1 182 ? 9.603   4.584   -14.642 1.00 25.14 ? 182 GLY A N   1 
ATOM   1401 C  CA  . GLY A 1 182 ? 11.029  4.765   -14.840 1.00 26.00 ? 182 GLY A CA  1 
ATOM   1402 C  C   . GLY A 1 182 ? 11.891  4.336   -13.665 1.00 25.59 ? 182 GLY A C   1 
ATOM   1403 O  O   . GLY A 1 182 ? 13.081  4.065   -13.832 1.00 26.69 ? 182 GLY A O   1 
ATOM   1404 N  N   . ALA A 1 183 ? 11.297  4.269   -12.475 1.00 26.11 ? 183 ALA A N   1 
ATOM   1405 C  CA  . ALA A 1 183 ? 12.028  3.861   -11.272 1.00 25.58 ? 183 ALA A CA  1 
ATOM   1406 C  C   . ALA A 1 183 ? 12.395  2.371   -11.293 1.00 26.70 ? 183 ALA A C   1 
ATOM   1407 O  O   . ALA A 1 183 ? 11.769  1.576   -11.993 1.00 27.60 ? 183 ALA A O   1 
ATOM   1408 C  CB  . ALA A 1 183 ? 11.208  4.192   -10.019 1.00 23.84 ? 183 ALA A CB  1 
ATOM   1409 N  N   . LEU A 1 184 ? 13.406  2.002   -10.515 1.00 26.58 ? 184 LEU A N   1 
ATOM   1410 C  CA  . LEU A 1 184 ? 13.778  0.598   -10.353 1.00 27.56 ? 184 LEU A CA  1 
ATOM   1411 C  C   . LEU A 1 184 ? 12.947  -0.058  -9.261  1.00 26.36 ? 184 LEU A C   1 
ATOM   1412 O  O   . LEU A 1 184 ? 13.042  0.334   -8.101  1.00 25.03 ? 184 LEU A O   1 
ATOM   1413 C  CB  . LEU A 1 184 ? 15.252  0.482   -9.976  1.00 28.20 ? 184 LEU A CB  1 
ATOM   1414 C  CG  . LEU A 1 184 ? 15.774  -0.951  -9.853  1.00 29.62 ? 184 LEU A CG  1 
ATOM   1415 C  CD1 . LEU A 1 184 ? 15.972  -1.551  -11.230 1.00 31.78 ? 184 LEU A CD1 1 
ATOM   1416 C  CD2 . LEU A 1 184 ? 17.075  -0.977  -9.068  1.00 29.87 ? 184 LEU A CD2 1 
ATOM   1417 N  N   . PRO A 1 185 ? 12.140  -1.072  -9.620  1.00 14.28 ? 185 PRO A N   1 
ATOM   1418 C  CA  . PRO A 1 185 ? 11.280  -1.759  -8.652  1.00 13.21 ? 185 PRO A CA  1 
ATOM   1419 C  C   . PRO A 1 185 ? 12.030  -2.818  -7.847  1.00 13.59 ? 185 PRO A C   1 
ATOM   1420 O  O   . PRO A 1 185 ? 12.907  -3.511  -8.359  1.00 15.30 ? 185 PRO A O   1 
ATOM   1421 C  CB  . PRO A 1 185 ? 10.244  -2.466  -9.537  1.00 13.97 ? 185 PRO A CB  1 
ATOM   1422 C  CG  . PRO A 1 185 ? 10.600  -2.150  -10.935 1.00 15.51 ? 185 PRO A CG  1 
ATOM   1423 C  CD  . PRO A 1 185 ? 12.010  -1.668  -10.955 1.00 16.08 ? 185 PRO A CD  1 
ATOM   1424 N  N   . ILE A 1 186 ? 11.658  -2.943  -6.581  1.00 18.55 ? 186 ILE A N   1 
ATOM   1425 C  CA  . ILE A 1 186 ? 12.102  -4.050  -5.742  1.00 18.73 ? 186 ILE A CA  1 
ATOM   1426 C  C   . ILE A 1 186 ? 10.914  -4.529  -4.916  1.00 17.39 ? 186 ILE A C   1 
ATOM   1427 O  O   . ILE A 1 186 ? 10.524  -3.884  -3.938  1.00 15.75 ? 186 ILE A O   1 
ATOM   1428 C  CB  . ILE A 1 186 ? 13.235  -3.623  -4.799  1.00 18.17 ? 186 ILE A CB  1 
ATOM   1429 C  CG1 . ILE A 1 186 ? 14.351  -2.933  -5.597  1.00 19.45 ? 186 ILE A CG1 1 
ATOM   1430 C  CG2 . ILE A 1 186 ? 13.742  -4.828  -4.011  1.00 18.33 ? 186 ILE A CG2 1 
ATOM   1431 C  CD1 . ILE A 1 186 ? 15.469  -2.403  -4.735  1.00 18.90 ? 186 ILE A CD1 1 
ATOM   1432 N  N   . GLY A 1 187 ? 10.339  -5.659  -5.326  1.00 23.15 ? 187 GLY A N   1 
ATOM   1433 C  CA  . GLY A 1 187 ? 9.110   -6.158  -4.738  1.00 22.03 ? 187 GLY A CA  1 
ATOM   1434 C  C   . GLY A 1 187 ? 9.348   -6.984  -3.494  1.00 21.42 ? 187 GLY A C   1 
ATOM   1435 O  O   . GLY A 1 187 ? 10.470  -7.389  -3.201  1.00 22.15 ? 187 GLY A O   1 
ATOM   1436 N  N   . VAL A 1 188 ? 8.275   -7.225  -2.755  1.00 17.62 ? 188 VAL A N   1 
ATOM   1437 C  CA  . VAL A 1 188 ? 8.326   -8.045  -1.551  1.00 17.34 ? 188 VAL A CA  1 
ATOM   1438 C  C   . VAL A 1 188 ? 7.095   -8.972  -1.516  1.00 17.45 ? 188 VAL A C   1 
ATOM   1439 O  O   . VAL A 1 188 ? 5.944   -8.527  -1.707  1.00 17.24 ? 188 VAL A O   1 
ATOM   1440 C  CB  . VAL A 1 188 ? 8.423   -7.179  -0.270  1.00 16.60 ? 188 VAL A CB  1 
ATOM   1441 C  CG1 . VAL A 1 188 ? 7.260   -6.207  -0.215  1.00 16.22 ? 188 VAL A CG1 1 
ATOM   1442 C  CG2 . VAL A 1 188 ? 8.466   -8.063  0.981   1.00 16.30 ? 188 VAL A CG2 1 
ATOM   1443 N  N   . GLY A 1 189 ? 7.361   -10.261 -1.283  1.00 29.61 ? 189 GLY A N   1 
ATOM   1444 C  CA  . GLY A 1 189 ? 6.361   -11.313 -1.400  1.00 30.10 ? 189 GLY A CA  1 
ATOM   1445 C  C   . GLY A 1 189 ? 6.851   -12.462 -2.270  1.00 32.46 ? 189 GLY A C   1 
ATOM   1446 O  O   . GLY A 1 189 ? 7.999   -12.462 -2.728  1.00 33.97 ? 189 GLY A O   1 
ATOM   1447 N  N   . ARG A 1 190 ? 5.975   -13.436 -2.511  1.00 56.79 ? 190 ARG A N   1 
ATOM   1448 C  CA  . ARG A 1 190 ? 6.339   -14.643 -3.257  1.00 59.44 ? 190 ARG A CA  1 
ATOM   1449 C  C   . ARG A 1 190 ? 6.507   -14.408 -4.757  1.00 60.70 ? 190 ARG A C   1 
ATOM   1450 O  O   . ARG A 1 190 ? 5.729   -13.671 -5.363  1.00 59.59 ? 190 ARG A O   1 
ATOM   1451 C  CB  . ARG A 1 190 ? 5.310   -15.745 -3.023  1.00 59.83 ? 190 ARG A CB  1 
ATOM   1452 C  CG  . ARG A 1 190 ? 5.033   -16.016 -1.563  1.00 59.05 ? 190 ARG A CG  1 
ATOM   1453 C  CD  . ARG A 1 190 ? 4.179   -17.257 -1.408  1.00 59.97 ? 190 ARG A CD  1 
ATOM   1454 N  NE  . ARG A 1 190 ? 3.140   -17.320 -2.431  1.00 59.44 ? 190 ARG A NE  1 
ATOM   1455 C  CZ  . ARG A 1 190 ? 2.240   -18.294 -2.526  1.00 60.03 ? 190 ARG A CZ  1 
ATOM   1456 N  NH1 . ARG A 1 190 ? 2.243   -19.301 -1.654  1.00 61.31 ? 190 ARG A NH1 1 
ATOM   1457 N  NH2 . ARG A 1 190 ? 1.334   -18.259 -3.497  1.00 59.51 ? 190 ARG A NH2 1 
ATOM   1458 N  N   . PRO A 1 191 ? 7.520   -15.059 -5.360  1.00 60.93 ? 191 PRO A N   1 
ATOM   1459 C  CA  . PRO A 1 191 ? 7.882   -14.898 -6.777  1.00 62.65 ? 191 PRO A CA  1 
ATOM   1460 C  C   . PRO A 1 191 ? 6.758   -15.346 -7.703  1.00 63.07 ? 191 PRO A C   1 
ATOM   1461 O  O   . PRO A 1 191 ? 6.453   -14.664 -8.683  1.00 63.00 ? 191 PRO A O   1 
ATOM   1462 C  CB  . PRO A 1 191 ? 9.095   -15.822 -6.941  1.00 65.52 ? 191 PRO A CB  1 
ATOM   1463 C  CG  . PRO A 1 191 ? 9.590   -16.069 -5.550  1.00 64.90 ? 191 PRO A CG  1 
ATOM   1464 C  CD  . PRO A 1 191 ? 8.373   -16.054 -4.689  1.00 62.58 ? 191 PRO A CD  1 
ATOM   1465 N  N   . GLU A 1 192 ? 6.162   -16.491 -7.385  1.00 59.94 ? 192 GLU A N   1 
ATOM   1466 C  CA  . GLU A 1 192 ? 5.000   -16.987 -8.101  1.00 60.02 ? 192 GLU A CA  1 
ATOM   1467 C  C   . GLU A 1 192 ? 3.998   -15.865 -8.346  1.00 57.65 ? 192 GLU A C   1 
ATOM   1468 O  O   . GLU A 1 192 ? 3.270   -15.871 -9.341  1.00 57.92 ? 192 GLU A O   1 
ATOM   1469 C  CB  . GLU A 1 192 ? 4.330   -18.103 -7.298  1.00 59.87 ? 192 GLU A CB  1 
ATOM   1470 C  CG  . GLU A 1 192 ? 5.196   -19.342 -7.079  1.00 62.57 ? 192 GLU A CG  1 
ATOM   1471 C  CD  . GLU A 1 192 ? 6.087   -19.252 -5.846  1.00 62.54 ? 192 GLU A CD  1 
ATOM   1472 O  OE1 . GLU A 1 192 ? 5.942   -18.292 -5.056  1.00 60.44 ? 192 GLU A OE1 1 
ATOM   1473 O  OE2 . GLU A 1 192 ? 6.935   -20.153 -5.661  1.00 64.76 ? 192 GLU A OE2 1 
ATOM   1474 N  N   . ASP A 1 193 ? 3.975   -14.898 -7.431  1.00 61.43 ? 193 ASP A N   1 
ATOM   1475 C  CA  . ASP A 1 193 ? 3.001   -13.807 -7.454  1.00 59.15 ? 193 ASP A CA  1 
ATOM   1476 C  C   . ASP A 1 193 ? 3.414   -12.627 -8.330  1.00 59.23 ? 193 ASP A C   1 
ATOM   1477 O  O   . ASP A 1 193 ? 2.581   -12.040 -9.021  1.00 58.66 ? 193 ASP A O   1 
ATOM   1478 C  CB  . ASP A 1 193 ? 2.764   -13.281 -6.029  1.00 56.85 ? 193 ASP A CB  1 
ATOM   1479 C  CG  . ASP A 1 193 ? 1.878   -14.192 -5.202  1.00 56.13 ? 193 ASP A CG  1 
ATOM   1480 O  OD1 . ASP A 1 193 ? 0.813   -14.598 -5.708  1.00 56.28 ? 193 ASP A OD1 1 
ATOM   1481 O  OD2 . ASP A 1 193 ? 2.240   -14.482 -4.042  1.00 56.10 ? 193 ASP A OD2 1 
ATOM   1482 N  N   . LEU A 1 194 ? 4.697   -12.278 -8.294  1.00 57.22 ? 194 LEU A N   1 
ATOM   1483 C  CA  . LEU A 1 194 ? 5.135   -10.969 -8.777  1.00 56.84 ? 194 LEU A CA  1 
ATOM   1484 C  C   . LEU A 1 194 ? 5.870   -10.951 -10.123 1.00 59.11 ? 194 LEU A C   1 
ATOM   1485 O  O   . LEU A 1 194 ? 5.737   -9.990  -10.889 1.00 58.99 ? 194 LEU A O   1 
ATOM   1486 C  CB  . LEU A 1 194 ? 5.950   -10.252 -7.689  1.00 55.57 ? 194 LEU A CB  1 
ATOM   1487 C  CG  . LEU A 1 194 ? 5.247   -10.169 -6.324  1.00 53.48 ? 194 LEU A CG  1 
ATOM   1488 C  CD1 . LEU A 1 194 ? 6.147   -9.573  -5.240  1.00 52.61 ? 194 LEU A CD1 1 
ATOM   1489 C  CD2 . LEU A 1 194 ? 3.938   -9.394  -6.431  1.00 51.83 ? 194 LEU A CD2 1 
ATOM   1490 N  N   . GLY A 1 195 ? 6.646   -11.991 -10.417 1.00 82.48 ? 195 GLY A N   1 
ATOM   1491 C  CA  . GLY A 1 195 ? 7.291   -12.075 -11.717 1.00 84.88 ? 195 GLY A CA  1 
ATOM   1492 C  C   . GLY A 1 195 ? 8.751   -12.494 -11.745 1.00 86.79 ? 195 GLY A C   1 
ATOM   1493 O  O   . GLY A 1 195 ? 9.363   -12.754 -10.707 1.00 86.18 ? 195 GLY A O   1 
ATOM   1494 N  N   . ASP A 1 196 ? 9.303   -12.544 -12.957 1.00 73.22 ? 196 ASP A N   1 
ATOM   1495 C  CA  . ASP A 1 196 ? 10.650  -13.056 -13.206 1.00 75.60 ? 196 ASP A CA  1 
ATOM   1496 C  C   . ASP A 1 196 ? 11.730  -11.987 -13.149 1.00 75.16 ? 196 ASP A C   1 
ATOM   1497 O  O   . ASP A 1 196 ? 12.792  -12.191 -12.558 1.00 75.68 ? 196 ASP A O   1 
ATOM   1498 C  CB  . ASP A 1 196 ? 10.707  -13.701 -14.592 1.00 78.60 ? 196 ASP A CB  1 
ATOM   1499 C  CG  . ASP A 1 196 ? 10.567  -15.203 -14.545 1.00 80.51 ? 196 ASP A CG  1 
ATOM   1500 O  OD1 . ASP A 1 196 ? 10.710  -15.779 -13.445 1.00 79.92 ? 196 ASP A OD1 1 
ATOM   1501 O  OD2 . ASP A 1 196 ? 10.330  -15.808 -15.616 1.00 82.72 ? 196 ASP A OD2 1 
ATOM   1502 N  N   . ASP A 1 197 ? 11.445  -10.849 -13.768 1.00 57.72 ? 197 ASP A N   1 
ATOM   1503 C  CA  . ASP A 1 197 ? 12.474  -9.889  -14.144 1.00 58.25 ? 197 ASP A CA  1 
ATOM   1504 C  C   . ASP A 1 197 ? 12.753  -8.780  -13.135 1.00 55.84 ? 197 ASP A C   1 
ATOM   1505 O  O   . ASP A 1 197 ? 13.374  -7.774  -13.470 1.00 55.81 ? 197 ASP A O   1 
ATOM   1506 C  CB  . ASP A 1 197 ? 12.130  -9.274  -15.504 1.00 59.19 ? 197 ASP A CB  1 
ATOM   1507 C  CG  . ASP A 1 197 ? 10.703  -8.752  -15.568 1.00 57.17 ? 197 ASP A CG  1 
ATOM   1508 O  OD1 . ASP A 1 197 ? 9.893   -9.062  -14.668 1.00 57.98 ? 197 ASP A OD1 1 
ATOM   1509 O  OD2 . ASP A 1 197 ? 10.392  -8.026  -16.533 1.00 54.89 ? 197 ASP A OD2 1 
ATOM   1510 N  N   . ILE A 1 198 ? 12.309  -8.960  -11.900 1.00 44.03 ? 198 ILE A N   1 
ATOM   1511 C  CA  . ILE A 1 198 ? 12.601  -7.989  -10.854 1.00 42.02 ? 198 ILE A CA  1 
ATOM   1512 C  C   . ILE A 1 198 ? 13.296  -8.662  -9.684  1.00 41.98 ? 198 ILE A C   1 
ATOM   1513 O  O   . ILE A 1 198 ? 13.258  -9.883  -9.555  1.00 43.24 ? 198 ILE A O   1 
ATOM   1514 C  CB  . ILE A 1 198 ? 11.325  -7.303  -10.339 1.00 39.39 ? 198 ILE A CB  1 
ATOM   1515 C  CG1 . ILE A 1 198 ? 10.299  -8.347  -9.923  1.00 38.28 ? 198 ILE A CG1 1 
ATOM   1516 C  CG2 . ILE A 1 198 ? 10.736  -6.401  -11.411 1.00 39.58 ? 198 ILE A CG2 1 
ATOM   1517 C  CD1 . ILE A 1 198 ? 9.116   -7.767  -9.245  1.00 39.35 ? 198 ILE A CD1 1 
ATOM   1518 N  N   . VAL A 1 199 ? 13.934  -7.857  -8.838  1.00 29.03 ? 199 VAL A N   1 
ATOM   1519 C  CA  . VAL A 1 199 ? 14.521  -8.346  -7.593  1.00 28.72 ? 199 VAL A CA  1 
ATOM   1520 C  C   . VAL A 1 199 ? 13.433  -8.461  -6.520  1.00 26.58 ? 199 VAL A C   1 
ATOM   1521 O  O   . VAL A 1 199 ? 12.633  -7.537  -6.329  1.00 24.70 ? 199 VAL A O   1 
ATOM   1522 C  CB  . VAL A 1 199 ? 15.648  -7.419  -7.104  1.00 28.05 ? 199 VAL A CB  1 
ATOM   1523 C  CG1 . VAL A 1 199 ? 16.163  -7.855  -5.729  1.00 27.73 ? 199 VAL A CG1 1 
ATOM   1524 C  CG2 . VAL A 1 199 ? 16.772  -7.395  -8.113  1.00 30.11 ? 199 VAL A CG2 1 
ATOM   1525 N  N   . ILE A 1 200 ? 13.385  -9.594  -5.827  1.00 37.43 ? 200 ILE A N   1 
ATOM   1526 C  CA  . ILE A 1 200 ? 12.332  -9.805  -4.839  1.00 35.49 ? 200 ILE A CA  1 
ATOM   1527 C  C   . ILE A 1 200 ? 12.870  -10.275 -3.498  1.00 35.20 ? 200 ILE A C   1 
ATOM   1528 O  O   . ILE A 1 200 ? 13.873  -10.983 -3.434  1.00 37.11 ? 200 ILE A O   1 
ATOM   1529 C  CB  . ILE A 1 200 ? 11.286  -10.812 -5.345  1.00 36.06 ? 200 ILE A CB  1 
ATOM   1530 C  CG1 . ILE A 1 200 ? 10.731  -10.357 -6.695  1.00 36.56 ? 200 ILE A CG1 1 
ATOM   1531 C  CG2 . ILE A 1 200 ? 10.163  -10.974 -4.333  1.00 33.95 ? 200 ILE A CG2 1 
ATOM   1532 C  CD1 . ILE A 1 200 ? 9.870   -11.391 -7.362  1.00 37.92 ? 200 ILE A CD1 1 
ATOM   1533 N  N   . VAL A 1 201 ? 12.199  -9.861  -2.429  1.00 27.12 ? 201 VAL A N   1 
ATOM   1534 C  CA  . VAL A 1 201 ? 12.513  -10.332 -1.086  1.00 26.79 ? 201 VAL A CA  1 
ATOM   1535 C  C   . VAL A 1 201 ? 11.307  -11.052 -0.468  1.00 26.03 ? 201 VAL A C   1 
ATOM   1536 O  O   . VAL A 1 201 ? 10.164  -10.786 -0.832  1.00 24.77 ? 201 VAL A O   1 
ATOM   1537 C  CB  . VAL A 1 201 ? 12.956  -9.178  -0.168  1.00 25.03 ? 201 VAL A CB  1 
ATOM   1538 C  CG1 . VAL A 1 201 ? 14.237  -8.552  -0.687  1.00 25.83 ? 201 VAL A CG1 1 
ATOM   1539 C  CG2 . VAL A 1 201 ? 11.864  -8.142  -0.057  1.00 22.65 ? 201 VAL A CG2 1 
ATOM   1540 N  N   . PRO A 1 202 ? 11.561  -11.975 0.467   1.00 34.22 ? 202 PRO A N   1 
ATOM   1541 C  CA  . PRO A 1 202 ? 10.461  -12.724 1.079   1.00 33.98 ? 202 PRO A CA  1 
ATOM   1542 C  C   . PRO A 1 202 ? 9.614   -11.821 1.972   1.00 31.64 ? 202 PRO A C   1 
ATOM   1543 O  O   . PRO A 1 202 ? 8.386   -11.928 1.988   1.00 30.80 ? 202 PRO A O   1 
ATOM   1544 C  CB  . PRO A 1 202 ? 11.184  -13.783 1.929   1.00 36.03 ? 202 PRO A CB  1 
ATOM   1545 C  CG  . PRO A 1 202 ? 12.599  -13.768 1.472   1.00 37.45 ? 202 PRO A CG  1 
ATOM   1546 C  CD  . PRO A 1 202 ? 12.866  -12.377 1.013   1.00 35.68 ? 202 PRO A CD  1 
ATOM   1547 N  N   . ASP A 1 203 ? 10.274  -10.937 2.709   1.00 35.85 ? 203 ASP A N   1 
ATOM   1548 C  CA  . ASP A 1 203 ? 9.578   -10.003 3.575   1.00 34.05 ? 203 ASP A CA  1 
ATOM   1549 C  C   . ASP A 1 203 ? 10.330  -8.679  3.669   1.00 32.87 ? 203 ASP A C   1 
ATOM   1550 O  O   . ASP A 1 203 ? 11.452  -8.553  3.166   1.00 33.65 ? 203 ASP A O   1 
ATOM   1551 C  CB  . ASP A 1 203 ? 9.377   -10.606 4.971   1.00 34.99 ? 203 ASP A CB  1 
ATOM   1552 C  CG  . ASP A 1 203 ? 10.687  -10.877 5.694   1.00 36.60 ? 203 ASP A CG  1 
ATOM   1553 O  OD1 . ASP A 1 203 ? 11.750  -10.434 5.223   1.00 36.08 ? 203 ASP A OD1 1 
ATOM   1554 O  OD2 . ASP A 1 203 ? 10.657  -11.539 6.745   1.00 38.48 ? 203 ASP A OD2 1 
ATOM   1555 N  N   . THR A 1 204 ? 9.716   -7.705  4.339   1.00 28.11 ? 204 THR A N   1 
ATOM   1556 C  CA  . THR A 1 204 ? 10.288  -6.365  4.482   1.00 27.98 ? 204 THR A CA  1 
ATOM   1557 C  C   . THR A 1 204 ? 11.576  -6.327  5.322   1.00 28.23 ? 204 THR A C   1 
ATOM   1558 O  O   . THR A 1 204 ? 12.347  -5.373  5.240   1.00 28.20 ? 204 THR A O   1 
ATOM   1559 C  CB  . THR A 1 204 ? 9.238   -5.335  5.034   1.00 27.70 ? 204 THR A CB  1 
ATOM   1560 O  OG1 . THR A 1 204 ? 8.625   -5.837  6.230   1.00 27.97 ? 204 THR A OG1 1 
ATOM   1561 C  CG2 . THR A 1 204 ? 8.154   -5.065  4.009   1.00 27.75 ? 204 THR A CG2 1 
ATOM   1562 N  N   . SER A 1 205 ? 11.825  -7.354  6.127   1.00 27.45 ? 205 SER A N   1 
ATOM   1563 C  CA  . SER A 1 205 ? 13.044  -7.354  6.940   1.00 28.61 ? 205 SER A CA  1 
ATOM   1564 C  C   . SER A 1 205 ? 14.279  -7.277  6.038   1.00 28.64 ? 205 SER A C   1 
ATOM   1565 O  O   . SER A 1 205 ? 15.358  -6.885  6.478   1.00 29.17 ? 205 SER A O   1 
ATOM   1566 C  CB  . SER A 1 205 ? 13.122  -8.592  7.828   1.00 30.63 ? 205 SER A CB  1 
ATOM   1567 O  OG  . SER A 1 205 ? 13.734  -9.660  7.131   1.00 31.75 ? 205 SER A OG  1 
ATOM   1568 N  N   . HIS A 1 206 ? 14.100  -7.640  4.773   1.00 30.00 ? 206 HIS A N   1 
ATOM   1569 C  CA  . HIS A 1 206 ? 15.196  -7.624  3.805   1.00 31.05 ? 206 HIS A CA  1 
ATOM   1570 C  C   . HIS A 1 206 ? 15.455  -6.246  3.162   1.00 29.69 ? 206 HIS A C   1 
ATOM   1571 O  O   . HIS A 1 206 ? 16.498  -6.040  2.540   1.00 30.68 ? 206 HIS A O   1 
ATOM   1572 C  CB  . HIS A 1 206 ? 14.962  -8.674  2.717   1.00 32.70 ? 206 HIS A CB  1 
ATOM   1573 C  CG  . HIS A 1 206 ? 15.175  -10.084 3.175   1.00 34.76 ? 206 HIS A CG  1 
ATOM   1574 N  ND1 . HIS A 1 206 ? 14.182  -10.841 3.753   1.00 34.86 ? 206 HIS A ND1 1 
ATOM   1575 C  CD2 . HIS A 1 206 ? 16.273  -10.888 3.114   1.00 36.99 ? 206 HIS A CD2 1 
ATOM   1576 C  CE1 . HIS A 1 206 ? 14.655  -12.046 4.045   1.00 37.05 ? 206 HIS A CE1 1 
ATOM   1577 N  NE2 . HIS A 1 206 ? 15.916  -12.092 3.662   1.00 38.39 ? 206 HIS A NE2 1 
ATOM   1578 N  N   . TYR A 1 207 ? 14.511  -5.316  3.308   1.00 28.39 ? 207 TYR A N   1 
ATOM   1579 C  CA  . TYR A 1 207 ? 14.687  -3.941  2.822   1.00 28.41 ? 207 TYR A CA  1 
ATOM   1580 C  C   . TYR A 1 207 ? 15.657  -3.124  3.685   1.00 28.32 ? 207 TYR A C   1 
ATOM   1581 O  O   . TYR A 1 207 ? 15.228  -2.380  4.573   1.00 27.98 ? 207 TYR A O   1 
ATOM   1582 C  CB  . TYR A 1 207 ? 13.352  -3.192  2.768   1.00 28.10 ? 207 TYR A CB  1 
ATOM   1583 C  CG  . TYR A 1 207 ? 12.438  -3.550  1.617   1.00 28.37 ? 207 TYR A CG  1 
ATOM   1584 C  CD1 . TYR A 1 207 ? 12.943  -4.007  0.406   1.00 28.94 ? 207 TYR A CD1 1 
ATOM   1585 C  CD2 . TYR A 1 207 ? 11.062  -3.389  1.730   1.00 28.11 ? 207 TYR A CD2 1 
ATOM   1586 C  CE1 . TYR A 1 207 ? 12.101  -4.320  -0.648  1.00 29.25 ? 207 TYR A CE1 1 
ATOM   1587 C  CE2 . TYR A 1 207 ? 10.216  -3.693  0.682   1.00 28.39 ? 207 TYR A CE2 1 
ATOM   1588 C  CZ  . TYR A 1 207 ? 10.739  -4.158  -0.505  1.00 28.96 ? 207 TYR A CZ  1 
ATOM   1589 O  OH  . TYR A 1 207 ? 9.873   -4.458  -1.535  1.00 29.28 ? 207 TYR A OH  1 
ATOM   1590 N  N   . THR A 1 208 ? 16.957  -3.259  3.424   1.00 17.97 ? 208 THR A N   1 
ATOM   1591 C  CA  . THR A 1 208 ? 17.960  -2.451  4.113   1.00 18.05 ? 208 THR A CA  1 
ATOM   1592 C  C   . THR A 1 208 ? 18.643  -1.492  3.138   1.00 18.26 ? 208 THR A C   1 
ATOM   1593 O  O   . THR A 1 208 ? 18.608  -1.679  1.913   1.00 18.60 ? 208 THR A O   1 
ATOM   1594 C  CB  . THR A 1 208 ? 19.046  -3.318  4.772   1.00 18.77 ? 208 THR A CB  1 
ATOM   1595 O  OG1 . THR A 1 208 ? 19.959  -3.778  3.766   1.00 19.86 ? 208 THR A OG1 1 
ATOM   1596 C  CG2 . THR A 1 208 ? 18.428  -4.503  5.509   1.00 19.20 ? 208 THR A CG2 1 
ATOM   1597 N  N   . LEU A 1 209 ? 19.275  -0.462  3.681   1.00 20.61 ? 209 LEU A N   1 
ATOM   1598 C  CA  . LEU A 1 209 ? 19.957  0.499   2.839   1.00 20.82 ? 209 LEU A CA  1 
ATOM   1599 C  C   . LEU A 1 209 ? 21.067  -0.217  2.097   1.00 21.50 ? 209 LEU A C   1 
ATOM   1600 O  O   . LEU A 1 209 ? 21.150  -0.141  0.868   1.00 22.26 ? 209 LEU A O   1 
ATOM   1601 C  CB  . LEU A 1 209 ? 20.533  1.642   3.665   1.00 20.66 ? 209 LEU A CB  1 
ATOM   1602 C  CG  . LEU A 1 209 ? 21.179  2.652   2.726   1.00 20.87 ? 209 LEU A CG  1 
ATOM   1603 C  CD1 . LEU A 1 209 ? 20.177  3.019   1.670   1.00 20.80 ? 209 LEU A CD1 1 
ATOM   1604 C  CD2 . LEU A 1 209 ? 21.680  3.883   3.455   1.00 20.65 ? 209 LEU A CD2 1 
ATOM   1605 N  N   . GLU A 1 210 ? 21.902  -0.925  2.857   1.00 30.54 ? 210 GLU A N   1 
ATOM   1606 C  CA  . GLU A 1 210 ? 22.982  -1.730  2.293   1.00 32.46 ? 210 GLU A CA  1 
ATOM   1607 C  C   . GLU A 1 210 ? 22.533  -2.523  1.066   1.00 33.89 ? 210 GLU A C   1 
ATOM   1608 O  O   . GLU A 1 210 ? 23.201  -2.527  0.030   1.00 35.41 ? 210 GLU A O   1 
ATOM   1609 C  CB  . GLU A 1 210 ? 23.538  -2.674  3.357   1.00 33.23 ? 210 GLU A CB  1 
ATOM   1610 C  CG  . GLU A 1 210 ? 24.180  -3.954  2.828   1.00 35.85 ? 210 GLU A CG  1 
ATOM   1611 C  CD  . GLU A 1 210 ? 25.131  -4.594  3.846   1.00 37.08 ? 210 GLU A CD  1 
ATOM   1612 O  OE1 . GLU A 1 210 ? 25.749  -3.851  4.642   1.00 39.27 ? 210 GLU A OE1 1 
ATOM   1613 O  OE2 . GLU A 1 210 ? 25.254  -5.842  3.848   1.00 36.08 ? 210 GLU A OE2 1 
ATOM   1614 N  N   . PHE A 1 211 ? 21.385  -3.177  1.186   1.00 18.00 ? 211 PHE A N   1 
ATOM   1615 C  CA  . PHE A 1 211 ? 20.878  -4.011  0.114   1.00 19.37 ? 211 PHE A CA  1 
ATOM   1616 C  C   . PHE A 1 211 ? 20.335  -3.224  -1.085  1.00 19.14 ? 211 PHE A C   1 
ATOM   1617 O  O   . PHE A 1 211 ? 20.542  -3.621  -2.244  1.00 20.86 ? 211 PHE A O   1 
ATOM   1618 C  CB  . PHE A 1 211 ? 19.814  -4.957  0.659   1.00 19.00 ? 211 PHE A CB  1 
ATOM   1619 C  CG  . PHE A 1 211 ? 19.172  -5.812  -0.391  1.00 20.34 ? 211 PHE A CG  1 
ATOM   1620 C  CD1 . PHE A 1 211 ? 19.845  -6.909  -0.916  1.00 22.86 ? 211 PHE A CD1 1 
ATOM   1621 C  CD2 . PHE A 1 211 ? 17.893  -5.522  -0.853  1.00 19.25 ? 211 PHE A CD2 1 
ATOM   1622 C  CE1 . PHE A 1 211 ? 19.252  -7.715  -1.886  1.00 24.22 ? 211 PHE A CE1 1 
ATOM   1623 C  CE2 . PHE A 1 211 ? 17.289  -6.320  -1.821  1.00 20.53 ? 211 PHE A CE2 1 
ATOM   1624 C  CZ  . PHE A 1 211 ? 17.975  -7.425  -2.339  1.00 23.01 ? 211 PHE A CZ  1 
ATOM   1625 N  N   . LEU A 1 212 ? 19.630  -2.127  -0.821  1.00 23.40 ? 212 LEU A N   1 
ATOM   1626 C  CA  . LEU A 1 212 ? 19.106  -1.322  -1.917  1.00 23.45 ? 212 LEU A CA  1 
ATOM   1627 C  C   . LEU A 1 212 ? 20.283  -0.823  -2.746  1.00 24.74 ? 212 LEU A C   1 
ATOM   1628 O  O   . LEU A 1 212 ? 20.250  -0.835  -3.975  1.00 25.97 ? 212 LEU A O   1 
ATOM   1629 C  CB  . LEU A 1 212 ? 18.261  -0.140  -1.414  1.00 21.64 ? 212 LEU A CB  1 
ATOM   1630 C  CG  . LEU A 1 212 ? 17.037  -0.401  -0.527  1.00 20.42 ? 212 LEU A CG  1 
ATOM   1631 C  CD1 . LEU A 1 212 ? 15.921  0.591   -0.844  1.00 20.11 ? 212 LEU A CD1 1 
ATOM   1632 C  CD2 . LEU A 1 212 ? 16.523  -1.823  -0.677  1.00 20.86 ? 212 LEU A CD2 1 
ATOM   1633 N  N   . LYS A 1 213 ? 21.333  -0.396  -2.062  1.00 30.49 ? 213 LYS A N   1 
ATOM   1634 C  CA  . LYS A 1 213 ? 22.535  0.030   -2.749  1.00 31.66 ? 213 LYS A CA  1 
ATOM   1635 C  C   . LYS A 1 213 ? 23.094  -1.056  -3.659  1.00 34.02 ? 213 LYS A C   1 
ATOM   1636 O  O   . LYS A 1 213 ? 23.435  -0.771  -4.804  1.00 35.19 ? 213 LYS A O   1 
ATOM   1637 C  CB  . LYS A 1 213 ? 23.598  0.469   -1.752  1.00 31.11 ? 213 LYS A CB  1 
ATOM   1638 C  CG  . LYS A 1 213 ? 23.268  1.752   -1.057  1.00 29.44 ? 213 LYS A CG  1 
ATOM   1639 C  CD  . LYS A 1 213 ? 24.506  2.347   -0.470  1.00 29.13 ? 213 LYS A CD  1 
ATOM   1640 C  CE  . LYS A 1 213 ? 24.205  3.719   0.086   1.00 27.75 ? 213 LYS A CE  1 
ATOM   1641 N  NZ  . LYS A 1 213 ? 25.356  4.312   0.857   1.00 27.47 ? 213 LYS A NZ  1 
ATOM   1642 N  N   . GLU A 1 214 ? 23.205  -2.284  -3.156  1.00 29.57 ? 214 GLU A N   1 
ATOM   1643 C  CA  . GLU A 1 214 ? 23.786  -3.375  -3.939  1.00 32.19 ? 214 GLU A CA  1 
ATOM   1644 C  C   . GLU A 1 214 ? 23.023  -3.564  -5.240  1.00 33.18 ? 214 GLU A C   1 
ATOM   1645 O  O   . GLU A 1 214 ? 23.598  -3.555  -6.334  1.00 35.06 ? 214 GLU A O   1 
ATOM   1646 C  CB  . GLU A 1 214 ? 23.786  -4.688  -3.146  1.00 32.99 ? 214 GLU A CB  1 
ATOM   1647 C  CG  . GLU A 1 214 ? 24.790  -4.744  -2.009  1.00 33.02 ? 214 GLU A CG  1 
ATOM   1648 C  CD  . GLU A 1 214 ? 24.736  -6.062  -1.232  1.00 34.08 ? 214 GLU A CD  1 
ATOM   1649 O  OE1 . GLU A 1 214 ? 23.995  -6.985  -1.658  1.00 35.40 ? 214 GLU A OE1 1 
ATOM   1650 O  OE2 . GLU A 1 214 ? 25.436  -6.183  -0.191  1.00 33.71 ? 214 GLU A OE2 1 
ATOM   1651 N  N   . VAL A 1 215 ? 21.713  -3.730  -5.101  1.00 21.68 ? 215 VAL A N   1 
ATOM   1652 C  CA  . VAL A 1 215 ? 20.817  -3.876  -6.238  1.00 22.37 ? 215 VAL A CA  1 
ATOM   1653 C  C   . VAL A 1 215 ? 20.963  -2.744  -7.233  1.00 22.48 ? 215 VAL A C   1 
ATOM   1654 O  O   . VAL A 1 215 ? 21.161  -2.983  -8.422  1.00 24.36 ? 215 VAL A O   1 
ATOM   1655 C  CB  . VAL A 1 215 ? 19.350  -3.904  -5.791  1.00 20.61 ? 215 VAL A CB  1 
ATOM   1656 C  CG1 . VAL A 1 215 ? 18.448  -3.587  -6.969  1.00 20.93 ? 215 VAL A CG1 1 
ATOM   1657 C  CG2 . VAL A 1 215 ? 19.003  -5.257  -5.160  1.00 21.07 ? 215 VAL A CG2 1 
ATOM   1658 N  N   . TRP A 1 216 ? 20.851  -1.513  -6.744  1.00 27.65 ? 216 TRP A N   1 
ATOM   1659 C  CA  . TRP A 1 216 ? 20.898  -0.337  -7.605  1.00 27.64 ? 216 TRP A CA  1 
ATOM   1660 C  C   . TRP A 1 216 ? 22.169  -0.350  -8.458  1.00 29.77 ? 216 TRP A C   1 
ATOM   1661 O  O   . TRP A 1 216 ? 22.125  -0.102  -9.659  1.00 31.14 ? 216 TRP A O   1 
ATOM   1662 C  CB  . TRP A 1 216 ? 20.759  0.959   -6.777  1.00 25.60 ? 216 TRP A CB  1 
ATOM   1663 C  CG  . TRP A 1 216 ? 20.892  2.204   -7.581  1.00 25.54 ? 216 TRP A CG  1 
ATOM   1664 C  CD1 . TRP A 1 216 ? 22.027  2.913   -7.785  1.00 25.94 ? 216 TRP A CD1 1 
ATOM   1665 C  CD2 . TRP A 1 216 ? 19.855  2.890   -8.302  1.00 25.08 ? 216 TRP A CD2 1 
ATOM   1666 N  NE1 . TRP A 1 216 ? 21.772  4.003   -8.595  1.00 25.76 ? 216 TRP A NE1 1 
ATOM   1667 C  CE2 . TRP A 1 216 ? 20.444  4.007   -8.922  1.00 25.26 ? 216 TRP A CE2 1 
ATOM   1668 C  CE3 . TRP A 1 216 ? 18.485  2.663   -8.488  1.00 24.57 ? 216 TRP A CE3 1 
ATOM   1669 C  CZ2 . TRP A 1 216 ? 19.715  4.895   -9.710  1.00 24.98 ? 216 TRP A CZ2 1 
ATOM   1670 C  CZ3 . TRP A 1 216 ? 17.762  3.551   -9.284  1.00 24.29 ? 216 TRP A CZ3 1 
ATOM   1671 C  CH2 . TRP A 1 216 ? 18.380  4.646   -9.879  1.00 24.53 ? 216 TRP A CH2 1 
ATOM   1672 N  N   . LEU A 1 217 ? 23.293  -0.667  -7.827  1.00 21.49 ? 217 LEU A N   1 
ATOM   1673 C  CA  . LEU A 1 217 ? 24.566  -0.821  -8.526  1.00 23.66 ? 217 LEU A CA  1 
ATOM   1674 C  C   . LEU A 1 217 ? 24.582  -2.025  -9.458  1.00 26.15 ? 217 LEU A C   1 
ATOM   1675 O  O   . LEU A 1 217 ? 25.094  -1.940  -10.557 1.00 27.81 ? 217 LEU A O   1 
ATOM   1676 C  CB  . LEU A 1 217 ? 25.714  -0.961  -7.529  1.00 23.71 ? 217 LEU A CB  1 
ATOM   1677 C  CG  . LEU A 1 217 ? 25.997  0.224   -6.623  1.00 21.55 ? 217 LEU A CG  1 
ATOM   1678 C  CD1 . LEU A 1 217 ? 27.015  -0.156  -5.557  1.00 22.06 ? 217 LEU A CD1 1 
ATOM   1679 C  CD2 . LEU A 1 217 ? 26.459  1.423   -7.447  1.00 21.24 ? 217 LEU A CD2 1 
ATOM   1680 N  N   . GLN A 1 218 ? 24.055  -3.159  -9.016  1.00 45.65 ? 218 GLN A N   1 
ATOM   1681 C  CA  . GLN A 1 218 ? 23.991  -4.318  -9.896  1.00 48.21 ? 218 GLN A CA  1 
ATOM   1682 C  C   . GLN A 1 218 ? 23.259  -3.945  -11.185 1.00 48.50 ? 218 GLN A C   1 
ATOM   1683 O  O   . GLN A 1 218 ? 23.673  -4.324  -12.278 1.00 50.82 ? 218 GLN A O   1 
ATOM   1684 C  CB  . GLN A 1 218 ? 23.328  -5.509  -9.191  1.00 48.30 ? 218 GLN A CB  1 
ATOM   1685 C  CG  . GLN A 1 218 ? 24.321  -6.402  -8.439  1.00 49.68 ? 218 GLN A CG  1 
ATOM   1686 C  CD  . GLN A 1 218 ? 23.707  -7.165  -7.255  1.00 48.47 ? 218 GLN A CD  1 
ATOM   1687 O  OE1 . GLN A 1 218 ? 22.491  -7.397  -7.191  1.00 47.53 ? 218 GLN A OE1 1 
ATOM   1688 N  NE2 . GLN A 1 218 ? 24.563  -7.558  -6.311  1.00 48.56 ? 218 GLN A NE2 1 
ATOM   1689 N  N   . LYS A 1 219 ? 22.193  -3.164  -11.055 1.00 73.70 ? 219 LYS A N   1 
ATOM   1690 C  CA  . LYS A 1 219 ? 21.364  -2.805  -12.202 1.00 73.76 ? 219 LYS A CA  1 
ATOM   1691 C  C   . LYS A 1 219 ? 22.038  -1.783  -13.101 1.00 73.99 ? 219 LYS A C   1 
ATOM   1692 O  O   . LYS A 1 219 ? 21.449  -1.310  -14.072 1.00 73.22 ? 219 LYS A O   1 
ATOM   1693 C  CB  . LYS A 1 219 ? 20.013  -2.270  -11.731 1.00 71.33 ? 219 LYS A CB  1 
ATOM   1694 C  CG  . LYS A 1 219 ? 19.270  -3.214  -10.794 1.00 71.66 ? 219 LYS A CG  1 
ATOM   1695 C  CD  . LYS A 1 219 ? 19.190  -4.622  -11.372 1.00 72.90 ? 219 LYS A CD  1 
ATOM   1696 C  CE  . LYS A 1 219 ? 17.981  -5.381  -10.843 1.00 73.78 ? 219 LYS A CE  1 
ATOM   1697 N  NZ  . LYS A 1 219 ? 17.585  -6.528  -11.720 1.00 75.73 ? 219 LYS A NZ  1 
ATOM   1698 N  N   . GLN A 1 220 ? 23.276  -1.445  -12.764 1.00 64.54 ? 220 GLN A N   1 
ATOM   1699 C  CA  . GLN A 1 220 ? 24.026  -0.457  -13.518 1.00 64.64 ? 220 GLN A CA  1 
ATOM   1700 C  C   . GLN A 1 220 ? 25.459  -0.930  -13.741 1.00 67.19 ? 220 GLN A C   1 
ATOM   1701 O  O   . GLN A 1 220 ? 26.173  -0.395  -14.591 1.00 67.11 ? 220 GLN A O   1 
ATOM   1702 C  CB  . GLN A 1 220 ? 24.016  0.886   -12.786 1.00 62.22 ? 220 GLN A CB  1 
ATOM   1703 C  CG  . GLN A 1 220 ? 22.617  1.395   -12.456 1.00 59.97 ? 220 GLN A CG  1 
ATOM   1704 C  CD  . GLN A 1 220 ? 22.617  2.844   -11.997 1.00 58.40 ? 220 GLN A CD  1 
ATOM   1705 O  OE1 . GLN A 1 220 ? 23.606  3.330   -11.441 1.00 58.52 ? 220 GLN A OE1 1 
ATOM   1706 N  NE2 . GLN A 1 220 ? 21.508  3.543   -12.231 1.00 57.02 ? 220 GLN A NE2 1 
HETATM 1707 MG MG  . MG  B 2 .   ? 1.064   -2.207  -2.044  1.00 40.18 ? 222 MG  A MG  1 
HETATM 1708 O  O   . HOH C 3 .   ? -1.973  1.495   0.438   1.00 37.34 ? 223 HOH A O   1 
HETATM 1709 O  O   . HOH C 3 .   ? 7.300   4.730   15.078  1.00 36.20 ? 224 HOH A O   1 
HETATM 1710 O  O   . HOH C 3 .   ? 3.252   -12.725 -2.299  1.00 22.51 ? 225 HOH A O   1 
HETATM 1711 O  O   . HOH C 3 .   ? -5.149  11.078  6.355   1.00 22.04 ? 226 HOH A O   1 
HETATM 1712 O  O   . HOH C 3 .   ? -1.759  1.950   -3.425  1.00 29.55 ? 227 HOH A O   1 
HETATM 1713 O  O   . HOH C 3 .   ? 23.227  -6.712  1.704   1.00 29.45 ? 228 HOH A O   1 
HETATM 1714 O  O   . HOH C 3 .   ? 16.210  -2.044  7.801   1.00 22.10 ? 229 HOH A O   1 
HETATM 1715 O  O   . HOH C 3 .   ? 13.564  5.812   16.316  1.00 22.90 ? 230 HOH A O   1 
HETATM 1716 O  O   . HOH C 3 .   ? -21.356 -1.849  10.868  1.00 35.89 ? 231 HOH A O   1 
HETATM 1717 O  O   . HOH C 3 .   ? -32.260 -11.062 -2.208  1.00 24.51 ? 232 HOH A O   1 
HETATM 1718 O  O   . HOH C 3 .   ? 14.837  -5.105  -9.941  1.00 22.60 ? 233 HOH A O   1 
HETATM 1719 O  O   . HOH C 3 .   ? 7.922   10.875  13.579  1.00 28.57 ? 234 HOH A O   1 
HETATM 1720 O  O   . HOH C 3 .   ? 3.602   16.234  0.635   1.00 24.60 ? 235 HOH A O   1 
HETATM 1721 O  O   . HOH C 3 .   ? 15.160  12.239  3.624   1.00 23.40 ? 236 HOH A O   1 
HETATM 1722 O  O   . HOH C 3 .   ? 15.674  9.061   14.103  1.00 36.29 ? 237 HOH A O   1 
HETATM 1723 O  O   . HOH C 3 .   ? -12.256 0.471   -3.848  1.00 45.41 ? 238 HOH A O   1 
HETATM 1724 O  O   . HOH C 3 .   ? -27.147 6.064   -0.774  1.00 38.52 ? 239 HOH A O   1 
HETATM 1725 O  O   . HOH C 3 .   ? 13.117  -0.949  11.491  1.00 38.52 ? 240 HOH A O   1 
HETATM 1726 O  O   . HOH C 3 .   ? 1.416   0.201   -16.387 1.00 38.52 ? 241 HOH A O   1 
HETATM 1727 O  O   . HOH C 3 .   ? 16.925  14.207  3.869   1.00 38.52 ? 242 HOH A O   1 
HETATM 1728 O  O   . HOH C 3 .   ? 10.095  -1.416  11.511  1.00 38.52 ? 243 HOH A O   1 
HETATM 1729 O  O   . HOH C 3 .   ? -24.685 -16.352 -4.754  1.00 38.52 ? 244 HOH A O   1 
HETATM 1730 O  O   . HOH C 3 .   ? 13.469  13.509  6.224   1.00 38.52 ? 245 HOH A O   1 
HETATM 1731 O  O   . HOH C 3 .   ? 9.751   -13.617 5.597   1.00 38.52 ? 246 HOH A O   1 
HETATM 1732 O  O   . HOH C 3 .   ? 21.271  -6.184  4.320   1.00 38.52 ? 247 HOH A O   1 
HETATM 1733 O  O   . HOH C 3 .   ? -11.358 -5.140  1.374   1.00 38.52 ? 248 HOH A O   1 
HETATM 1734 O  O   . HOH C 3 .   ? 23.622  10.481  -6.631  1.00 38.52 ? 249 HOH A O   1 
HETATM 1735 O  O   . HOH C 3 .   ? 7.295   -2.067  14.359  1.00 38.52 ? 250 HOH A O   1 
HETATM 1736 O  O   . HOH C 3 .   ? 18.639  -7.790  2.723   1.00 38.52 ? 251 HOH A O   1 
HETATM 1737 O  O   . HOH C 3 .   ? 14.708  1.751   14.327  1.00 38.52 ? 252 HOH A O   1 
HETATM 1738 O  O   . HOH C 3 .   ? -11.068 6.052   3.361   1.00 38.52 ? 253 HOH A O   1 
HETATM 1739 O  O   . HOH C 3 .   ? 1.579   12.261  8.446   1.00 38.52 ? 254 HOH A O   1 
HETATM 1740 O  O   . HOH C 3 .   ? -30.688 -17.234 -1.034  1.00 38.52 ? 255 HOH A O   1 
HETATM 1741 O  O   . HOH C 3 .   ? -28.484 -18.652 -0.418  1.00 38.67 ? 256 HOH A O   1 
HETATM 1742 O  O   . HOH C 3 .   ? 17.643  9.906   10.817  1.00 38.67 ? 257 HOH A O   1 
HETATM 1743 O  O   . HOH C 3 .   ? -25.541 -4.870  -7.163  1.00 38.67 ? 258 HOH A O   1 
HETATM 1744 O  O   . HOH C 3 .   ? -11.462 -5.557  -7.270  1.00 38.67 ? 259 HOH A O   1 
HETATM 1745 O  O   . HOH C 3 .   ? 18.947  -0.066  6.509   1.00 38.67 ? 260 HOH A O   1 
HETATM 1746 O  O   . HOH C 3 .   ? -29.291 9.539   -0.813  1.00 38.67 ? 261 HOH A O   1 
HETATM 1747 O  O   . HOH C 3 .   ? 13.621  -0.721  14.505  1.00 38.67 ? 262 HOH A O   1 
HETATM 1748 O  O   . HOH C 3 .   ? -18.777 -14.881 -2.442  1.00 38.67 ? 263 HOH A O   1 
HETATM 1749 O  O   . HOH C 3 .   ? 24.891  6.717   1.797   1.00 38.67 ? 264 HOH A O   1 
HETATM 1750 O  O   . HOH C 3 .   ? -32.116 -15.092 -1.273  1.00 38.67 ? 265 HOH A O   1 
HETATM 1751 O  O   . HOH C 3 .   ? 12.718  9.303   -15.180 1.00 37.36 ? 266 HOH A O   1 
HETATM 1752 O  O   . HOH C 3 .   ? -25.962 -12.500 -4.604  1.00 37.36 ? 267 HOH A O   1 
HETATM 1753 O  O   . HOH C 3 .   ? -26.016 -15.710 5.723   1.00 37.36 ? 268 HOH A O   1 
HETATM 1754 O  O   . HOH C 3 .   ? 1.310   -4.379  10.270  1.00 37.36 ? 269 HOH A O   1 
HETATM 1755 O  O   . HOH C 3 .   ? 10.293  -14.511 -2.073  1.00 37.36 ? 270 HOH A O   1 
HETATM 1756 O  O   . HOH C 3 .   ? 11.323  -13.329 9.175   1.00 37.36 ? 271 HOH A O   1 
HETATM 1757 O  O   . HOH C 3 .   ? 4.258   -5.187  13.881  1.00 37.36 ? 272 HOH A O   1 
HETATM 1758 O  O   . HOH C 3 .   ? 23.374  -7.698  -4.020  1.00 37.36 ? 273 HOH A O   1 
HETATM 1759 O  O   . HOH C 3 .   ? -24.711 1.782   -6.957  1.00 37.36 ? 274 HOH A O   1 
HETATM 1760 O  O   . HOH C 3 .   ? -1.222  5.553   -11.146 1.00 35.29 ? 275 HOH A O   1 
HETATM 1761 O  O   . HOH C 3 .   ? 11.957  7.567   -17.255 1.00 35.29 ? 276 HOH A O   1 
HETATM 1762 O  O   . HOH C 3 .   ? 24.454  -3.568  6.933   1.00 35.29 ? 277 HOH A O   1 
HETATM 1763 O  O   . HOH C 3 .   ? 18.515  9.868   -14.240 1.00 35.29 ? 278 HOH A O   1 
HETATM 1764 O  O   . HOH C 3 .   ? -0.499  15.380  -0.354  1.00 35.29 ? 279 HOH A O   1 
HETATM 1765 O  O   . HOH C 3 .   ? 12.538  -4.817  12.218  1.00 33.74 ? 280 HOH A O   1 
HETATM 1766 O  O   . HOH C 3 .   ? -3.537  -9.757  8.764   1.00 33.74 ? 281 HOH A O   1 
HETATM 1767 O  O   . HOH C 3 .   ? -26.095 -18.123 4.449   1.00 33.74 ? 282 HOH A O   1 
HETATM 1768 O  O   . HOH C 3 .   ? -15.571 0.250   -8.056  1.00 33.74 ? 283 HOH A O   1 
HETATM 1769 O  O   . HOH C 3 .   ? -26.419 9.591   -0.846  1.00 33.74 ? 284 HOH A O   1 
# 
loop_
_pdbx_poly_seq_scheme.asym_id 
_pdbx_poly_seq_scheme.entity_id 
_pdbx_poly_seq_scheme.seq_id 
_pdbx_poly_seq_scheme.mon_id 
_pdbx_poly_seq_scheme.ndb_seq_num 
_pdbx_poly_seq_scheme.pdb_seq_num 
_pdbx_poly_seq_scheme.auth_seq_num 
_pdbx_poly_seq_scheme.pdb_mon_id 
_pdbx_poly_seq_scheme.auth_mon_id 
_pdbx_poly_seq_scheme.pdb_strand_id 
_pdbx_poly_seq_scheme.pdb_ins_code 
_pdbx_poly_seq_scheme.hetero 
A 1 1   MET 1   1   1   MET MET A . n 
A 1 2   PHE 2   2   2   PHE PHE A . n 
A 1 3   LYS 3   3   3   LYS LYS A . n 
A 1 4   ALA 4   4   4   ALA ALA A . n 
A 1 5   VAL 5   5   5   VAL VAL A . n 
A 1 6   LEU 6   6   6   LEU LEU A . n 
A 1 7   PHE 7   7   7   PHE PHE A . n 
A 1 8   ASP 8   8   8   ASP ASP A . n 
A 1 9   LEU 9   9   9   LEU LEU A . n 
A 1 10  ASP 10  10  10  ASP ASP A . n 
A 1 11  GLY 11  11  11  GLY GLY A . n 
A 1 12  VAL 12  12  12  VAL VAL A . n 
A 1 13  ILE 13  13  13  ILE ILE A . n 
A 1 14  THR 14  14  14  THR THR A . n 
A 1 15  ASP 15  15  15  ASP ASP A . n 
A 1 16  PRO 16  16  16  PRO PRO A . n 
A 1 17  ALA 17  17  17  ALA ALA A . n 
A 1 18  GLU 18  18  18  GLU GLU A . n 
A 1 19  TYR 19  19  19  TYR TYR A . n 
A 1 20  HIS 20  20  20  HIS HIS A . n 
A 1 21  PHE 21  21  21  PHE PHE A . n 
A 1 22  ARG 22  22  22  ARG ARG A . n 
A 1 23  ALA 23  23  23  ALA ALA A . n 
A 1 24  TRP 24  24  24  TRP TRP A . n 
A 1 25  LYS 25  25  25  LYS LYS A . n 
A 1 26  ALA 26  26  26  ALA ALA A . n 
A 1 27  LEU 27  27  27  LEU LEU A . n 
A 1 28  ALA 28  28  28  ALA ALA A . n 
A 1 29  GLU 29  29  29  GLU GLU A . n 
A 1 30  GLU 30  30  30  GLU GLU A . n 
A 1 31  ILE 31  31  31  ILE ILE A . n 
A 1 32  GLY 32  32  32  GLY GLY A . n 
A 1 33  ILE 33  33  33  ILE ILE A . n 
A 1 34  ASN 34  34  34  ASN ASN A . n 
A 1 35  GLY 35  35  35  GLY GLY A . n 
A 1 36  VAL 36  36  36  VAL VAL A . n 
A 1 37  ASP 37  37  37  ASP ASP A . n 
A 1 38  ARG 38  38  38  ARG ARG A . n 
A 1 39  GLN 39  39  39  GLN GLN A . n 
A 1 40  PHE 40  40  40  PHE PHE A . n 
A 1 41  ASN 41  41  41  ASN ASN A . n 
A 1 42  GLU 42  42  42  GLU GLU A . n 
A 1 43  GLN 43  43  43  GLN GLN A . n 
A 1 44  LEU 44  44  44  LEU LEU A . n 
A 1 45  LYS 45  45  45  LYS LYS A . n 
A 1 46  GLY 46  46  46  GLY GLY A . n 
A 1 47  VAL 47  47  47  VAL VAL A . n 
A 1 48  SER 48  48  48  SER SER A . n 
A 1 49  ARG 49  49  49  ARG ARG A . n 
A 1 50  GLU 50  50  50  GLU GLU A . n 
A 1 51  ASP 51  51  51  ASP ASP A . n 
A 1 52  SER 52  52  52  SER SER A . n 
A 1 53  LEU 53  53  53  LEU LEU A . n 
A 1 54  GLN 54  54  54  GLN GLN A . n 
A 1 55  LYS 55  55  55  LYS LYS A . n 
A 1 56  ILE 56  56  56  ILE ILE A . n 
A 1 57  LEU 57  57  57  LEU LEU A . n 
A 1 58  ASP 58  58  58  ASP ASP A . n 
A 1 59  LEU 59  59  59  LEU LEU A . n 
A 1 60  ALA 60  60  60  ALA ALA A . n 
A 1 61  ASP 61  61  61  ASP ASP A . n 
A 1 62  LYS 62  62  62  LYS LYS A . n 
A 1 63  LYS 63  63  63  LYS LYS A . n 
A 1 64  VAL 64  64  64  VAL VAL A . n 
A 1 65  SER 65  65  65  SER SER A . n 
A 1 66  ALA 66  66  66  ALA ALA A . n 
A 1 67  GLU 67  67  67  GLU GLU A . n 
A 1 68  GLU 68  68  68  GLU GLU A . n 
A 1 69  PHE 69  69  69  PHE PHE A . n 
A 1 70  LYS 70  70  70  LYS LYS A . n 
A 1 71  GLU 71  71  71  GLU GLU A . n 
A 1 72  LEU 72  72  72  LEU LEU A . n 
A 1 73  ALA 73  73  73  ALA ALA A . n 
A 1 74  LYS 74  74  74  LYS LYS A . n 
A 1 75  ARG 75  75  75  ARG ARG A . n 
A 1 76  LYS 76  76  76  LYS LYS A . n 
A 1 77  ASN 77  77  77  ASN ASN A . n 
A 1 78  ASP 78  78  78  ASP ASP A . n 
A 1 79  ASN 79  79  79  ASN ASN A . n 
A 1 80  TYR 80  80  80  TYR TYR A . n 
A 1 81  VAL 81  81  81  VAL VAL A . n 
A 1 82  LYS 82  82  82  LYS LYS A . n 
A 1 83  MET 83  83  83  MET MET A . n 
A 1 84  ILE 84  84  84  ILE ILE A . n 
A 1 85  GLN 85  85  85  GLN GLN A . n 
A 1 86  ASP 86  86  86  ASP ASP A . n 
A 1 87  VAL 87  87  87  VAL VAL A . n 
A 1 88  SER 88  88  88  SER SER A . n 
A 1 89  PRO 89  89  89  PRO PRO A . n 
A 1 90  ALA 90  90  90  ALA ALA A . n 
A 1 91  ASP 91  91  91  ASP ASP A . n 
A 1 92  VAL 92  92  92  VAL VAL A . n 
A 1 93  TYR 93  93  93  TYR TYR A . n 
A 1 94  PRO 94  94  94  PRO PRO A . n 
A 1 95  GLY 95  95  95  GLY GLY A . n 
A 1 96  ILE 96  96  96  ILE ILE A . n 
A 1 97  LEU 97  97  97  LEU LEU A . n 
A 1 98  GLN 98  98  98  GLN GLN A . n 
A 1 99  LEU 99  99  99  LEU LEU A . n 
A 1 100 LEU 100 100 100 LEU LEU A . n 
A 1 101 LYS 101 101 101 LYS LYS A . n 
A 1 102 ASP 102 102 102 ASP ASP A . n 
A 1 103 LEU 103 103 103 LEU LEU A . n 
A 1 104 ARG 104 104 104 ARG ARG A . n 
A 1 105 SER 105 105 105 SER SER A . n 
A 1 106 ASN 106 106 106 ASN ASN A . n 
A 1 107 LYS 107 107 107 LYS LYS A . n 
A 1 108 ILE 108 108 108 ILE ILE A . n 
A 1 109 LYS 109 109 109 LYS LYS A . n 
A 1 110 ILE 110 110 110 ILE ILE A . n 
A 1 111 ALA 111 111 111 ALA ALA A . n 
A 1 112 LEU 112 112 112 LEU LEU A . n 
A 1 113 ALA 113 113 113 ALA ALA A . n 
A 1 114 SER 114 114 114 SER SER A . n 
A 1 115 ALA 115 115 115 ALA ALA A . n 
A 1 116 SER 116 116 116 SER SER A . n 
A 1 117 LYS 117 117 117 LYS LYS A . n 
A 1 118 ASN 118 118 118 ASN ASN A . n 
A 1 119 GLY 119 119 119 GLY GLY A . n 
A 1 120 PRO 120 120 120 PRO PRO A . n 
A 1 121 PHE 121 121 121 PHE PHE A . n 
A 1 122 LEU 122 122 122 LEU LEU A . n 
A 1 123 LEU 123 123 123 LEU LEU A . n 
A 1 124 GLU 124 124 124 GLU GLU A . n 
A 1 125 ARG 125 125 125 ARG ARG A . n 
A 1 126 MET 126 126 126 MET MET A . n 
A 1 127 ASN 127 127 127 ASN ASN A . n 
A 1 128 LEU 128 128 128 LEU LEU A . n 
A 1 129 THR 129 129 129 THR THR A . n 
A 1 130 GLY 130 130 130 GLY GLY A . n 
A 1 131 TYR 131 131 131 TYR TYR A . n 
A 1 132 PHE 132 132 132 PHE PHE A . n 
A 1 133 ASP 133 133 133 ASP ASP A . n 
A 1 134 ALA 134 134 134 ALA ALA A . n 
A 1 135 ILE 135 135 135 ILE ILE A . n 
A 1 136 ALA 136 136 136 ALA ALA A . n 
A 1 137 ASP 137 137 137 ASP ASP A . n 
A 1 138 PRO 138 138 138 PRO PRO A . n 
A 1 139 ALA 139 139 139 ALA ALA A . n 
A 1 140 GLU 140 140 140 GLU GLU A . n 
A 1 141 VAL 141 141 141 VAL VAL A . n 
A 1 142 ALA 142 142 142 ALA ALA A . n 
A 1 143 ALA 143 143 143 ALA ALA A . n 
A 1 144 SER 144 144 144 SER SER A . n 
A 1 145 LYS 145 145 145 LYS LYS A . n 
A 1 146 PRO 146 146 146 PRO PRO A . n 
A 1 147 ALA 147 147 147 ALA ALA A . n 
A 1 148 PRO 148 148 148 PRO PRO A . n 
A 1 149 ASP 149 149 149 ASP ASP A . n 
A 1 150 ILE 150 150 150 ILE ILE A . n 
A 1 151 PHE 151 151 151 PHE PHE A . n 
A 1 152 ILE 152 152 152 ILE ILE A . n 
A 1 153 ALA 153 153 153 ALA ALA A . n 
A 1 154 ALA 154 154 154 ALA ALA A . n 
A 1 155 ALA 155 155 155 ALA ALA A . n 
A 1 156 HIS 156 156 156 HIS HIS A . n 
A 1 157 ALA 157 157 157 ALA ALA A . n 
A 1 158 VAL 158 158 158 VAL VAL A . n 
A 1 159 GLY 159 159 159 GLY GLY A . n 
A 1 160 VAL 160 160 160 VAL VAL A . n 
A 1 161 ALA 161 161 161 ALA ALA A . n 
A 1 162 PRO 162 162 162 PRO PRO A . n 
A 1 163 SER 163 163 163 SER SER A . n 
A 1 164 GLU 164 164 164 GLU GLU A . n 
A 1 165 SER 165 165 165 SER SER A . n 
A 1 166 ILE 166 166 166 ILE ILE A . n 
A 1 167 GLY 167 167 167 GLY GLY A . n 
A 1 168 LEU 168 168 168 LEU LEU A . n 
A 1 169 GLU 169 169 169 GLU GLU A . n 
A 1 170 ASP 170 170 170 ASP ASP A . n 
A 1 171 SER 171 171 171 SER SER A . n 
A 1 172 GLN 172 172 172 GLN GLN A . n 
A 1 173 ALA 173 173 173 ALA ALA A . n 
A 1 174 GLY 174 174 174 GLY GLY A . n 
A 1 175 ILE 175 175 175 ILE ILE A . n 
A 1 176 GLN 176 176 176 GLN GLN A . n 
A 1 177 ALA 177 177 177 ALA ALA A . n 
A 1 178 ILE 178 178 178 ILE ILE A . n 
A 1 179 LYS 179 179 179 LYS LYS A . n 
A 1 180 ASP 180 180 180 ASP ASP A . n 
A 1 181 SER 181 181 181 SER SER A . n 
A 1 182 GLY 182 182 182 GLY GLY A . n 
A 1 183 ALA 183 183 183 ALA ALA A . n 
A 1 184 LEU 184 184 184 LEU LEU A . n 
A 1 185 PRO 185 185 185 PRO PRO A . n 
A 1 186 ILE 186 186 186 ILE ILE A . n 
A 1 187 GLY 187 187 187 GLY GLY A . n 
A 1 188 VAL 188 188 188 VAL VAL A . n 
A 1 189 GLY 189 189 189 GLY GLY A . n 
A 1 190 ARG 190 190 190 ARG ARG A . n 
A 1 191 PRO 191 191 191 PRO PRO A . n 
A 1 192 GLU 192 192 192 GLU GLU A . n 
A 1 193 ASP 193 193 193 ASP ASP A . n 
A 1 194 LEU 194 194 194 LEU LEU A . n 
A 1 195 GLY 195 195 195 GLY GLY A . n 
A 1 196 ASP 196 196 196 ASP ASP A . n 
A 1 197 ASP 197 197 197 ASP ASP A . n 
A 1 198 ILE 198 198 198 ILE ILE A . n 
A 1 199 VAL 199 199 199 VAL VAL A . n 
A 1 200 ILE 200 200 200 ILE ILE A . n 
A 1 201 VAL 201 201 201 VAL VAL A . n 
A 1 202 PRO 202 202 202 PRO PRO A . n 
A 1 203 ASP 203 203 203 ASP ASP A . n 
A 1 204 THR 204 204 204 THR THR A . n 
A 1 205 SER 205 205 205 SER SER A . n 
A 1 206 HIS 206 206 206 HIS HIS A . n 
A 1 207 TYR 207 207 207 TYR TYR A . n 
A 1 208 THR 208 208 208 THR THR A . n 
A 1 209 LEU 209 209 209 LEU LEU A . n 
A 1 210 GLU 210 210 210 GLU GLU A . n 
A 1 211 PHE 211 211 211 PHE PHE A . n 
A 1 212 LEU 212 212 212 LEU LEU A . n 
A 1 213 LYS 213 213 213 LYS LYS A . n 
A 1 214 GLU 214 214 214 GLU GLU A . n 
A 1 215 VAL 215 215 215 VAL VAL A . n 
A 1 216 TRP 216 216 216 TRP TRP A . n 
A 1 217 LEU 217 217 217 LEU LEU A . n 
A 1 218 GLN 218 218 218 GLN GLN A . n 
A 1 219 LYS 219 219 219 LYS LYS A . n 
A 1 220 GLN 220 220 220 GLN GLN A . n 
A 1 221 LYS 221 221 ?   ?   ?   A . n 
# 
loop_
_pdbx_nonpoly_scheme.asym_id 
_pdbx_nonpoly_scheme.entity_id 
_pdbx_nonpoly_scheme.mon_id 
_pdbx_nonpoly_scheme.ndb_seq_num 
_pdbx_nonpoly_scheme.pdb_seq_num 
_pdbx_nonpoly_scheme.auth_seq_num 
_pdbx_nonpoly_scheme.pdb_mon_id 
_pdbx_nonpoly_scheme.auth_mon_id 
_pdbx_nonpoly_scheme.pdb_strand_id 
_pdbx_nonpoly_scheme.pdb_ins_code 
B 2 MG  1  222 1  MG  MG  A . 
C 3 HOH 1  223 1  HOH HOH A . 
C 3 HOH 2  224 2  HOH HOH A . 
C 3 HOH 3  225 3  HOH HOH A . 
C 3 HOH 4  226 4  HOH HOH A . 
C 3 HOH 5  227 5  HOH HOH A . 
C 3 HOH 6  228 6  HOH HOH A . 
C 3 HOH 7  229 7  HOH HOH A . 
C 3 HOH 8  230 8  HOH HOH A . 
C 3 HOH 9  231 9  HOH HOH A . 
C 3 HOH 10 232 10 HOH HOH A . 
C 3 HOH 11 233 11 HOH HOH A . 
C 3 HOH 12 234 12 HOH HOH A . 
C 3 HOH 13 235 13 HOH HOH A . 
C 3 HOH 14 236 14 HOH HOH A . 
C 3 HOH 15 237 15 HOH HOH A . 
C 3 HOH 16 238 16 HOH HOH A . 
C 3 HOH 17 239 17 HOH HOH A . 
C 3 HOH 18 240 18 HOH HOH A . 
C 3 HOH 19 241 19 HOH HOH A . 
C 3 HOH 20 242 20 HOH HOH A . 
C 3 HOH 21 243 21 HOH HOH A . 
C 3 HOH 22 244 22 HOH HOH A . 
C 3 HOH 23 245 23 HOH HOH A . 
C 3 HOH 24 246 24 HOH HOH A . 
C 3 HOH 25 247 25 HOH HOH A . 
C 3 HOH 26 248 26 HOH HOH A . 
C 3 HOH 27 249 27 HOH HOH A . 
C 3 HOH 28 250 28 HOH HOH A . 
C 3 HOH 29 251 29 HOH HOH A . 
C 3 HOH 30 252 30 HOH HOH A . 
C 3 HOH 31 253 31 HOH HOH A . 
C 3 HOH 32 254 32 HOH HOH A . 
C 3 HOH 33 255 33 HOH HOH A . 
C 3 HOH 34 256 34 HOH HOH A . 
C 3 HOH 35 257 35 HOH HOH A . 
C 3 HOH 36 258 36 HOH HOH A . 
C 3 HOH 37 259 37 HOH HOH A . 
C 3 HOH 38 260 38 HOH HOH A . 
C 3 HOH 39 261 39 HOH HOH A . 
C 3 HOH 40 262 40 HOH HOH A . 
C 3 HOH 41 263 41 HOH HOH A . 
C 3 HOH 42 264 42 HOH HOH A . 
C 3 HOH 43 265 43 HOH HOH A . 
C 3 HOH 44 266 44 HOH HOH A . 
C 3 HOH 45 267 45 HOH HOH A . 
C 3 HOH 46 268 46 HOH HOH A . 
C 3 HOH 47 269 47 HOH HOH A . 
C 3 HOH 48 270 48 HOH HOH A . 
C 3 HOH 49 271 49 HOH HOH A . 
C 3 HOH 50 272 50 HOH HOH A . 
C 3 HOH 51 273 51 HOH HOH A . 
C 3 HOH 52 274 52 HOH HOH A . 
C 3 HOH 53 275 53 HOH HOH A . 
C 3 HOH 54 276 54 HOH HOH A . 
C 3 HOH 55 277 55 HOH HOH A . 
C 3 HOH 56 278 56 HOH HOH A . 
C 3 HOH 57 279 57 HOH HOH A . 
C 3 HOH 58 280 58 HOH HOH A . 
C 3 HOH 59 281 59 HOH HOH A . 
C 3 HOH 60 282 60 HOH HOH A . 
C 3 HOH 61 283 61 HOH HOH A . 
C 3 HOH 62 284 62 HOH HOH A . 
# 
_pdbx_struct_assembly.id                   1 
_pdbx_struct_assembly.details              author_and_software_defined_assembly 
_pdbx_struct_assembly.method_details       PISA 
_pdbx_struct_assembly.oligomeric_details   monomeric 
_pdbx_struct_assembly.oligomeric_count     1 
# 
_pdbx_struct_assembly_gen.assembly_id       1 
_pdbx_struct_assembly_gen.oper_expression   1 
_pdbx_struct_assembly_gen.asym_id_list      A,B,C 
# 
_pdbx_struct_oper_list.id                   1 
_pdbx_struct_oper_list.type                 'identity operation' 
_pdbx_struct_oper_list.name                 1_555 
_pdbx_struct_oper_list.symmetry_operation   x,y,z 
_pdbx_struct_oper_list.matrix[1][1]         1.0000000000 
_pdbx_struct_oper_list.matrix[1][2]         0.0000000000 
_pdbx_struct_oper_list.matrix[1][3]         0.0000000000 
_pdbx_struct_oper_list.vector[1]            0.0000000000 
_pdbx_struct_oper_list.matrix[2][1]         0.0000000000 
_pdbx_struct_oper_list.matrix[2][2]         1.0000000000 
_pdbx_struct_oper_list.matrix[2][3]         0.0000000000 
_pdbx_struct_oper_list.vector[2]            0.0000000000 
_pdbx_struct_oper_list.matrix[3][1]         0.0000000000 
_pdbx_struct_oper_list.matrix[3][2]         0.0000000000 
_pdbx_struct_oper_list.matrix[3][3]         1.0000000000 
_pdbx_struct_oper_list.vector[3]            0.0000000000 
# 
loop_
_pdbx_audit_revision_history.ordinal 
_pdbx_audit_revision_history.data_content_type 
_pdbx_audit_revision_history.major_revision 
_pdbx_audit_revision_history.minor_revision 
_pdbx_audit_revision_history.revision_date 
1 'Structure model' 1 0 2009-06-09 
2 'Structure model' 1 1 2011-07-13 
3 'Structure model' 1 2 2021-10-20 
4 'Structure model' 1 3 2023-09-06 
# 
_pdbx_audit_revision_details.ordinal             1 
_pdbx_audit_revision_details.revision_ordinal    1 
_pdbx_audit_revision_details.data_content_type   'Structure model' 
_pdbx_audit_revision_details.provider            repository 
_pdbx_audit_revision_details.type                'Initial release' 
_pdbx_audit_revision_details.description         ? 
_pdbx_audit_revision_details.details             ? 
# 
loop_
_pdbx_audit_revision_group.ordinal 
_pdbx_audit_revision_group.revision_ordinal 
_pdbx_audit_revision_group.data_content_type 
_pdbx_audit_revision_group.group 
1 2 'Structure model' 'Version format compliance' 
2 3 'Structure model' 'Database references'       
3 3 'Structure model' 'Derived calculations'      
4 4 'Structure model' 'Data collection'           
5 4 'Structure model' 'Refinement description'    
# 
loop_
_pdbx_audit_revision_category.ordinal 
_pdbx_audit_revision_category.revision_ordinal 
_pdbx_audit_revision_category.data_content_type 
_pdbx_audit_revision_category.category 
1 3 'Structure model' database_2                    
2 3 'Structure model' struct_ref_seq_dif            
3 3 'Structure model' struct_site                   
4 4 'Structure model' chem_comp_atom                
5 4 'Structure model' chem_comp_bond                
6 4 'Structure model' pdbx_initial_refinement_model 
# 
loop_
_pdbx_audit_revision_item.ordinal 
_pdbx_audit_revision_item.revision_ordinal 
_pdbx_audit_revision_item.data_content_type 
_pdbx_audit_revision_item.item 
1 3 'Structure model' '_database_2.pdbx_DOI'                
2 3 'Structure model' '_database_2.pdbx_database_accession' 
3 3 'Structure model' '_struct_ref_seq_dif.details'         
4 3 'Structure model' '_struct_site.pdbx_auth_asym_id'      
5 3 'Structure model' '_struct_site.pdbx_auth_comp_id'      
6 3 'Structure model' '_struct_site.pdbx_auth_seq_id'       
# 
_pdbx_phasing_MR.entry_id                     3FM9 
_pdbx_phasing_MR.method_rotation              ? 
_pdbx_phasing_MR.method_translation           ? 
_pdbx_phasing_MR.model_details                'Phaser MODE: MR_AUTO' 
_pdbx_phasing_MR.R_factor                     ? 
_pdbx_phasing_MR.R_rigid_body                 ? 
_pdbx_phasing_MR.correlation_coeff_Fo_to_Fc   ? 
_pdbx_phasing_MR.correlation_coeff_Io_to_Ic   ? 
_pdbx_phasing_MR.d_res_high_rotation          2.700 
_pdbx_phasing_MR.d_res_low_rotation           39.600 
_pdbx_phasing_MR.d_res_high_translation       2.700 
_pdbx_phasing_MR.d_res_low_translation        39.600 
_pdbx_phasing_MR.packing                      ? 
_pdbx_phasing_MR.reflns_percent_rotation      ? 
_pdbx_phasing_MR.reflns_percent_translation   ? 
_pdbx_phasing_MR.sigma_F_rotation             ? 
_pdbx_phasing_MR.sigma_F_translation          ? 
_pdbx_phasing_MR.sigma_I_rotation             ? 
_pdbx_phasing_MR.sigma_I_translation          ? 
# 
_phasing.method   MR 
# 
loop_
_software.name 
_software.version 
_software.date 
_software.type 
_software.contact_author 
_software.contact_author_email 
_software.classification 
_software.location 
_software.language 
_software.citation_id 
_software.pdbx_ordinal 
DENZO       .     ?              package 'Zbyszek Otwinowski' zbyszek@mix.swmed.edu       'data reduction'  
http://www.lnls.br/infra/linhasluz/denzo-hkl.htm ?   ? 1 
SCALEPACK   .     ?              package 'Zbyszek Otwinowski' zbyszek@mix.swmed.edu       'data scaling'    
http://www.lnls.br/infra/linhasluz/denzo-hkl.htm ?   ? 2 
PHASER      .     ?              other   'R. J. Read'         cimr-phaser@lists.cam.ac.uk phasing           
http://www-structmed.cimr.cam.ac.uk/phaser/      ?   ? 3 
PHENIX      .     ?              package 'P.D. Adams'         PDAdams@lbl.gov             refinement        
http://www.phenix-online.org/                    C++ ? 4 
PDB_EXTRACT 3.000 'July 2, 2007' package PDB                  sw-help@rcsb.rutgers.edu    'data extraction' 
http://pdb.rutgers.edu/software/                 C++ ? 5 
CBASS       .     ?              ?       ?                    ?                           'data collection' ? ?   ? 6 
# 
loop_
_pdbx_validate_torsion.id 
_pdbx_validate_torsion.PDB_model_num 
_pdbx_validate_torsion.auth_comp_id 
_pdbx_validate_torsion.auth_asym_id 
_pdbx_validate_torsion.auth_seq_id 
_pdbx_validate_torsion.PDB_ins_code 
_pdbx_validate_torsion.label_alt_id 
_pdbx_validate_torsion.phi 
_pdbx_validate_torsion.psi 
1 1 PHE A 2  ? ? -44.65 153.45 
2 1 LEU A 9  ? ? -79.23 -77.91 
3 1 GLN A 43 ? ? -86.27 31.44  
# 
_pdbx_unobs_or_zero_occ_residues.id               1 
_pdbx_unobs_or_zero_occ_residues.PDB_model_num    1 
_pdbx_unobs_or_zero_occ_residues.polymer_flag     Y 
_pdbx_unobs_or_zero_occ_residues.occupancy_flag   1 
_pdbx_unobs_or_zero_occ_residues.auth_asym_id     A 
_pdbx_unobs_or_zero_occ_residues.auth_comp_id     LYS 
_pdbx_unobs_or_zero_occ_residues.auth_seq_id      221 
_pdbx_unobs_or_zero_occ_residues.PDB_ins_code     ? 
_pdbx_unobs_or_zero_occ_residues.label_asym_id    A 
_pdbx_unobs_or_zero_occ_residues.label_comp_id    LYS 
_pdbx_unobs_or_zero_occ_residues.label_seq_id     221 
# 
loop_
_chem_comp_atom.comp_id 
_chem_comp_atom.atom_id 
_chem_comp_atom.type_symbol 
_chem_comp_atom.pdbx_aromatic_flag 
_chem_comp_atom.pdbx_stereo_config 
_chem_comp_atom.pdbx_ordinal 
ALA N    N  N N 1   
ALA CA   C  N S 2   
ALA C    C  N N 3   
ALA O    O  N N 4   
ALA CB   C  N N 5   
ALA OXT  O  N N 6   
ALA H    H  N N 7   
ALA H2   H  N N 8   
ALA HA   H  N N 9   
ALA HB1  H  N N 10  
ALA HB2  H  N N 11  
ALA HB3  H  N N 12  
ALA HXT  H  N N 13  
ARG N    N  N N 14  
ARG CA   C  N S 15  
ARG C    C  N N 16  
ARG O    O  N N 17  
ARG CB   C  N N 18  
ARG CG   C  N N 19  
ARG CD   C  N N 20  
ARG NE   N  N N 21  
ARG CZ   C  N N 22  
ARG NH1  N  N N 23  
ARG NH2  N  N N 24  
ARG OXT  O  N N 25  
ARG H    H  N N 26  
ARG H2   H  N N 27  
ARG HA   H  N N 28  
ARG HB2  H  N N 29  
ARG HB3  H  N N 30  
ARG HG2  H  N N 31  
ARG HG3  H  N N 32  
ARG HD2  H  N N 33  
ARG HD3  H  N N 34  
ARG HE   H  N N 35  
ARG HH11 H  N N 36  
ARG HH12 H  N N 37  
ARG HH21 H  N N 38  
ARG HH22 H  N N 39  
ARG HXT  H  N N 40  
ASN N    N  N N 41  
ASN CA   C  N S 42  
ASN C    C  N N 43  
ASN O    O  N N 44  
ASN CB   C  N N 45  
ASN CG   C  N N 46  
ASN OD1  O  N N 47  
ASN ND2  N  N N 48  
ASN OXT  O  N N 49  
ASN H    H  N N 50  
ASN H2   H  N N 51  
ASN HA   H  N N 52  
ASN HB2  H  N N 53  
ASN HB3  H  N N 54  
ASN HD21 H  N N 55  
ASN HD22 H  N N 56  
ASN HXT  H  N N 57  
ASP N    N  N N 58  
ASP CA   C  N S 59  
ASP C    C  N N 60  
ASP O    O  N N 61  
ASP CB   C  N N 62  
ASP CG   C  N N 63  
ASP OD1  O  N N 64  
ASP OD2  O  N N 65  
ASP OXT  O  N N 66  
ASP H    H  N N 67  
ASP H2   H  N N 68  
ASP HA   H  N N 69  
ASP HB2  H  N N 70  
ASP HB3  H  N N 71  
ASP HD2  H  N N 72  
ASP HXT  H  N N 73  
GLN N    N  N N 74  
GLN CA   C  N S 75  
GLN C    C  N N 76  
GLN O    O  N N 77  
GLN CB   C  N N 78  
GLN CG   C  N N 79  
GLN CD   C  N N 80  
GLN OE1  O  N N 81  
GLN NE2  N  N N 82  
GLN OXT  O  N N 83  
GLN H    H  N N 84  
GLN H2   H  N N 85  
GLN HA   H  N N 86  
GLN HB2  H  N N 87  
GLN HB3  H  N N 88  
GLN HG2  H  N N 89  
GLN HG3  H  N N 90  
GLN HE21 H  N N 91  
GLN HE22 H  N N 92  
GLN HXT  H  N N 93  
GLU N    N  N N 94  
GLU CA   C  N S 95  
GLU C    C  N N 96  
GLU O    O  N N 97  
GLU CB   C  N N 98  
GLU CG   C  N N 99  
GLU CD   C  N N 100 
GLU OE1  O  N N 101 
GLU OE2  O  N N 102 
GLU OXT  O  N N 103 
GLU H    H  N N 104 
GLU H2   H  N N 105 
GLU HA   H  N N 106 
GLU HB2  H  N N 107 
GLU HB3  H  N N 108 
GLU HG2  H  N N 109 
GLU HG3  H  N N 110 
GLU HE2  H  N N 111 
GLU HXT  H  N N 112 
GLY N    N  N N 113 
GLY CA   C  N N 114 
GLY C    C  N N 115 
GLY O    O  N N 116 
GLY OXT  O  N N 117 
GLY H    H  N N 118 
GLY H2   H  N N 119 
GLY HA2  H  N N 120 
GLY HA3  H  N N 121 
GLY HXT  H  N N 122 
HIS N    N  N N 123 
HIS CA   C  N S 124 
HIS C    C  N N 125 
HIS O    O  N N 126 
HIS CB   C  N N 127 
HIS CG   C  Y N 128 
HIS ND1  N  Y N 129 
HIS CD2  C  Y N 130 
HIS CE1  C  Y N 131 
HIS NE2  N  Y N 132 
HIS OXT  O  N N 133 
HIS H    H  N N 134 
HIS H2   H  N N 135 
HIS HA   H  N N 136 
HIS HB2  H  N N 137 
HIS HB3  H  N N 138 
HIS HD1  H  N N 139 
HIS HD2  H  N N 140 
HIS HE1  H  N N 141 
HIS HE2  H  N N 142 
HIS HXT  H  N N 143 
HOH O    O  N N 144 
HOH H1   H  N N 145 
HOH H2   H  N N 146 
ILE N    N  N N 147 
ILE CA   C  N S 148 
ILE C    C  N N 149 
ILE O    O  N N 150 
ILE CB   C  N S 151 
ILE CG1  C  N N 152 
ILE CG2  C  N N 153 
ILE CD1  C  N N 154 
ILE OXT  O  N N 155 
ILE H    H  N N 156 
ILE H2   H  N N 157 
ILE HA   H  N N 158 
ILE HB   H  N N 159 
ILE HG12 H  N N 160 
ILE HG13 H  N N 161 
ILE HG21 H  N N 162 
ILE HG22 H  N N 163 
ILE HG23 H  N N 164 
ILE HD11 H  N N 165 
ILE HD12 H  N N 166 
ILE HD13 H  N N 167 
ILE HXT  H  N N 168 
LEU N    N  N N 169 
LEU CA   C  N S 170 
LEU C    C  N N 171 
LEU O    O  N N 172 
LEU CB   C  N N 173 
LEU CG   C  N N 174 
LEU CD1  C  N N 175 
LEU CD2  C  N N 176 
LEU OXT  O  N N 177 
LEU H    H  N N 178 
LEU H2   H  N N 179 
LEU HA   H  N N 180 
LEU HB2  H  N N 181 
LEU HB3  H  N N 182 
LEU HG   H  N N 183 
LEU HD11 H  N N 184 
LEU HD12 H  N N 185 
LEU HD13 H  N N 186 
LEU HD21 H  N N 187 
LEU HD22 H  N N 188 
LEU HD23 H  N N 189 
LEU HXT  H  N N 190 
LYS N    N  N N 191 
LYS CA   C  N S 192 
LYS C    C  N N 193 
LYS O    O  N N 194 
LYS CB   C  N N 195 
LYS CG   C  N N 196 
LYS CD   C  N N 197 
LYS CE   C  N N 198 
LYS NZ   N  N N 199 
LYS OXT  O  N N 200 
LYS H    H  N N 201 
LYS H2   H  N N 202 
LYS HA   H  N N 203 
LYS HB2  H  N N 204 
LYS HB3  H  N N 205 
LYS HG2  H  N N 206 
LYS HG3  H  N N 207 
LYS HD2  H  N N 208 
LYS HD3  H  N N 209 
LYS HE2  H  N N 210 
LYS HE3  H  N N 211 
LYS HZ1  H  N N 212 
LYS HZ2  H  N N 213 
LYS HZ3  H  N N 214 
LYS HXT  H  N N 215 
MET N    N  N N 216 
MET CA   C  N S 217 
MET C    C  N N 218 
MET O    O  N N 219 
MET CB   C  N N 220 
MET CG   C  N N 221 
MET SD   S  N N 222 
MET CE   C  N N 223 
MET OXT  O  N N 224 
MET H    H  N N 225 
MET H2   H  N N 226 
MET HA   H  N N 227 
MET HB2  H  N N 228 
MET HB3  H  N N 229 
MET HG2  H  N N 230 
MET HG3  H  N N 231 
MET HE1  H  N N 232 
MET HE2  H  N N 233 
MET HE3  H  N N 234 
MET HXT  H  N N 235 
MG  MG   MG N N 236 
PHE N    N  N N 237 
PHE CA   C  N S 238 
PHE C    C  N N 239 
PHE O    O  N N 240 
PHE CB   C  N N 241 
PHE CG   C  Y N 242 
PHE CD1  C  Y N 243 
PHE CD2  C  Y N 244 
PHE CE1  C  Y N 245 
PHE CE2  C  Y N 246 
PHE CZ   C  Y N 247 
PHE OXT  O  N N 248 
PHE H    H  N N 249 
PHE H2   H  N N 250 
PHE HA   H  N N 251 
PHE HB2  H  N N 252 
PHE HB3  H  N N 253 
PHE HD1  H  N N 254 
PHE HD2  H  N N 255 
PHE HE1  H  N N 256 
PHE HE2  H  N N 257 
PHE HZ   H  N N 258 
PHE HXT  H  N N 259 
PRO N    N  N N 260 
PRO CA   C  N S 261 
PRO C    C  N N 262 
PRO O    O  N N 263 
PRO CB   C  N N 264 
PRO CG   C  N N 265 
PRO CD   C  N N 266 
PRO OXT  O  N N 267 
PRO H    H  N N 268 
PRO HA   H  N N 269 
PRO HB2  H  N N 270 
PRO HB3  H  N N 271 
PRO HG2  H  N N 272 
PRO HG3  H  N N 273 
PRO HD2  H  N N 274 
PRO HD3  H  N N 275 
PRO HXT  H  N N 276 
SER N    N  N N 277 
SER CA   C  N S 278 
SER C    C  N N 279 
SER O    O  N N 280 
SER CB   C  N N 281 
SER OG   O  N N 282 
SER OXT  O  N N 283 
SER H    H  N N 284 
SER H2   H  N N 285 
SER HA   H  N N 286 
SER HB2  H  N N 287 
SER HB3  H  N N 288 
SER HG   H  N N 289 
SER HXT  H  N N 290 
THR N    N  N N 291 
THR CA   C  N S 292 
THR C    C  N N 293 
THR O    O  N N 294 
THR CB   C  N R 295 
THR OG1  O  N N 296 
THR CG2  C  N N 297 
THR OXT  O  N N 298 
THR H    H  N N 299 
THR H2   H  N N 300 
THR HA   H  N N 301 
THR HB   H  N N 302 
THR HG1  H  N N 303 
THR HG21 H  N N 304 
THR HG22 H  N N 305 
THR HG23 H  N N 306 
THR HXT  H  N N 307 
TRP N    N  N N 308 
TRP CA   C  N S 309 
TRP C    C  N N 310 
TRP O    O  N N 311 
TRP CB   C  N N 312 
TRP CG   C  Y N 313 
TRP CD1  C  Y N 314 
TRP CD2  C  Y N 315 
TRP NE1  N  Y N 316 
TRP CE2  C  Y N 317 
TRP CE3  C  Y N 318 
TRP CZ2  C  Y N 319 
TRP CZ3  C  Y N 320 
TRP CH2  C  Y N 321 
TRP OXT  O  N N 322 
TRP H    H  N N 323 
TRP H2   H  N N 324 
TRP HA   H  N N 325 
TRP HB2  H  N N 326 
TRP HB3  H  N N 327 
TRP HD1  H  N N 328 
TRP HE1  H  N N 329 
TRP HE3  H  N N 330 
TRP HZ2  H  N N 331 
TRP HZ3  H  N N 332 
TRP HH2  H  N N 333 
TRP HXT  H  N N 334 
TYR N    N  N N 335 
TYR CA   C  N S 336 
TYR C    C  N N 337 
TYR O    O  N N 338 
TYR CB   C  N N 339 
TYR CG   C  Y N 340 
TYR CD1  C  Y N 341 
TYR CD2  C  Y N 342 
TYR CE1  C  Y N 343 
TYR CE2  C  Y N 344 
TYR CZ   C  Y N 345 
TYR OH   O  N N 346 
TYR OXT  O  N N 347 
TYR H    H  N N 348 
TYR H2   H  N N 349 
TYR HA   H  N N 350 
TYR HB2  H  N N 351 
TYR HB3  H  N N 352 
TYR HD1  H  N N 353 
TYR HD2  H  N N 354 
TYR HE1  H  N N 355 
TYR HE2  H  N N 356 
TYR HH   H  N N 357 
TYR HXT  H  N N 358 
VAL N    N  N N 359 
VAL CA   C  N S 360 
VAL C    C  N N 361 
VAL O    O  N N 362 
VAL CB   C  N N 363 
VAL CG1  C  N N 364 
VAL CG2  C  N N 365 
VAL OXT  O  N N 366 
VAL H    H  N N 367 
VAL H2   H  N N 368 
VAL HA   H  N N 369 
VAL HB   H  N N 370 
VAL HG11 H  N N 371 
VAL HG12 H  N N 372 
VAL HG13 H  N N 373 
VAL HG21 H  N N 374 
VAL HG22 H  N N 375 
VAL HG23 H  N N 376 
VAL HXT  H  N N 377 
# 
loop_
_chem_comp_bond.comp_id 
_chem_comp_bond.atom_id_1 
_chem_comp_bond.atom_id_2 
_chem_comp_bond.value_order 
_chem_comp_bond.pdbx_aromatic_flag 
_chem_comp_bond.pdbx_stereo_config 
_chem_comp_bond.pdbx_ordinal 
ALA N   CA   sing N N 1   
ALA N   H    sing N N 2   
ALA N   H2   sing N N 3   
ALA CA  C    sing N N 4   
ALA CA  CB   sing N N 5   
ALA CA  HA   sing N N 6   
ALA C   O    doub N N 7   
ALA C   OXT  sing N N 8   
ALA CB  HB1  sing N N 9   
ALA CB  HB2  sing N N 10  
ALA CB  HB3  sing N N 11  
ALA OXT HXT  sing N N 12  
ARG N   CA   sing N N 13  
ARG N   H    sing N N 14  
ARG N   H2   sing N N 15  
ARG CA  C    sing N N 16  
ARG CA  CB   sing N N 17  
ARG CA  HA   sing N N 18  
ARG C   O    doub N N 19  
ARG C   OXT  sing N N 20  
ARG CB  CG   sing N N 21  
ARG CB  HB2  sing N N 22  
ARG CB  HB3  sing N N 23  
ARG CG  CD   sing N N 24  
ARG CG  HG2  sing N N 25  
ARG CG  HG3  sing N N 26  
ARG CD  NE   sing N N 27  
ARG CD  HD2  sing N N 28  
ARG CD  HD3  sing N N 29  
ARG NE  CZ   sing N N 30  
ARG NE  HE   sing N N 31  
ARG CZ  NH1  sing N N 32  
ARG CZ  NH2  doub N N 33  
ARG NH1 HH11 sing N N 34  
ARG NH1 HH12 sing N N 35  
ARG NH2 HH21 sing N N 36  
ARG NH2 HH22 sing N N 37  
ARG OXT HXT  sing N N 38  
ASN N   CA   sing N N 39  
ASN N   H    sing N N 40  
ASN N   H2   sing N N 41  
ASN CA  C    sing N N 42  
ASN CA  CB   sing N N 43  
ASN CA  HA   sing N N 44  
ASN C   O    doub N N 45  
ASN C   OXT  sing N N 46  
ASN CB  CG   sing N N 47  
ASN CB  HB2  sing N N 48  
ASN CB  HB3  sing N N 49  
ASN CG  OD1  doub N N 50  
ASN CG  ND2  sing N N 51  
ASN ND2 HD21 sing N N 52  
ASN ND2 HD22 sing N N 53  
ASN OXT HXT  sing N N 54  
ASP N   CA   sing N N 55  
ASP N   H    sing N N 56  
ASP N   H2   sing N N 57  
ASP CA  C    sing N N 58  
ASP CA  CB   sing N N 59  
ASP CA  HA   sing N N 60  
ASP C   O    doub N N 61  
ASP C   OXT  sing N N 62  
ASP CB  CG   sing N N 63  
ASP CB  HB2  sing N N 64  
ASP CB  HB3  sing N N 65  
ASP CG  OD1  doub N N 66  
ASP CG  OD2  sing N N 67  
ASP OD2 HD2  sing N N 68  
ASP OXT HXT  sing N N 69  
GLN N   CA   sing N N 70  
GLN N   H    sing N N 71  
GLN N   H2   sing N N 72  
GLN CA  C    sing N N 73  
GLN CA  CB   sing N N 74  
GLN CA  HA   sing N N 75  
GLN C   O    doub N N 76  
GLN C   OXT  sing N N 77  
GLN CB  CG   sing N N 78  
GLN CB  HB2  sing N N 79  
GLN CB  HB3  sing N N 80  
GLN CG  CD   sing N N 81  
GLN CG  HG2  sing N N 82  
GLN CG  HG3  sing N N 83  
GLN CD  OE1  doub N N 84  
GLN CD  NE2  sing N N 85  
GLN NE2 HE21 sing N N 86  
GLN NE2 HE22 sing N N 87  
GLN OXT HXT  sing N N 88  
GLU N   CA   sing N N 89  
GLU N   H    sing N N 90  
GLU N   H2   sing N N 91  
GLU CA  C    sing N N 92  
GLU CA  CB   sing N N 93  
GLU CA  HA   sing N N 94  
GLU C   O    doub N N 95  
GLU C   OXT  sing N N 96  
GLU CB  CG   sing N N 97  
GLU CB  HB2  sing N N 98  
GLU CB  HB3  sing N N 99  
GLU CG  CD   sing N N 100 
GLU CG  HG2  sing N N 101 
GLU CG  HG3  sing N N 102 
GLU CD  OE1  doub N N 103 
GLU CD  OE2  sing N N 104 
GLU OE2 HE2  sing N N 105 
GLU OXT HXT  sing N N 106 
GLY N   CA   sing N N 107 
GLY N   H    sing N N 108 
GLY N   H2   sing N N 109 
GLY CA  C    sing N N 110 
GLY CA  HA2  sing N N 111 
GLY CA  HA3  sing N N 112 
GLY C   O    doub N N 113 
GLY C   OXT  sing N N 114 
GLY OXT HXT  sing N N 115 
HIS N   CA   sing N N 116 
HIS N   H    sing N N 117 
HIS N   H2   sing N N 118 
HIS CA  C    sing N N 119 
HIS CA  CB   sing N N 120 
HIS CA  HA   sing N N 121 
HIS C   O    doub N N 122 
HIS C   OXT  sing N N 123 
HIS CB  CG   sing N N 124 
HIS CB  HB2  sing N N 125 
HIS CB  HB3  sing N N 126 
HIS CG  ND1  sing Y N 127 
HIS CG  CD2  doub Y N 128 
HIS ND1 CE1  doub Y N 129 
HIS ND1 HD1  sing N N 130 
HIS CD2 NE2  sing Y N 131 
HIS CD2 HD2  sing N N 132 
HIS CE1 NE2  sing Y N 133 
HIS CE1 HE1  sing N N 134 
HIS NE2 HE2  sing N N 135 
HIS OXT HXT  sing N N 136 
HOH O   H1   sing N N 137 
HOH O   H2   sing N N 138 
ILE N   CA   sing N N 139 
ILE N   H    sing N N 140 
ILE N   H2   sing N N 141 
ILE CA  C    sing N N 142 
ILE CA  CB   sing N N 143 
ILE CA  HA   sing N N 144 
ILE C   O    doub N N 145 
ILE C   OXT  sing N N 146 
ILE CB  CG1  sing N N 147 
ILE CB  CG2  sing N N 148 
ILE CB  HB   sing N N 149 
ILE CG1 CD1  sing N N 150 
ILE CG1 HG12 sing N N 151 
ILE CG1 HG13 sing N N 152 
ILE CG2 HG21 sing N N 153 
ILE CG2 HG22 sing N N 154 
ILE CG2 HG23 sing N N 155 
ILE CD1 HD11 sing N N 156 
ILE CD1 HD12 sing N N 157 
ILE CD1 HD13 sing N N 158 
ILE OXT HXT  sing N N 159 
LEU N   CA   sing N N 160 
LEU N   H    sing N N 161 
LEU N   H2   sing N N 162 
LEU CA  C    sing N N 163 
LEU CA  CB   sing N N 164 
LEU CA  HA   sing N N 165 
LEU C   O    doub N N 166 
LEU C   OXT  sing N N 167 
LEU CB  CG   sing N N 168 
LEU CB  HB2  sing N N 169 
LEU CB  HB3  sing N N 170 
LEU CG  CD1  sing N N 171 
LEU CG  CD2  sing N N 172 
LEU CG  HG   sing N N 173 
LEU CD1 HD11 sing N N 174 
LEU CD1 HD12 sing N N 175 
LEU CD1 HD13 sing N N 176 
LEU CD2 HD21 sing N N 177 
LEU CD2 HD22 sing N N 178 
LEU CD2 HD23 sing N N 179 
LEU OXT HXT  sing N N 180 
LYS N   CA   sing N N 181 
LYS N   H    sing N N 182 
LYS N   H2   sing N N 183 
LYS CA  C    sing N N 184 
LYS CA  CB   sing N N 185 
LYS CA  HA   sing N N 186 
LYS C   O    doub N N 187 
LYS C   OXT  sing N N 188 
LYS CB  CG   sing N N 189 
LYS CB  HB2  sing N N 190 
LYS CB  HB3  sing N N 191 
LYS CG  CD   sing N N 192 
LYS CG  HG2  sing N N 193 
LYS CG  HG3  sing N N 194 
LYS CD  CE   sing N N 195 
LYS CD  HD2  sing N N 196 
LYS CD  HD3  sing N N 197 
LYS CE  NZ   sing N N 198 
LYS CE  HE2  sing N N 199 
LYS CE  HE3  sing N N 200 
LYS NZ  HZ1  sing N N 201 
LYS NZ  HZ2  sing N N 202 
LYS NZ  HZ3  sing N N 203 
LYS OXT HXT  sing N N 204 
MET N   CA   sing N N 205 
MET N   H    sing N N 206 
MET N   H2   sing N N 207 
MET CA  C    sing N N 208 
MET CA  CB   sing N N 209 
MET CA  HA   sing N N 210 
MET C   O    doub N N 211 
MET C   OXT  sing N N 212 
MET CB  CG   sing N N 213 
MET CB  HB2  sing N N 214 
MET CB  HB3  sing N N 215 
MET CG  SD   sing N N 216 
MET CG  HG2  sing N N 217 
MET CG  HG3  sing N N 218 
MET SD  CE   sing N N 219 
MET CE  HE1  sing N N 220 
MET CE  HE2  sing N N 221 
MET CE  HE3  sing N N 222 
MET OXT HXT  sing N N 223 
PHE N   CA   sing N N 224 
PHE N   H    sing N N 225 
PHE N   H2   sing N N 226 
PHE CA  C    sing N N 227 
PHE CA  CB   sing N N 228 
PHE CA  HA   sing N N 229 
PHE C   O    doub N N 230 
PHE C   OXT  sing N N 231 
PHE CB  CG   sing N N 232 
PHE CB  HB2  sing N N 233 
PHE CB  HB3  sing N N 234 
PHE CG  CD1  doub Y N 235 
PHE CG  CD2  sing Y N 236 
PHE CD1 CE1  sing Y N 237 
PHE CD1 HD1  sing N N 238 
PHE CD2 CE2  doub Y N 239 
PHE CD2 HD2  sing N N 240 
PHE CE1 CZ   doub Y N 241 
PHE CE1 HE1  sing N N 242 
PHE CE2 CZ   sing Y N 243 
PHE CE2 HE2  sing N N 244 
PHE CZ  HZ   sing N N 245 
PHE OXT HXT  sing N N 246 
PRO N   CA   sing N N 247 
PRO N   CD   sing N N 248 
PRO N   H    sing N N 249 
PRO CA  C    sing N N 250 
PRO CA  CB   sing N N 251 
PRO CA  HA   sing N N 252 
PRO C   O    doub N N 253 
PRO C   OXT  sing N N 254 
PRO CB  CG   sing N N 255 
PRO CB  HB2  sing N N 256 
PRO CB  HB3  sing N N 257 
PRO CG  CD   sing N N 258 
PRO CG  HG2  sing N N 259 
PRO CG  HG3  sing N N 260 
PRO CD  HD2  sing N N 261 
PRO CD  HD3  sing N N 262 
PRO OXT HXT  sing N N 263 
SER N   CA   sing N N 264 
SER N   H    sing N N 265 
SER N   H2   sing N N 266 
SER CA  C    sing N N 267 
SER CA  CB   sing N N 268 
SER CA  HA   sing N N 269 
SER C   O    doub N N 270 
SER C   OXT  sing N N 271 
SER CB  OG   sing N N 272 
SER CB  HB2  sing N N 273 
SER CB  HB3  sing N N 274 
SER OG  HG   sing N N 275 
SER OXT HXT  sing N N 276 
THR N   CA   sing N N 277 
THR N   H    sing N N 278 
THR N   H2   sing N N 279 
THR CA  C    sing N N 280 
THR CA  CB   sing N N 281 
THR CA  HA   sing N N 282 
THR C   O    doub N N 283 
THR C   OXT  sing N N 284 
THR CB  OG1  sing N N 285 
THR CB  CG2  sing N N 286 
THR CB  HB   sing N N 287 
THR OG1 HG1  sing N N 288 
THR CG2 HG21 sing N N 289 
THR CG2 HG22 sing N N 290 
THR CG2 HG23 sing N N 291 
THR OXT HXT  sing N N 292 
TRP N   CA   sing N N 293 
TRP N   H    sing N N 294 
TRP N   H2   sing N N 295 
TRP CA  C    sing N N 296 
TRP CA  CB   sing N N 297 
TRP CA  HA   sing N N 298 
TRP C   O    doub N N 299 
TRP C   OXT  sing N N 300 
TRP CB  CG   sing N N 301 
TRP CB  HB2  sing N N 302 
TRP CB  HB3  sing N N 303 
TRP CG  CD1  doub Y N 304 
TRP CG  CD2  sing Y N 305 
TRP CD1 NE1  sing Y N 306 
TRP CD1 HD1  sing N N 307 
TRP CD2 CE2  doub Y N 308 
TRP CD2 CE3  sing Y N 309 
TRP NE1 CE2  sing Y N 310 
TRP NE1 HE1  sing N N 311 
TRP CE2 CZ2  sing Y N 312 
TRP CE3 CZ3  doub Y N 313 
TRP CE3 HE3  sing N N 314 
TRP CZ2 CH2  doub Y N 315 
TRP CZ2 HZ2  sing N N 316 
TRP CZ3 CH2  sing Y N 317 
TRP CZ3 HZ3  sing N N 318 
TRP CH2 HH2  sing N N 319 
TRP OXT HXT  sing N N 320 
TYR N   CA   sing N N 321 
TYR N   H    sing N N 322 
TYR N   H2   sing N N 323 
TYR CA  C    sing N N 324 
TYR CA  CB   sing N N 325 
TYR CA  HA   sing N N 326 
TYR C   O    doub N N 327 
TYR C   OXT  sing N N 328 
TYR CB  CG   sing N N 329 
TYR CB  HB2  sing N N 330 
TYR CB  HB3  sing N N 331 
TYR CG  CD1  doub Y N 332 
TYR CG  CD2  sing Y N 333 
TYR CD1 CE1  sing Y N 334 
TYR CD1 HD1  sing N N 335 
TYR CD2 CE2  doub Y N 336 
TYR CD2 HD2  sing N N 337 
TYR CE1 CZ   doub Y N 338 
TYR CE1 HE1  sing N N 339 
TYR CE2 CZ   sing Y N 340 
TYR CE2 HE2  sing N N 341 
TYR CZ  OH   sing N N 342 
TYR OH  HH   sing N N 343 
TYR OXT HXT  sing N N 344 
VAL N   CA   sing N N 345 
VAL N   H    sing N N 346 
VAL N   H2   sing N N 347 
VAL CA  C    sing N N 348 
VAL CA  CB   sing N N 349 
VAL CA  HA   sing N N 350 
VAL C   O    doub N N 351 
VAL C   OXT  sing N N 352 
VAL CB  CG1  sing N N 353 
VAL CB  CG2  sing N N 354 
VAL CB  HB   sing N N 355 
VAL CG1 HG11 sing N N 356 
VAL CG1 HG12 sing N N 357 
VAL CG1 HG13 sing N N 358 
VAL CG2 HG21 sing N N 359 
VAL CG2 HG22 sing N N 360 
VAL CG2 HG23 sing N N 361 
VAL OXT HXT  sing N N 362 
# 
loop_
_pdbx_entity_nonpoly.entity_id 
_pdbx_entity_nonpoly.name 
_pdbx_entity_nonpoly.comp_id 
2 'MAGNESIUM ION' MG  
3 water           HOH 
# 
_pdbx_initial_refinement_model.id               1 
_pdbx_initial_refinement_model.entity_id_list   ? 
_pdbx_initial_refinement_model.type             'experimental model' 
_pdbx_initial_refinement_model.source_name      PDB 
_pdbx_initial_refinement_model.accession_code   1ZOL 
_pdbx_initial_refinement_model.details          'PDB ENTRY 1ZOL' 
# 
